data_2FHY
#
_entry.id   2FHY
#
_cell.length_a   83.748
_cell.length_b   109.126
_cell.length_c   190.838
_cell.angle_alpha   90.00
_cell.angle_beta   90.00
_cell.angle_gamma   90.00
#
_symmetry.space_group_name_H-M   'P 21 21 21'
#
loop_
_entity.id
_entity.type
_entity.pdbx_description
1 polymer 'Fructose-1,6-bisphosphatase 1'
2 non-polymer 'MAGNESIUM ION'
3 non-polymer 2,5-DICHLORO-N-(5-CHLORO-1,3-BENZOXAZOL-2-YL)BENZENESULFONAMIDE
#
_entity_poly.entity_id   1
_entity_poly.type   'polypeptide(L)'
_entity_poly.pdbx_seq_one_letter_code
;MRGSHHHHHHGMASMTGGQQMGRDLYDDDDKDHPFTMADQAPFDTDVNTLTRFVMEEGRKARGTGELTQLLNSLCTAVKA
ISSAVRKAGIAHLYGIAGSTNVTGDQVKKLDVLSNDLVMNMLKSSFATCVLVSEEDKHAIIVEPEKRGKYVVCFDPLDGS
SNIDCLVSVGTIFGIYRKKSTDEPSEKDALQPGRNLVAAGYALYGSATMLVLAMDCGVNCFMLDPAIGEFILVDKDVKIK
KKGKIYSLNEGYAKDFDPAVTEYIQRKKFPPDNSAPYGARYVGSMVADVHRTLVYGGIFLYPANKKSPNGKLRLLYECNP
MAYVMEKAGGMATTGKEAVLDVIPTDIHQRAPVILGSPDDVLEFLKVYEKHSAQ
;
_entity_poly.pdbx_strand_id   A,D,H,L
#
loop_
_chem_comp.id
_chem_comp.type
_chem_comp.name
_chem_comp.formula
A37 non-polymer 2,5-DICHLORO-N-(5-CHLORO-1,3-BENZOXAZOL-2-YL)BENZENESULFONAMIDE 'C13 H7 Cl3 N2 O3 S'
MG non-polymer 'MAGNESIUM ION' 'Mg 2'
#
# COMPACT_ATOMS: atom_id res chain seq x y z
N ASP A 46 18.52 -17.93 4.09
CA ASP A 46 18.31 -16.75 4.99
C ASP A 46 18.08 -15.47 4.17
N VAL A 47 16.97 -14.78 4.47
CA VAL A 47 16.52 -13.55 3.79
C VAL A 47 17.54 -12.48 3.40
N ASN A 48 17.35 -11.92 2.20
CA ASN A 48 18.23 -10.87 1.72
C ASN A 48 17.46 -9.91 0.82
N THR A 49 17.92 -8.66 0.78
CA THR A 49 17.29 -7.62 -0.02
C THR A 49 18.25 -7.01 -1.04
N LEU A 50 17.71 -6.28 -2.02
CA LEU A 50 18.53 -5.64 -3.04
C LEU A 50 19.58 -4.74 -2.41
N THR A 51 19.16 -4.01 -1.37
CA THR A 51 20.05 -3.11 -0.65
C THR A 51 21.08 -3.88 0.15
N ARG A 52 20.63 -4.74 1.04
CA ARG A 52 21.54 -5.54 1.85
C ARG A 52 22.51 -6.26 0.94
N PHE A 53 21.98 -6.82 -0.15
CA PHE A 53 22.78 -7.54 -1.12
C PHE A 53 23.80 -6.69 -1.87
N VAL A 54 23.41 -5.49 -2.27
CA VAL A 54 24.34 -4.63 -3.00
C VAL A 54 25.45 -4.09 -2.12
N MET A 55 25.12 -3.68 -0.89
CA MET A 55 26.16 -3.14 -0.01
C MET A 55 27.02 -4.23 0.60
N GLU A 56 26.67 -5.50 0.37
CA GLU A 56 27.46 -6.61 0.86
C GLU A 56 28.50 -6.92 -0.21
N GLU A 57 28.12 -6.72 -1.47
CA GLU A 57 29.02 -6.95 -2.60
C GLU A 57 30.03 -5.83 -2.64
N GLY A 58 29.53 -4.61 -2.50
CA GLY A 58 30.41 -3.46 -2.51
C GLY A 58 31.36 -3.47 -1.35
N ARG A 59 30.84 -3.80 -0.17
CA ARG A 59 31.64 -3.86 1.05
C ARG A 59 32.60 -5.04 1.02
N LYS A 60 32.26 -6.08 0.25
CA LYS A 60 33.14 -7.24 0.14
C LYS A 60 34.27 -6.97 -0.85
N ALA A 61 33.96 -6.24 -1.92
CA ALA A 61 34.95 -5.89 -2.92
C ALA A 61 35.70 -4.68 -2.41
N ARG A 62 35.53 -4.42 -1.10
CA ARG A 62 36.14 -3.30 -0.41
C ARG A 62 36.21 -2.07 -1.33
N GLY A 63 35.11 -1.82 -2.03
CA GLY A 63 35.03 -0.70 -2.96
C GLY A 63 34.76 0.64 -2.31
N THR A 64 34.53 1.65 -3.14
CA THR A 64 34.27 3.00 -2.66
C THR A 64 32.90 3.04 -2.00
N GLY A 65 31.90 2.62 -2.77
CA GLY A 65 30.53 2.65 -2.31
C GLY A 65 29.77 3.52 -3.30
N GLU A 66 30.49 4.05 -4.28
CA GLU A 66 29.85 4.91 -5.26
C GLU A 66 28.86 4.12 -6.10
N LEU A 67 29.23 2.91 -6.52
CA LEU A 67 28.31 2.09 -7.30
C LEU A 67 27.07 1.76 -6.45
N THR A 68 27.30 1.46 -5.18
CA THR A 68 26.21 1.15 -4.26
C THR A 68 25.23 2.31 -4.16
N GLN A 69 25.73 3.52 -3.91
CA GLN A 69 24.87 4.68 -3.84
C GLN A 69 24.07 4.83 -5.12
N LEU A 70 24.74 4.66 -6.27
CA LEU A 70 24.09 4.74 -7.59
C LEU A 70 22.93 3.72 -7.67
N LEU A 71 23.22 2.44 -7.44
CA LEU A 71 22.18 1.41 -7.49
C LEU A 71 21.03 1.68 -6.52
N ASN A 72 21.34 2.03 -5.27
CA ASN A 72 20.31 2.33 -4.28
C ASN A 72 19.37 3.42 -4.79
N SER A 73 19.95 4.45 -5.41
CA SER A 73 19.17 5.56 -5.93
C SER A 73 18.28 5.08 -7.07
N LEU A 74 18.80 4.18 -7.88
CA LEU A 74 18.02 3.65 -9.00
C LEU A 74 16.85 2.83 -8.41
N CYS A 75 17.13 2.10 -7.34
CA CYS A 75 16.13 1.28 -6.65
C CYS A 75 14.95 2.14 -6.12
N THR A 76 15.27 3.28 -5.51
CA THR A 76 14.23 4.16 -5.00
C THR A 76 13.38 4.62 -6.17
N ALA A 77 14.04 5.09 -7.25
CA ALA A 77 13.33 5.56 -8.45
C ALA A 77 12.34 4.51 -8.99
N VAL A 78 12.78 3.25 -9.06
CA VAL A 78 11.95 2.15 -9.53
C VAL A 78 10.69 2.00 -8.67
N LYS A 79 10.87 2.01 -7.36
CA LYS A 79 9.76 1.89 -6.42
C LYS A 79 8.75 3.00 -6.63
N ALA A 80 9.25 4.19 -6.92
CA ALA A 80 8.41 5.36 -7.16
C ALA A 80 7.70 5.18 -8.49
N ILE A 81 8.40 4.65 -9.48
CA ILE A 81 7.81 4.42 -10.79
C ILE A 81 6.77 3.30 -10.70
N SER A 82 7.12 2.21 -10.03
CA SER A 82 6.18 1.08 -9.86
C SER A 82 4.87 1.57 -9.22
N SER A 83 5.00 2.48 -8.24
CA SER A 83 3.83 3.02 -7.55
C SER A 83 2.96 3.79 -8.54
N ALA A 84 3.58 4.56 -9.43
CA ALA A 84 2.85 5.36 -10.42
C ALA A 84 2.23 4.48 -11.49
N VAL A 85 2.96 3.47 -11.93
CA VAL A 85 2.48 2.59 -12.97
C VAL A 85 1.24 1.86 -12.56
N ARG A 86 1.13 1.52 -11.26
CA ARG A 86 -0.04 0.79 -10.75
C ARG A 86 -1.21 1.69 -10.43
N LYS A 87 -1.06 2.97 -10.79
CA LYS A 87 -2.09 3.98 -10.57
C LYS A 87 -2.30 4.34 -9.08
N ALA A 88 -1.19 4.63 -8.42
CA ALA A 88 -1.13 5.03 -7.03
C ALA A 88 -2.33 5.83 -6.60
N GLY A 89 -2.32 7.14 -6.83
CA GLY A 89 -3.44 7.96 -6.41
C GLY A 89 -4.35 8.42 -7.54
N ILE A 90 -4.60 7.55 -8.50
CA ILE A 90 -5.43 7.89 -9.64
C ILE A 90 -6.82 8.48 -9.29
N ALA A 91 -7.30 8.17 -8.09
CA ALA A 91 -8.60 8.67 -7.65
C ALA A 91 -8.61 10.18 -7.56
N HIS A 92 -7.45 10.75 -7.25
CA HIS A 92 -7.32 12.19 -7.13
C HIS A 92 -7.37 12.86 -8.49
N LEU A 93 -6.83 12.21 -9.51
CA LEU A 93 -6.86 12.78 -10.86
C LEU A 93 -8.30 12.86 -11.32
N TYR A 94 -9.15 11.97 -10.80
CA TYR A 94 -10.56 11.94 -11.16
C TYR A 94 -11.49 12.67 -10.20
N GLY A 95 -10.95 13.73 -9.58
CA GLY A 95 -11.72 14.58 -8.68
C GLY A 95 -12.35 13.97 -7.45
N ILE A 96 -11.61 13.16 -6.72
CA ILE A 96 -12.13 12.55 -5.51
C ILE A 96 -12.26 13.63 -4.44
N ALA A 97 -11.46 14.68 -4.58
CA ALA A 97 -11.48 15.77 -3.63
C ALA A 97 -11.96 17.06 -4.29
N GLY A 98 -12.21 17.03 -5.59
CA GLY A 98 -12.67 18.25 -6.25
C GLY A 98 -12.22 18.54 -7.67
N SER A 99 -10.93 18.79 -7.86
CA SER A 99 -10.41 19.11 -9.19
C SER A 99 -9.56 17.99 -9.78
N LYS A 109 2.22 11.30 -19.91
CA LYS A 109 2.71 12.04 -18.76
C LYS A 109 3.37 11.12 -17.75
N LEU A 110 3.17 9.81 -17.93
CA LEU A 110 3.77 8.83 -17.04
C LEU A 110 5.15 8.52 -17.57
N ASP A 111 5.31 8.76 -18.87
CA ASP A 111 6.57 8.56 -19.56
C ASP A 111 7.55 9.59 -18.98
N VAL A 112 7.03 10.80 -18.78
CA VAL A 112 7.78 11.92 -18.23
C VAL A 112 8.16 11.75 -16.78
N LEU A 113 7.16 11.50 -15.93
CA LEU A 113 7.38 11.30 -14.50
C LEU A 113 8.49 10.30 -14.25
N SER A 114 8.46 9.18 -14.97
CA SER A 114 9.47 8.12 -14.83
C SER A 114 10.89 8.65 -15.11
N ASN A 115 11.01 9.39 -16.22
CA ASN A 115 12.27 9.95 -16.63
C ASN A 115 12.75 10.87 -15.51
N ASP A 116 11.88 11.73 -15.01
CA ASP A 116 12.24 12.65 -13.95
C ASP A 116 12.69 11.91 -12.69
N LEU A 117 11.97 10.86 -12.33
CA LEU A 117 12.34 10.09 -11.15
C LEU A 117 13.78 9.59 -11.33
N VAL A 118 14.01 8.79 -12.37
CA VAL A 118 15.33 8.26 -12.64
C VAL A 118 16.36 9.38 -12.80
N MET A 119 16.01 10.38 -13.61
CA MET A 119 16.90 11.50 -13.87
C MET A 119 17.29 12.16 -12.56
N ASN A 120 16.30 12.62 -11.81
CA ASN A 120 16.57 13.28 -10.54
C ASN A 120 17.28 12.35 -9.55
N MET A 121 16.75 11.15 -9.35
CA MET A 121 17.36 10.23 -8.41
C MET A 121 18.83 9.92 -8.70
N LEU A 122 19.21 9.91 -9.98
CA LEU A 122 20.58 9.61 -10.36
C LEU A 122 21.53 10.80 -10.21
N LYS A 123 21.04 12.00 -10.52
CA LYS A 123 21.86 13.19 -10.39
C LYS A 123 22.16 13.35 -8.91
N SER A 124 21.12 13.10 -8.12
CA SER A 124 21.17 13.20 -6.66
C SER A 124 22.08 12.19 -5.97
N SER A 125 22.46 11.12 -6.67
CA SER A 125 23.32 10.10 -6.06
C SER A 125 24.79 10.48 -5.94
N PHE A 126 25.25 11.43 -6.77
CA PHE A 126 26.64 11.89 -6.74
C PHE A 126 27.56 10.77 -7.23
N ALA A 127 27.04 9.94 -8.12
CA ALA A 127 27.82 8.82 -8.64
C ALA A 127 27.74 8.80 -10.16
N THR A 128 27.01 9.77 -10.72
CA THR A 128 26.84 9.89 -12.15
C THR A 128 27.42 11.20 -12.65
N CYS A 129 27.83 11.20 -13.92
CA CYS A 129 28.40 12.39 -14.54
C CYS A 129 27.72 12.62 -15.87
N VAL A 130 27.48 11.55 -16.62
CA VAL A 130 26.82 11.67 -17.90
C VAL A 130 25.66 10.69 -17.93
N LEU A 131 24.48 11.19 -18.28
CA LEU A 131 23.28 10.36 -18.31
C LEU A 131 22.59 10.43 -19.67
N VAL A 132 22.30 9.27 -20.25
CA VAL A 132 21.61 9.17 -21.53
C VAL A 132 20.27 8.49 -21.27
N SER A 133 19.21 9.04 -21.87
CA SER A 133 17.86 8.49 -21.67
C SER A 133 17.06 8.51 -22.96
N GLU A 134 16.27 7.48 -23.19
CA GLU A 134 15.45 7.43 -24.39
C GLU A 134 14.60 8.70 -24.48
N GLU A 135 14.33 9.32 -23.34
CA GLU A 135 13.50 10.50 -23.29
C GLU A 135 14.21 11.82 -23.52
N ASP A 136 15.53 11.82 -23.64
CA ASP A 136 16.25 13.08 -23.86
C ASP A 136 17.10 13.05 -25.13
N LYS A 137 16.80 13.97 -26.04
CA LYS A 137 17.50 14.07 -27.33
C LYS A 137 19.02 14.09 -27.18
N HIS A 138 19.50 14.69 -26.09
CA HIS A 138 20.93 14.75 -25.84
C HIS A 138 21.28 14.13 -24.51
N ALA A 139 22.55 13.77 -24.36
CA ALA A 139 23.00 13.20 -23.10
C ALA A 139 22.86 14.34 -22.11
N ILE A 140 22.74 14.00 -20.83
CA ILE A 140 22.62 15.01 -19.80
C ILE A 140 23.91 15.05 -19.02
N ILE A 141 24.49 16.23 -18.86
CA ILE A 141 25.73 16.33 -18.12
C ILE A 141 25.46 16.80 -16.70
N VAL A 142 25.70 15.90 -15.76
CA VAL A 142 25.47 16.16 -14.35
C VAL A 142 26.22 17.37 -13.90
N GLU A 143 25.60 18.17 -13.02
CA GLU A 143 26.25 19.38 -12.49
C GLU A 143 27.55 18.96 -11.79
N PRO A 144 28.59 19.81 -11.89
CA PRO A 144 29.91 19.59 -11.30
C PRO A 144 29.92 19.11 -9.84
N GLU A 145 29.12 19.73 -8.99
CA GLU A 145 29.08 19.36 -7.58
C GLU A 145 28.46 18.00 -7.37
N LYS A 146 27.64 17.56 -8.33
CA LYS A 146 26.96 16.27 -8.26
C LYS A 146 27.59 15.15 -9.11
N ARG A 147 28.81 15.38 -9.61
CA ARG A 147 29.46 14.39 -10.46
C ARG A 147 30.07 13.17 -9.79
N GLY A 148 29.87 12.03 -10.47
CA GLY A 148 30.39 10.75 -10.01
C GLY A 148 31.13 10.13 -11.19
N LYS A 149 31.78 8.99 -10.95
CA LYS A 149 32.54 8.35 -12.01
C LYS A 149 31.73 7.47 -12.96
N TYR A 150 30.42 7.39 -12.78
CA TYR A 150 29.61 6.51 -13.62
C TYR A 150 28.76 7.18 -14.68
N VAL A 151 28.63 6.52 -15.83
CA VAL A 151 27.82 6.99 -16.95
C VAL A 151 26.63 6.05 -17.02
N VAL A 152 25.40 6.57 -16.99
CA VAL A 152 24.25 5.68 -17.04
C VAL A 152 23.32 5.89 -18.22
N CYS A 153 22.91 4.78 -18.82
CA CYS A 153 21.99 4.78 -19.95
C CYS A 153 20.72 4.07 -19.49
N PHE A 154 19.58 4.67 -19.76
CA PHE A 154 18.36 4.06 -19.32
C PHE A 154 17.12 4.41 -20.13
N ASP A 155 16.12 3.55 -20.03
CA ASP A 155 14.84 3.73 -20.67
C ASP A 155 13.93 3.82 -19.44
N PRO A 156 13.56 5.04 -19.01
CA PRO A 156 12.71 5.25 -17.85
C PRO A 156 11.46 4.36 -17.83
N LEU A 157 10.81 4.25 -18.99
CA LEU A 157 9.62 3.41 -19.10
C LEU A 157 9.59 2.92 -20.53
N ASP A 158 9.52 1.60 -20.68
CA ASP A 158 9.51 0.97 -22.00
C ASP A 158 8.16 0.28 -22.17
N GLY A 159 7.62 0.38 -23.39
CA GLY A 159 6.33 -0.20 -23.72
C GLY A 159 5.25 0.74 -23.24
N SER A 160 5.67 1.96 -22.90
CA SER A 160 4.80 3.00 -22.37
C SER A 160 3.58 3.28 -23.23
N SER A 161 3.81 3.46 -24.54
CA SER A 161 2.72 3.75 -25.48
C SER A 161 1.57 2.74 -25.39
N ASN A 162 1.91 1.49 -25.05
CA ASN A 162 0.94 0.42 -24.92
C ASN A 162 0.43 0.26 -23.48
N ILE A 163 0.59 1.31 -22.66
CA ILE A 163 0.17 1.23 -21.26
C ILE A 163 -1.34 1.51 -21.08
N ASP A 164 -2.03 1.81 -22.17
CA ASP A 164 -3.47 2.08 -22.13
C ASP A 164 -4.19 0.76 -21.90
N CYS A 165 -3.59 -0.31 -22.37
CA CYS A 165 -4.14 -1.64 -22.22
C CYS A 165 -3.48 -2.37 -21.06
N LEU A 166 -2.88 -1.60 -20.15
CA LEU A 166 -2.22 -2.15 -18.96
C LEU A 166 -1.28 -3.31 -19.26
N VAL A 167 -0.47 -3.16 -20.30
CA VAL A 167 0.49 -4.20 -20.63
C VAL A 167 1.72 -3.98 -19.75
N SER A 168 2.40 -5.06 -19.41
CA SER A 168 3.59 -4.99 -18.59
C SER A 168 4.51 -3.96 -19.21
N VAL A 169 5.08 -3.07 -18.39
CA VAL A 169 6.02 -2.08 -18.88
C VAL A 169 7.25 -2.31 -18.03
N GLY A 170 8.30 -1.55 -18.28
CA GLY A 170 9.50 -1.76 -17.50
C GLY A 170 10.55 -0.70 -17.65
N THR A 171 11.53 -0.74 -16.77
CA THR A 171 12.61 0.22 -16.80
C THR A 171 13.87 -0.57 -17.10
N ILE A 172 14.63 -0.11 -18.09
CA ILE A 172 15.87 -0.78 -18.46
C ILE A 172 17.00 0.16 -18.11
N PHE A 173 18.18 -0.37 -17.83
CA PHE A 173 19.30 0.49 -17.50
C PHE A 173 20.66 -0.18 -17.68
N GLY A 174 21.63 0.66 -18.01
CA GLY A 174 22.99 0.21 -18.23
C GLY A 174 23.94 1.17 -17.55
N ILE A 175 24.94 0.62 -16.87
CA ILE A 175 25.92 1.44 -16.14
C ILE A 175 27.34 1.17 -16.58
N TYR A 176 27.98 2.20 -17.11
CA TYR A 176 29.36 2.11 -17.58
C TYR A 176 30.21 3.00 -16.67
N ARG A 177 31.50 2.78 -16.67
CA ARG A 177 32.41 3.60 -15.89
C ARG A 177 32.93 4.61 -16.92
N LYS A 178 32.93 5.89 -16.56
CA LYS A 178 33.43 6.92 -17.47
C LYS A 178 34.86 6.57 -17.84
N LYS A 179 35.21 6.73 -19.11
CA LYS A 179 36.56 6.40 -19.56
C LYS A 179 37.53 7.59 -19.67
N SER A 180 37.35 8.40 -20.72
CA SER A 180 38.22 9.55 -20.94
C SER A 180 38.19 10.54 -19.77
N THR A 181 39.34 11.11 -19.45
CA THR A 181 39.43 12.09 -18.37
C THR A 181 39.11 13.50 -18.86
N ASP A 182 38.51 13.58 -20.05
CA ASP A 182 38.12 14.86 -20.62
C ASP A 182 36.93 15.33 -19.78
N GLU A 183 36.25 16.36 -20.24
CA GLU A 183 35.07 16.86 -19.53
C GLU A 183 33.95 15.88 -19.85
N PRO A 184 33.16 15.49 -18.84
CA PRO A 184 32.09 14.56 -19.16
C PRO A 184 31.20 15.09 -20.28
N SER A 185 31.02 14.28 -21.32
CA SER A 185 30.22 14.67 -22.47
C SER A 185 29.52 13.45 -23.06
N GLU A 186 28.65 13.71 -24.04
CA GLU A 186 27.89 12.65 -24.71
C GLU A 186 28.80 11.53 -25.21
N LYS A 187 30.06 11.88 -25.52
CA LYS A 187 31.04 10.92 -25.99
C LYS A 187 31.25 9.78 -25.00
N ASP A 188 31.31 10.12 -23.70
CA ASP A 188 31.51 9.13 -22.62
C ASP A 188 30.46 8.03 -22.57
N ALA A 189 29.35 8.26 -23.24
CA ALA A 189 28.26 7.31 -23.28
C ALA A 189 28.37 6.33 -24.45
N LEU A 190 29.30 6.59 -25.35
CA LEU A 190 29.46 5.74 -26.52
C LEU A 190 30.33 4.49 -26.34
N GLN A 191 30.28 3.89 -25.16
CA GLN A 191 31.04 2.68 -24.90
C GLN A 191 30.22 1.48 -25.38
N PRO A 192 30.87 0.37 -25.74
CA PRO A 192 30.17 -0.83 -26.20
C PRO A 192 29.64 -1.62 -25.01
N GLY A 193 28.51 -2.30 -25.20
CA GLY A 193 27.91 -3.07 -24.12
C GLY A 193 28.88 -3.97 -23.38
N ARG A 194 30.03 -4.22 -24.00
CA ARG A 194 31.03 -5.06 -23.40
C ARG A 194 31.68 -4.38 -22.19
N ASN A 195 31.57 -3.05 -22.14
CA ASN A 195 32.14 -2.26 -21.04
C ASN A 195 31.22 -2.04 -19.84
N LEU A 196 30.05 -2.68 -19.85
CA LEU A 196 29.13 -2.53 -18.75
C LEU A 196 29.72 -2.99 -17.41
N VAL A 197 29.35 -2.25 -16.36
CA VAL A 197 29.79 -2.52 -14.99
C VAL A 197 28.65 -3.23 -14.29
N ALA A 198 27.44 -2.92 -14.74
CA ALA A 198 26.21 -3.52 -14.22
C ALA A 198 25.08 -3.06 -15.11
N ALA A 199 24.06 -3.90 -15.25
CA ALA A 199 22.90 -3.58 -16.06
C ALA A 199 21.73 -4.39 -15.54
N GLY A 200 20.56 -4.07 -16.04
CA GLY A 200 19.40 -4.79 -15.57
C GLY A 200 18.16 -4.03 -15.93
N TYR A 201 17.04 -4.50 -15.41
CA TYR A 201 15.77 -3.88 -15.70
C TYR A 201 14.78 -4.16 -14.59
N ALA A 202 13.72 -3.38 -14.58
CA ALA A 202 12.67 -3.55 -13.61
C ALA A 202 11.42 -3.85 -14.44
N LEU A 203 10.75 -4.94 -14.12
CA LEU A 203 9.55 -5.32 -14.83
C LEU A 203 8.31 -5.03 -13.99
N TYR A 204 7.42 -4.18 -14.50
CA TYR A 204 6.18 -3.87 -13.79
C TYR A 204 5.04 -4.72 -14.38
N GLY A 205 5.03 -6.02 -14.09
CA GLY A 205 4.01 -6.92 -14.59
C GLY A 205 2.99 -7.30 -13.54
N SER A 206 2.65 -8.57 -13.45
CA SER A 206 1.66 -9.02 -12.47
C SER A 206 2.15 -8.61 -11.08
N ALA A 207 3.46 -8.44 -10.98
CA ALA A 207 4.14 -8.04 -9.74
C ALA A 207 5.36 -7.29 -10.23
N THR A 208 6.01 -6.54 -9.34
CA THR A 208 7.19 -5.78 -9.77
C THR A 208 8.51 -6.44 -9.38
N MET A 209 9.28 -6.84 -10.39
CA MET A 209 10.55 -7.49 -10.14
C MET A 209 11.70 -6.68 -10.71
N LEU A 210 12.87 -6.81 -10.10
CA LEU A 210 14.04 -6.11 -10.57
C LEU A 210 15.13 -7.14 -10.79
N VAL A 211 15.57 -7.24 -12.04
CA VAL A 211 16.61 -8.16 -12.40
C VAL A 211 17.90 -7.37 -12.50
N LEU A 212 18.90 -7.77 -11.71
CA LEU A 212 20.19 -7.09 -11.69
C LEU A 212 21.34 -7.99 -12.10
N ALA A 213 22.04 -7.58 -13.15
CA ALA A 213 23.16 -8.36 -13.63
C ALA A 213 24.45 -7.58 -13.48
N MET A 214 25.39 -8.18 -12.80
CA MET A 214 26.71 -7.59 -12.59
C MET A 214 27.72 -8.68 -12.96
N ASP A 215 29.00 -8.34 -12.91
CA ASP A 215 30.04 -9.28 -13.25
C ASP A 215 29.83 -10.59 -12.47
N CYS A 216 29.30 -10.49 -11.25
CA CYS A 216 29.05 -11.64 -10.38
C CYS A 216 27.83 -12.49 -10.73
N GLY A 217 27.19 -12.20 -11.86
CA GLY A 217 26.03 -12.97 -12.25
C GLY A 217 24.72 -12.17 -12.26
N VAL A 218 23.60 -12.86 -12.44
CA VAL A 218 22.31 -12.19 -12.48
C VAL A 218 21.43 -12.62 -11.31
N ASN A 219 20.86 -11.65 -10.59
CA ASN A 219 19.99 -11.94 -9.47
C ASN A 219 18.64 -11.24 -9.62
N CYS A 220 17.58 -11.93 -9.19
CA CYS A 220 16.24 -11.37 -9.29
C CYS A 220 15.66 -11.04 -7.93
N PHE A 221 15.12 -9.83 -7.81
CA PHE A 221 14.50 -9.38 -6.57
C PHE A 221 13.04 -9.03 -6.78
N MET A 222 12.17 -9.58 -5.95
CA MET A 222 10.73 -9.31 -6.03
C MET A 222 10.43 -8.11 -5.15
N LEU A 223 9.54 -7.22 -5.59
CA LEU A 223 9.23 -6.06 -4.78
C LEU A 223 8.08 -6.35 -3.84
N ASP A 224 8.34 -6.31 -2.52
CA ASP A 224 7.26 -6.52 -1.57
C ASP A 224 6.68 -5.14 -1.39
N PRO A 225 5.48 -4.91 -1.95
CA PRO A 225 4.81 -3.61 -1.86
C PRO A 225 4.31 -3.26 -0.46
N ALA A 226 4.14 -4.27 0.38
CA ALA A 226 3.64 -4.09 1.73
C ALA A 226 4.67 -3.44 2.65
N ILE A 227 5.95 -3.61 2.33
CA ILE A 227 7.02 -3.05 3.16
C ILE A 227 8.02 -2.33 2.28
N GLY A 228 7.67 -2.19 1.00
CA GLY A 228 8.51 -1.49 0.03
C GLY A 228 9.96 -1.86 0.05
N GLU A 229 10.21 -3.17 -0.04
CA GLU A 229 11.54 -3.72 -0.04
C GLU A 229 11.66 -4.72 -1.20
N PHE A 230 12.84 -4.78 -1.82
CA PHE A 230 13.09 -5.72 -2.91
C PHE A 230 13.71 -6.99 -2.32
N ILE A 231 12.97 -8.09 -2.31
CA ILE A 231 13.47 -9.33 -1.73
C ILE A 231 14.11 -10.24 -2.78
N LEU A 232 15.33 -10.71 -2.50
CA LEU A 232 16.04 -11.61 -3.40
C LEU A 232 15.34 -12.96 -3.45
N VAL A 233 14.73 -13.27 -4.59
CA VAL A 233 14.00 -14.53 -4.74
C VAL A 233 14.55 -15.54 -5.75
N ASP A 234 15.58 -15.17 -6.50
CA ASP A 234 16.19 -16.05 -7.50
C ASP A 234 17.67 -15.66 -7.56
N LYS A 235 18.49 -16.38 -6.78
CA LYS A 235 19.93 -16.10 -6.71
C LYS A 235 20.71 -16.60 -7.91
N ASP A 236 21.72 -15.85 -8.33
CA ASP A 236 22.54 -16.17 -9.50
C ASP A 236 21.84 -17.02 -10.57
N VAL A 237 20.91 -16.39 -11.29
CA VAL A 237 20.13 -17.02 -12.35
C VAL A 237 20.93 -17.40 -13.59
N LYS A 238 20.45 -18.46 -14.24
CA LYS A 238 21.06 -18.98 -15.46
C LYS A 238 19.94 -19.45 -16.41
N ILE A 239 20.02 -19.08 -17.67
CA ILE A 239 19.00 -19.43 -18.65
C ILE A 239 19.11 -20.85 -19.23
N LYS A 240 17.96 -21.45 -19.61
CA LYS A 240 17.94 -22.79 -20.19
C LYS A 240 18.77 -22.84 -21.46
N LYS A 241 19.42 -23.98 -21.72
CA LYS A 241 20.25 -24.12 -22.92
C LYS A 241 19.38 -23.97 -24.16
N LYS A 242 18.26 -24.66 -24.17
CA LYS A 242 17.33 -24.58 -25.30
C LYS A 242 15.94 -24.35 -24.74
N GLY A 243 15.16 -23.51 -25.43
CA GLY A 243 13.81 -23.23 -24.96
C GLY A 243 12.76 -23.79 -25.91
N LYS A 244 11.49 -23.54 -25.63
CA LYS A 244 10.42 -24.03 -26.50
C LYS A 244 9.47 -22.90 -26.89
N ILE A 245 10.01 -21.69 -27.01
CA ILE A 245 9.20 -20.53 -27.34
C ILE A 245 9.97 -19.48 -28.14
N TYR A 246 9.37 -18.97 -29.21
CA TYR A 246 10.00 -17.93 -30.00
C TYR A 246 9.11 -16.69 -29.92
N SER A 247 9.71 -15.54 -29.66
CA SER A 247 8.96 -14.28 -29.53
C SER A 247 9.38 -13.20 -30.51
N LEU A 248 8.44 -12.75 -31.34
CA LEU A 248 8.69 -11.68 -32.30
C LEU A 248 7.38 -11.23 -32.92
N ASN A 249 7.41 -10.08 -33.58
CA ASN A 249 6.21 -9.53 -34.21
C ASN A 249 6.07 -10.09 -35.63
N GLU A 250 5.21 -11.08 -35.80
CA GLU A 250 5.04 -11.69 -37.12
C GLU A 250 4.17 -10.90 -38.10
N GLY A 251 3.84 -9.66 -37.75
CA GLY A 251 3.03 -8.85 -38.64
C GLY A 251 3.92 -8.30 -39.74
N TYR A 252 5.21 -8.23 -39.43
CA TYR A 252 6.20 -7.74 -40.36
C TYR A 252 6.80 -8.97 -41.05
N ALA A 253 5.96 -9.98 -41.25
CA ALA A 253 6.37 -11.22 -41.91
C ALA A 253 6.73 -10.89 -43.36
N LYS A 254 6.05 -9.87 -43.87
CA LYS A 254 6.22 -9.40 -45.22
C LYS A 254 7.62 -8.85 -45.47
N ASP A 255 8.23 -8.24 -44.46
CA ASP A 255 9.56 -7.64 -44.60
C ASP A 255 10.73 -8.43 -44.03
N PHE A 256 10.46 -9.63 -43.51
CA PHE A 256 11.54 -10.45 -42.95
C PHE A 256 12.59 -10.83 -43.97
N ASP A 257 13.87 -10.62 -43.64
CA ASP A 257 14.89 -11.02 -44.59
C ASP A 257 14.79 -12.54 -44.61
N PRO A 258 15.25 -13.18 -45.69
CA PRO A 258 15.20 -14.64 -45.80
C PRO A 258 15.59 -15.46 -44.56
N ALA A 259 16.72 -15.13 -43.94
CA ALA A 259 17.22 -15.85 -42.76
C ALA A 259 16.18 -15.96 -41.67
N VAL A 260 15.53 -14.85 -41.34
CA VAL A 260 14.50 -14.82 -40.32
C VAL A 260 13.30 -15.67 -40.70
N THR A 261 12.80 -15.46 -41.92
CA THR A 261 11.64 -16.22 -42.37
C THR A 261 11.92 -17.72 -42.28
N GLU A 262 13.10 -18.13 -42.73
CA GLU A 262 13.43 -19.54 -42.69
C GLU A 262 13.49 -20.05 -41.26
N TYR A 263 14.07 -19.27 -40.34
CA TYR A 263 14.17 -19.69 -38.94
C TYR A 263 12.80 -19.90 -38.33
N ILE A 264 11.93 -18.90 -38.44
CA ILE A 264 10.58 -19.00 -37.88
C ILE A 264 9.87 -20.23 -38.43
N GLN A 265 10.11 -20.52 -39.71
CA GLN A 265 9.52 -21.66 -40.37
C GLN A 265 9.94 -22.94 -39.69
N ARG A 266 11.20 -23.02 -39.30
CA ARG A 266 11.71 -24.22 -38.65
C ARG A 266 11.16 -24.40 -37.24
N LYS A 267 10.51 -23.35 -36.71
CA LYS A 267 9.94 -23.42 -35.37
C LYS A 267 8.48 -23.87 -35.43
N LYS A 268 7.73 -23.30 -36.38
CA LYS A 268 6.31 -23.65 -36.57
C LYS A 268 6.20 -25.09 -37.11
N PHE A 269 7.13 -25.43 -38.00
CA PHE A 269 7.17 -26.74 -38.63
C PHE A 269 8.56 -27.32 -38.44
N PRO A 270 8.85 -27.82 -37.24
CA PRO A 270 10.18 -28.41 -37.02
C PRO A 270 10.49 -29.46 -38.07
N PRO A 271 11.66 -29.34 -38.72
CA PRO A 271 12.12 -30.26 -39.76
C PRO A 271 12.32 -31.68 -39.24
N ASP A 272 12.88 -31.80 -38.04
CA ASP A 272 13.10 -33.12 -37.45
C ASP A 272 11.76 -33.63 -36.92
N ASN A 273 10.69 -33.15 -37.54
CA ASN A 273 9.32 -33.52 -37.18
C ASN A 273 9.13 -33.69 -35.68
N SER A 274 9.64 -32.73 -34.92
CA SER A 274 9.51 -32.73 -33.48
C SER A 274 8.31 -31.84 -33.17
N ALA A 275 8.21 -31.37 -31.92
CA ALA A 275 7.11 -30.51 -31.52
C ALA A 275 7.43 -29.06 -31.87
N PRO A 276 6.43 -28.29 -32.30
CA PRO A 276 6.68 -26.88 -32.64
C PRO A 276 6.91 -26.07 -31.39
N TYR A 277 7.42 -24.87 -31.59
CA TYR A 277 7.66 -23.96 -30.48
C TYR A 277 6.34 -23.22 -30.26
N GLY A 278 6.19 -22.55 -29.14
CA GLY A 278 4.98 -21.79 -28.90
C GLY A 278 5.28 -20.35 -29.23
N ALA A 279 4.30 -19.61 -29.71
CA ALA A 279 4.53 -18.21 -30.03
C ALA A 279 4.09 -17.34 -28.86
N ARG A 280 4.81 -16.24 -28.65
CA ARG A 280 4.52 -15.32 -27.56
C ARG A 280 5.17 -13.98 -27.88
N TYR A 281 4.38 -12.92 -27.85
CA TYR A 281 4.93 -11.60 -28.11
C TYR A 281 4.03 -10.58 -27.44
N VAL A 282 4.53 -9.98 -26.36
CA VAL A 282 3.78 -9.00 -25.60
C VAL A 282 3.90 -7.63 -26.23
N GLY A 283 5.01 -7.40 -26.93
CA GLY A 283 5.20 -6.10 -27.54
C GLY A 283 6.07 -5.24 -26.67
N SER A 284 6.02 -5.46 -25.35
CA SER A 284 6.83 -4.70 -24.42
C SER A 284 8.07 -5.52 -24.18
N MET A 285 9.19 -5.06 -24.71
CA MET A 285 10.44 -5.78 -24.58
C MET A 285 10.71 -6.35 -23.21
N VAL A 286 10.80 -5.50 -22.20
CA VAL A 286 11.09 -5.97 -20.86
C VAL A 286 10.32 -7.24 -20.52
N ALA A 287 9.02 -7.22 -20.78
CA ALA A 287 8.20 -8.39 -20.51
C ALA A 287 8.64 -9.61 -21.33
N ASP A 288 8.81 -9.44 -22.64
CA ASP A 288 9.22 -10.55 -23.52
C ASP A 288 10.60 -11.11 -23.12
N VAL A 289 11.59 -10.23 -23.05
CA VAL A 289 12.93 -10.65 -22.67
C VAL A 289 12.92 -11.39 -21.33
N HIS A 290 12.12 -10.90 -20.38
CA HIS A 290 12.05 -11.53 -19.07
C HIS A 290 11.51 -12.93 -19.16
N ARG A 291 10.45 -13.13 -19.94
CA ARG A 291 9.84 -14.46 -20.14
C ARG A 291 10.89 -15.37 -20.76
N THR A 292 11.67 -14.82 -21.69
CA THR A 292 12.71 -15.57 -22.38
C THR A 292 13.73 -16.03 -21.35
N LEU A 293 14.03 -15.17 -20.39
CA LEU A 293 15.00 -15.48 -19.34
C LEU A 293 14.50 -16.54 -18.36
N VAL A 294 13.20 -16.49 -18.06
CA VAL A 294 12.61 -17.43 -17.12
C VAL A 294 12.28 -18.79 -17.74
N TYR A 295 11.51 -18.80 -18.83
CA TYR A 295 11.12 -20.05 -19.47
C TYR A 295 12.11 -20.52 -20.52
N GLY A 296 12.99 -19.63 -20.95
CA GLY A 296 13.96 -20.00 -21.97
C GLY A 296 13.32 -19.82 -23.34
N GLY A 297 14.14 -19.74 -24.38
CA GLY A 297 13.58 -19.57 -25.69
C GLY A 297 14.36 -18.54 -26.44
N ILE A 298 13.72 -17.87 -27.39
CA ILE A 298 14.38 -16.85 -28.19
C ILE A 298 13.47 -15.66 -28.47
N PHE A 299 14.05 -14.46 -28.40
CA PHE A 299 13.31 -13.23 -28.65
C PHE A 299 13.98 -12.57 -29.85
N LEU A 300 13.18 -12.10 -30.82
CA LEU A 300 13.74 -11.47 -32.02
C LEU A 300 13.10 -10.14 -32.41
N TYR A 301 13.95 -9.20 -32.79
CA TYR A 301 13.49 -7.90 -33.26
C TYR A 301 14.56 -7.46 -34.23
N PRO A 302 14.61 -8.17 -35.37
CA PRO A 302 15.53 -8.01 -36.50
C PRO A 302 15.27 -6.82 -37.42
N ALA A 303 16.24 -6.58 -38.29
CA ALA A 303 16.17 -5.52 -39.28
C ALA A 303 15.25 -5.97 -40.40
N ASN A 304 14.73 -5.01 -41.17
CA ASN A 304 13.82 -5.35 -42.25
C ASN A 304 13.80 -4.35 -43.40
N LYS A 305 12.58 -3.93 -43.77
CA LYS A 305 12.36 -2.96 -44.83
C LYS A 305 12.59 -1.59 -44.24
N LYS A 306 12.18 -1.44 -42.98
CA LYS A 306 12.36 -0.17 -42.28
C LYS A 306 13.85 0.00 -42.01
N SER A 307 14.21 0.21 -40.75
CA SER A 307 15.61 0.39 -40.42
C SER A 307 16.34 -0.95 -40.42
N PRO A 308 17.37 -1.09 -41.27
CA PRO A 308 18.18 -2.31 -41.38
C PRO A 308 19.10 -2.44 -40.17
N ASN A 309 18.89 -1.58 -39.17
CA ASN A 309 19.67 -1.62 -37.95
C ASN A 309 18.69 -1.92 -36.81
N GLY A 310 17.53 -2.47 -37.15
CA GLY A 310 16.54 -2.80 -36.15
C GLY A 310 15.76 -1.59 -35.68
N LYS A 311 14.88 -1.77 -34.70
CA LYS A 311 14.10 -0.66 -34.19
C LYS A 311 14.51 -0.32 -32.76
N LEU A 312 14.95 -1.34 -32.02
CA LEU A 312 15.36 -1.14 -30.65
C LEU A 312 16.61 -0.26 -30.58
N ARG A 313 16.73 0.51 -29.49
CA ARG A 313 17.87 1.39 -29.28
C ARG A 313 19.00 0.56 -28.70
N LEU A 314 20.21 0.75 -29.20
CA LEU A 314 21.36 -0.01 -28.73
C LEU A 314 21.80 0.33 -27.30
N LEU A 315 22.08 1.60 -27.04
CA LEU A 315 22.57 2.05 -25.74
C LEU A 315 21.79 1.64 -24.50
N TYR A 316 20.48 1.91 -24.52
CA TYR A 316 19.64 1.65 -23.36
C TYR A 316 18.52 0.64 -23.50
N GLU A 317 18.63 -0.28 -24.44
CA GLU A 317 17.61 -1.31 -24.61
C GLU A 317 18.28 -2.63 -24.95
N CYS A 318 19.05 -2.65 -26.02
CA CYS A 318 19.73 -3.86 -26.46
C CYS A 318 20.90 -4.25 -25.57
N ASN A 319 21.79 -3.29 -25.31
CA ASN A 319 22.95 -3.54 -24.48
C ASN A 319 22.63 -4.06 -23.08
N PRO A 320 21.78 -3.35 -22.33
CA PRO A 320 21.51 -3.88 -21.00
C PRO A 320 21.00 -5.31 -21.07
N MET A 321 20.03 -5.59 -21.95
CA MET A 321 19.47 -6.93 -22.08
C MET A 321 20.49 -7.98 -22.57
N ALA A 322 21.38 -7.58 -23.47
CA ALA A 322 22.38 -8.51 -23.97
C ALA A 322 23.26 -8.91 -22.80
N TYR A 323 23.71 -7.89 -22.07
CA TYR A 323 24.56 -8.08 -20.91
C TYR A 323 23.91 -9.00 -19.90
N VAL A 324 22.62 -8.76 -19.60
CA VAL A 324 21.93 -9.62 -18.65
C VAL A 324 21.91 -11.05 -19.18
N MET A 325 21.49 -11.18 -20.44
CA MET A 325 21.42 -12.48 -21.10
C MET A 325 22.76 -13.20 -21.00
N GLU A 326 23.81 -12.57 -21.54
CA GLU A 326 25.13 -13.17 -21.49
C GLU A 326 25.57 -13.55 -20.07
N LYS A 327 25.25 -12.73 -19.08
CA LYS A 327 25.61 -13.04 -17.70
C LYS A 327 24.83 -14.24 -17.15
N ALA A 328 23.68 -14.52 -17.77
CA ALA A 328 22.85 -15.64 -17.34
C ALA A 328 23.12 -16.88 -18.18
N GLY A 329 24.08 -16.78 -19.08
CA GLY A 329 24.44 -17.91 -19.91
C GLY A 329 23.79 -17.97 -21.29
N GLY A 330 23.17 -16.87 -21.70
CA GLY A 330 22.52 -16.82 -22.99
C GLY A 330 23.38 -16.06 -23.98
N MET A 331 22.80 -15.68 -25.12
CA MET A 331 23.53 -14.96 -26.14
C MET A 331 22.73 -13.81 -26.69
N ALA A 332 23.43 -12.82 -27.22
CA ALA A 332 22.76 -11.67 -27.80
C ALA A 332 23.55 -11.19 -29.01
N THR A 333 23.07 -11.54 -30.20
CA THR A 333 23.71 -11.16 -31.46
C THR A 333 22.84 -10.18 -32.26
N THR A 334 23.47 -9.45 -33.17
CA THR A 334 22.77 -8.49 -34.03
C THR A 334 22.58 -9.15 -35.39
N GLY A 335 22.99 -10.41 -35.45
CA GLY A 335 22.93 -11.16 -36.69
C GLY A 335 24.37 -11.36 -37.15
N LYS A 336 25.09 -10.25 -37.28
CA LYS A 336 26.48 -10.27 -37.73
C LYS A 336 27.43 -10.45 -36.56
N GLU A 337 27.25 -9.65 -35.52
CA GLU A 337 28.12 -9.72 -34.33
C GLU A 337 27.34 -9.65 -33.03
N ALA A 338 28.06 -9.88 -31.93
CA ALA A 338 27.48 -9.83 -30.60
C ALA A 338 27.09 -8.39 -30.27
N VAL A 339 25.91 -8.21 -29.69
CA VAL A 339 25.42 -6.88 -29.34
C VAL A 339 26.37 -6.09 -28.46
N LEU A 340 27.01 -6.78 -27.51
CA LEU A 340 27.91 -6.09 -26.60
C LEU A 340 29.20 -5.61 -27.27
N ASP A 341 29.45 -6.07 -28.49
CA ASP A 341 30.67 -5.68 -29.23
C ASP A 341 30.44 -4.48 -30.12
N VAL A 342 29.20 -4.28 -30.55
CA VAL A 342 28.85 -3.15 -31.39
C VAL A 342 29.38 -1.88 -30.75
N ILE A 343 29.89 -0.96 -31.57
CA ILE A 343 30.39 0.29 -31.03
C ILE A 343 29.58 1.52 -31.42
N PRO A 344 28.96 2.16 -30.43
CA PRO A 344 28.11 3.34 -30.48
C PRO A 344 28.65 4.53 -31.28
N THR A 345 27.79 5.10 -32.12
CA THR A 345 28.13 6.25 -32.94
C THR A 345 27.24 7.39 -32.44
N ASP A 346 25.94 7.12 -32.38
CA ASP A 346 24.95 8.05 -31.89
C ASP A 346 24.40 7.41 -30.62
N ILE A 347 23.85 8.19 -29.69
CA ILE A 347 23.33 7.60 -28.46
C ILE A 347 21.98 6.92 -28.68
N HIS A 348 21.19 7.47 -29.60
CA HIS A 348 19.88 6.90 -29.90
C HIS A 348 19.98 5.90 -31.05
N GLN A 349 21.20 5.49 -31.34
CA GLN A 349 21.49 4.52 -32.38
C GLN A 349 20.67 3.24 -32.18
N ARG A 350 20.16 2.67 -33.27
CA ARG A 350 19.36 1.45 -33.20
C ARG A 350 20.19 0.19 -33.50
N ALA A 351 19.60 -0.97 -33.24
CA ALA A 351 20.27 -2.24 -33.47
C ALA A 351 19.29 -3.41 -33.56
N PRO A 352 19.67 -4.43 -34.34
CA PRO A 352 18.85 -5.63 -34.52
C PRO A 352 19.21 -6.50 -33.34
N VAL A 353 18.24 -7.26 -32.83
CA VAL A 353 18.52 -8.11 -31.68
C VAL A 353 17.85 -9.47 -31.77
N ILE A 354 18.61 -10.49 -31.42
CA ILE A 354 18.13 -11.87 -31.35
C ILE A 354 18.83 -12.35 -30.08
N LEU A 355 18.07 -12.71 -29.06
CA LEU A 355 18.68 -13.15 -27.82
C LEU A 355 17.91 -14.23 -27.09
N GLY A 356 18.53 -14.81 -26.07
CA GLY A 356 17.86 -15.85 -25.31
C GLY A 356 18.74 -17.06 -25.08
N SER A 357 18.13 -18.26 -25.05
CA SER A 357 18.88 -19.49 -24.84
C SER A 357 19.92 -19.68 -25.93
N PRO A 358 21.11 -20.14 -25.55
CA PRO A 358 22.25 -20.39 -26.44
C PRO A 358 21.88 -21.13 -27.72
N ASP A 359 21.55 -22.41 -27.56
CA ASP A 359 21.16 -23.28 -28.66
C ASP A 359 20.26 -22.59 -29.65
N ASP A 360 19.23 -21.94 -29.15
CA ASP A 360 18.27 -21.23 -30.00
C ASP A 360 18.91 -20.10 -30.77
N VAL A 361 19.74 -19.31 -30.10
CA VAL A 361 20.39 -18.21 -30.78
C VAL A 361 21.36 -18.76 -31.80
N LEU A 362 22.07 -19.82 -31.42
CA LEU A 362 23.03 -20.47 -32.30
C LEU A 362 22.31 -21.07 -33.49
N GLU A 363 21.23 -21.81 -33.21
CA GLU A 363 20.44 -22.44 -34.25
C GLU A 363 19.99 -21.33 -35.20
N PHE A 364 19.90 -20.10 -34.72
CA PHE A 364 19.48 -18.99 -35.57
C PHE A 364 20.63 -18.65 -36.49
N LEU A 365 21.73 -18.24 -35.87
CA LEU A 365 22.94 -17.90 -36.59
C LEU A 365 23.26 -18.97 -37.63
N LYS A 366 22.96 -20.23 -37.31
CA LYS A 366 23.18 -21.33 -38.24
C LYS A 366 22.48 -20.94 -39.53
N VAL A 367 21.18 -20.67 -39.42
CA VAL A 367 20.38 -20.26 -40.56
C VAL A 367 20.83 -18.92 -41.14
N TYR A 368 21.29 -18.01 -40.28
CA TYR A 368 21.74 -16.72 -40.73
C TYR A 368 22.90 -16.82 -41.75
N GLU A 369 23.87 -17.69 -41.46
CA GLU A 369 25.00 -17.88 -42.36
C GLU A 369 24.49 -18.44 -43.67
N LYS A 370 23.65 -19.47 -43.59
CA LYS A 370 23.08 -20.11 -44.78
C LYS A 370 22.60 -19.09 -45.81
N HIS A 371 22.44 -17.83 -45.38
CA HIS A 371 22.00 -16.76 -46.28
C HIS A 371 23.01 -15.59 -46.26
N SER A 372 24.23 -15.82 -46.25
N ASP B 46 -17.75 14.26 -13.00
CA ASP B 46 -17.77 14.11 -11.52
C ASP B 46 -17.49 12.65 -11.09
N VAL B 47 -16.47 12.47 -10.25
CA VAL B 47 -16.01 11.17 -9.75
C VAL B 47 -17.03 10.09 -9.36
N ASN B 48 -16.72 8.85 -9.74
CA ASN B 48 -17.59 7.72 -9.43
C ASN B 48 -16.76 6.45 -9.20
N THR B 49 -17.27 5.54 -8.40
CA THR B 49 -16.59 4.29 -8.10
C THR B 49 -17.44 3.08 -8.48
N LEU B 50 -16.81 1.89 -8.54
CA LEU B 50 -17.52 0.66 -8.89
C LEU B 50 -18.71 0.46 -7.95
N THR B 51 -18.49 0.72 -6.67
CA THR B 51 -19.53 0.56 -5.67
C THR B 51 -20.62 1.61 -5.85
N ARG B 52 -20.23 2.87 -5.78
CA ARG B 52 -21.20 3.95 -5.95
C ARG B 52 -21.99 3.69 -7.23
N PHE B 53 -21.27 3.35 -8.29
CA PHE B 53 -21.88 3.09 -9.59
C PHE B 53 -22.84 1.91 -9.62
N VAL B 54 -22.46 0.81 -8.98
CA VAL B 54 -23.33 -0.35 -8.96
C VAL B 54 -24.59 -0.14 -8.13
N MET B 55 -24.45 0.49 -6.98
CA MET B 55 -25.64 0.70 -6.15
C MET B 55 -26.52 1.82 -6.65
N GLU B 56 -26.05 2.54 -7.67
CA GLU B 56 -26.84 3.62 -8.26
C GLU B 56 -27.68 2.98 -9.35
N GLU B 57 -27.13 1.96 -10.00
CA GLU B 57 -27.84 1.24 -11.07
C GLU B 57 -28.93 0.38 -10.43
N GLY B 58 -28.55 -0.30 -9.36
CA GLY B 58 -29.48 -1.16 -8.66
C GLY B 58 -30.59 -0.36 -8.02
N ARG B 59 -30.21 0.73 -7.38
CA ARG B 59 -31.17 1.60 -6.73
C ARG B 59 -32.03 2.32 -7.76
N LYS B 60 -31.52 2.51 -8.98
CA LYS B 60 -32.31 3.18 -10.02
C LYS B 60 -33.30 2.20 -10.64
N ALA B 61 -32.89 0.95 -10.79
CA ALA B 61 -33.74 -0.08 -11.36
C ALA B 61 -34.63 -0.59 -10.24
N ARG B 62 -34.67 0.18 -9.15
CA ARG B 62 -35.45 -0.13 -7.97
C ARG B 62 -35.45 -1.64 -7.70
N GLY B 63 -34.27 -2.24 -7.83
CA GLY B 63 -34.13 -3.68 -7.64
C GLY B 63 -34.05 -4.11 -6.19
N THR B 64 -33.76 -5.39 -5.98
CA THR B 64 -33.65 -5.95 -4.63
C THR B 64 -32.40 -5.42 -3.96
N GLY B 65 -31.28 -5.66 -4.61
CA GLY B 65 -30.01 -5.24 -4.09
C GLY B 65 -29.17 -6.48 -4.06
N GLU B 66 -29.78 -7.60 -4.41
CA GLU B 66 -29.06 -8.87 -4.37
C GLU B 66 -27.88 -8.88 -5.34
N LEU B 67 -28.10 -8.37 -6.55
CA LEU B 67 -27.04 -8.33 -7.54
C LEU B 67 -25.92 -7.42 -7.04
N THR B 68 -26.32 -6.31 -6.44
CA THR B 68 -25.36 -5.36 -5.91
C THR B 68 -24.49 -6.02 -4.84
N GLN B 69 -25.10 -6.72 -3.88
CA GLN B 69 -24.33 -7.39 -2.86
C GLN B 69 -23.35 -8.37 -3.50
N LEU B 70 -23.84 -9.11 -4.49
CA LEU B 70 -23.03 -10.08 -5.22
C LEU B 70 -21.80 -9.37 -5.82
N LEU B 71 -22.04 -8.35 -6.64
CA LEU B 71 -20.96 -7.61 -7.27
C LEU B 71 -19.98 -7.04 -6.27
N ASN B 72 -20.48 -6.42 -5.22
CA ASN B 72 -19.60 -5.84 -4.20
C ASN B 72 -18.68 -6.89 -3.62
N SER B 73 -19.23 -8.07 -3.35
CA SER B 73 -18.46 -9.17 -2.79
C SER B 73 -17.39 -9.63 -3.75
N LEU B 74 -17.71 -9.61 -5.05
CA LEU B 74 -16.74 -9.99 -6.08
C LEU B 74 -15.61 -8.95 -6.13
N CYS B 75 -15.99 -7.69 -5.96
CA CYS B 75 -15.05 -6.57 -5.94
C CYS B 75 -14.02 -6.70 -4.80
N THR B 76 -14.50 -7.05 -3.62
CA THR B 76 -13.61 -7.22 -2.47
C THR B 76 -12.64 -8.34 -2.80
N ALA B 77 -13.18 -9.46 -3.29
CA ALA B 77 -12.33 -10.59 -3.64
C ALA B 77 -11.21 -10.20 -4.62
N VAL B 78 -11.55 -9.42 -5.63
CA VAL B 78 -10.59 -8.98 -6.65
C VAL B 78 -9.46 -8.18 -6.02
N LYS B 79 -9.84 -7.27 -5.12
CA LYS B 79 -8.86 -6.41 -4.44
C LYS B 79 -7.93 -7.27 -3.62
N ALA B 80 -8.45 -8.33 -3.02
CA ALA B 80 -7.65 -9.25 -2.21
C ALA B 80 -6.72 -10.05 -3.12
N ILE B 81 -7.23 -10.43 -4.29
CA ILE B 81 -6.45 -11.18 -5.26
C ILE B 81 -5.36 -10.30 -5.84
N SER B 82 -5.73 -9.08 -6.24
CA SER B 82 -4.78 -8.13 -6.79
C SER B 82 -3.63 -7.91 -5.82
N SER B 83 -3.93 -7.84 -4.53
CA SER B 83 -2.91 -7.65 -3.51
C SER B 83 -1.95 -8.85 -3.47
N ALA B 84 -2.50 -10.04 -3.62
CA ALA B 84 -1.69 -11.27 -3.61
C ALA B 84 -0.87 -11.42 -4.88
N VAL B 85 -1.46 -11.08 -6.00
CA VAL B 85 -0.77 -11.18 -7.27
C VAL B 85 0.45 -10.29 -7.35
N ARG B 86 0.40 -9.14 -6.69
CA ARG B 86 1.53 -8.20 -6.71
C ARG B 86 2.58 -8.52 -5.67
N LYS B 87 2.39 -9.65 -5.01
CA LYS B 87 3.32 -10.11 -3.98
C LYS B 87 3.28 -9.30 -2.69
N ALA B 88 2.06 -9.11 -2.19
CA ALA B 88 1.78 -8.37 -0.98
C ALA B 88 2.86 -8.51 0.07
N GLY B 89 2.79 -9.57 0.87
CA GLY B 89 3.80 -9.75 1.91
C GLY B 89 4.82 -10.83 1.62
N ILE B 90 5.26 -10.92 0.36
CA ILE B 90 6.22 -11.93 -0.02
C ILE B 90 7.50 -11.97 0.83
N ALA B 91 7.83 -10.87 1.49
CA ALA B 91 9.04 -10.82 2.33
C ALA B 91 8.93 -11.79 3.49
N HIS B 92 7.70 -12.01 3.94
CA HIS B 92 7.47 -12.92 5.05
C HIS B 92 7.69 -14.36 4.63
N LEU B 93 7.33 -14.70 3.39
CA LEU B 93 7.53 -16.06 2.91
C LEU B 93 9.01 -16.36 2.86
N TYR B 94 9.82 -15.32 2.71
CA TYR B 94 11.26 -15.49 2.63
C TYR B 94 12.00 -15.25 3.95
N GLY B 95 11.32 -15.56 5.05
CA GLY B 95 11.88 -15.43 6.39
C GLY B 95 12.37 -14.08 6.87
N ILE B 96 11.56 -13.05 6.67
CA ILE B 96 11.93 -11.71 7.10
C ILE B 96 11.83 -11.65 8.62
N ALA B 97 11.01 -12.54 9.17
CA ALA B 97 10.83 -12.59 10.60
C ALA B 97 11.29 -13.92 11.16
N GLY B 98 11.75 -14.82 10.30
CA GLY B 98 12.23 -16.10 10.81
C GLY B 98 11.98 -17.36 10.01
N SER B 99 10.71 -17.74 9.86
CA SER B 99 10.37 -18.96 9.13
C SER B 99 9.68 -18.67 7.79
N LYS B 109 -0.06 -22.18 -5.54
CA LYS B 109 -0.76 -21.88 -4.30
C LYS B 109 -1.50 -20.56 -4.40
N LEU B 110 -1.18 -19.79 -5.44
CA LEU B 110 -1.84 -18.50 -5.65
C LEU B 110 -3.11 -18.77 -6.45
N ASP B 111 -3.09 -19.89 -7.17
CA ASP B 111 -4.23 -20.33 -7.96
C ASP B 111 -5.32 -20.65 -6.96
N VAL B 112 -4.92 -21.31 -5.88
CA VAL B 112 -5.82 -21.73 -4.80
C VAL B 112 -6.40 -20.58 -3.98
N LEU B 113 -5.53 -19.72 -3.47
CA LEU B 113 -5.95 -18.58 -2.68
C LEU B 113 -7.03 -17.77 -3.39
N SER B 114 -6.82 -17.51 -4.68
CA SER B 114 -7.76 -16.75 -5.50
C SER B 114 -9.14 -17.42 -5.52
N ASN B 115 -9.14 -18.73 -5.74
CA ASN B 115 -10.37 -19.49 -5.79
C ASN B 115 -11.07 -19.35 -4.45
N ASP B 116 -10.32 -19.49 -3.36
CA ASP B 116 -10.89 -19.37 -2.01
C ASP B 116 -11.47 -18.00 -1.75
N LEU B 117 -10.76 -16.98 -2.18
CA LEU B 117 -11.25 -15.63 -2.01
C LEU B 117 -12.60 -15.47 -2.72
N VAL B 118 -12.64 -15.74 -4.02
CA VAL B 118 -13.88 -15.64 -4.79
C VAL B 118 -14.93 -16.59 -4.25
N MET B 119 -14.53 -17.82 -4.01
CA MET B 119 -15.43 -18.84 -3.50
C MET B 119 -16.06 -18.36 -2.18
N ASN B 120 -15.21 -18.09 -1.19
CA ASN B 120 -15.70 -17.61 0.10
C ASN B 120 -16.49 -16.31 0.02
N MET B 121 -15.92 -15.31 -0.65
CA MET B 121 -16.62 -14.03 -0.77
C MET B 121 -18.00 -14.12 -1.43
N LEU B 122 -18.17 -15.06 -2.36
CA LEU B 122 -19.46 -15.23 -3.04
C LEU B 122 -20.48 -15.99 -2.21
N LYS B 123 -20.05 -17.02 -1.49
CA LYS B 123 -20.94 -17.78 -0.62
C LYS B 123 -21.44 -16.84 0.45
N SER B 124 -20.53 -16.01 0.94
CA SER B 124 -20.80 -15.03 1.97
C SER B 124 -21.75 -13.90 1.55
N SER B 125 -21.94 -13.70 0.26
CA SER B 125 -22.81 -12.61 -0.19
C SER B 125 -24.31 -12.88 -0.03
N PHE B 126 -24.71 -14.14 0.04
CA PHE B 126 -26.12 -14.52 0.18
C PHE B 126 -26.90 -14.16 -1.09
N ALA B 127 -26.21 -14.21 -2.23
CA ALA B 127 -26.80 -13.87 -3.52
C ALA B 127 -26.52 -14.97 -4.53
N THR B 128 -25.78 -15.99 -4.08
CA THR B 128 -25.41 -17.11 -4.94
C THR B 128 -25.99 -18.41 -4.41
N CYS B 129 -26.21 -19.36 -5.31
CA CYS B 129 -26.77 -20.65 -4.95
C CYS B 129 -25.91 -21.77 -5.58
N VAL B 130 -25.49 -21.55 -6.82
CA VAL B 130 -24.65 -22.51 -7.51
C VAL B 130 -23.46 -21.77 -8.08
N LEU B 131 -22.27 -22.28 -7.78
CA LEU B 131 -21.03 -21.67 -8.23
C LEU B 131 -20.14 -22.66 -8.99
N VAL B 132 -19.71 -22.26 -10.19
CA VAL B 132 -18.84 -23.09 -11.01
C VAL B 132 -17.50 -22.36 -11.11
N SER B 133 -16.42 -23.10 -10.99
CA SER B 133 -15.08 -22.52 -11.05
C SER B 133 -14.09 -23.40 -11.78
N GLU B 134 -13.21 -22.80 -12.57
CA GLU B 134 -12.21 -23.58 -13.29
C GLU B 134 -11.44 -24.45 -12.31
N GLU B 135 -11.40 -24.04 -11.05
CA GLU B 135 -10.65 -24.78 -10.05
C GLU B 135 -11.40 -25.91 -9.34
N ASP B 136 -12.69 -26.07 -9.61
CA ASP B 136 -13.46 -27.13 -8.97
C ASP B 136 -14.11 -28.08 -9.96
N LYS B 137 -13.75 -29.36 -9.86
CA LYS B 137 -14.26 -30.40 -10.75
C LYS B 137 -15.76 -30.39 -10.85
N HIS B 138 -16.44 -30.05 -9.76
CA HIS B 138 -17.90 -30.00 -9.74
C HIS B 138 -18.41 -28.63 -9.36
N ALA B 139 -19.65 -28.36 -9.73
CA ALA B 139 -20.24 -27.09 -9.35
C ALA B 139 -20.32 -27.15 -7.82
N ILE B 140 -20.37 -25.98 -7.20
CA ILE B 140 -20.46 -25.92 -5.76
C ILE B 140 -21.85 -25.46 -5.40
N ILE B 141 -22.52 -26.20 -4.51
CA ILE B 141 -23.85 -25.80 -4.13
C ILE B 141 -23.82 -25.05 -2.79
N VAL B 142 -24.13 -23.76 -2.86
CA VAL B 142 -24.15 -22.90 -1.67
C VAL B 142 -25.06 -23.46 -0.59
N GLU B 143 -24.60 -23.35 0.66
CA GLU B 143 -25.38 -23.82 1.81
C GLU B 143 -26.72 -23.12 1.78
N PRO B 144 -27.79 -23.83 2.20
CA PRO B 144 -29.15 -23.33 2.24
C PRO B 144 -29.34 -21.94 2.86
N GLU B 145 -28.71 -21.70 4.00
CA GLU B 145 -28.85 -20.42 4.69
C GLU B 145 -28.21 -19.29 3.92
N LYS B 146 -27.23 -19.63 3.08
CA LYS B 146 -26.50 -18.65 2.28
C LYS B 146 -26.93 -18.55 0.82
N ARG B 147 -28.06 -19.14 0.46
CA ARG B 147 -28.52 -19.11 -0.93
C ARG B 147 -29.15 -17.84 -1.45
N GLY B 148 -28.78 -17.53 -2.68
CA GLY B 148 -29.29 -16.36 -3.37
C GLY B 148 -29.79 -16.82 -4.72
N LYS B 149 -30.40 -15.92 -5.48
CA LYS B 149 -30.95 -16.28 -6.79
C LYS B 149 -29.96 -16.32 -7.95
N TYR B 150 -28.69 -16.05 -7.70
CA TYR B 150 -27.71 -16.03 -8.79
C TYR B 150 -26.76 -17.21 -8.89
N VAL B 151 -26.41 -17.57 -10.12
CA VAL B 151 -25.47 -18.65 -10.41
C VAL B 151 -24.24 -17.97 -10.98
N VAL B 152 -23.06 -18.25 -10.42
CA VAL B 152 -21.86 -17.61 -10.92
C VAL B 152 -20.77 -18.55 -11.41
N CYS B 153 -20.23 -18.20 -12.57
CA CYS B 153 -19.17 -18.96 -13.20
C CYS B 153 -17.95 -18.06 -13.22
N PHE B 154 -16.81 -18.59 -12.78
CA PHE B 154 -15.62 -17.78 -12.76
C PHE B 154 -14.32 -18.53 -12.85
N ASP B 155 -13.30 -17.78 -13.28
CA ASP B 155 -11.94 -18.27 -13.40
C ASP B 155 -11.22 -17.38 -12.38
N PRO B 156 -11.00 -17.91 -11.14
CA PRO B 156 -10.33 -17.17 -10.08
C PRO B 156 -9.05 -16.48 -10.54
N LEU B 157 -8.22 -17.20 -11.29
CA LEU B 157 -6.98 -16.64 -11.82
C LEU B 157 -6.70 -17.35 -13.15
N ASP B 158 -6.54 -16.55 -14.19
CA ASP B 158 -6.29 -17.07 -15.52
C ASP B 158 -4.90 -16.65 -15.97
N GLY B 159 -4.20 -17.58 -16.63
CA GLY B 159 -2.84 -17.33 -17.09
C GLY B 159 -1.89 -17.55 -15.92
N SER B 160 -2.43 -18.15 -14.86
CA SER B 160 -1.71 -18.44 -13.62
C SER B 160 -0.40 -19.19 -13.82
N SER B 161 -0.45 -20.27 -14.59
CA SER B 161 0.73 -21.09 -14.86
C SER B 161 1.90 -20.25 -15.36
N ASN B 162 1.59 -19.18 -16.11
CA ASN B 162 2.61 -18.28 -16.65
C ASN B 162 2.91 -17.11 -15.72
N ILE B 163 2.57 -17.23 -14.43
CA ILE B 163 2.80 -16.15 -13.49
C ILE B 163 4.24 -16.11 -12.94
N ASP B 164 5.06 -17.08 -13.36
CA ASP B 164 6.46 -17.15 -12.93
C ASP B 164 7.23 -16.02 -13.62
N CYS B 165 6.78 -15.67 -14.82
CA CYS B 165 7.40 -14.61 -15.60
C CYS B 165 6.62 -13.30 -15.45
N LEU B 166 5.85 -13.19 -14.38
CA LEU B 166 5.06 -12.00 -14.07
C LEU B 166 4.24 -11.47 -15.24
N VAL B 167 3.57 -12.38 -15.94
CA VAL B 167 2.73 -12.00 -17.06
C VAL B 167 1.38 -11.59 -16.50
N SER B 168 0.73 -10.64 -17.17
CA SER B 168 -0.57 -10.18 -16.74
C SER B 168 -1.46 -11.41 -16.55
N VAL B 169 -2.19 -11.45 -15.44
CA VAL B 169 -3.12 -12.53 -15.15
C VAL B 169 -4.44 -11.83 -14.92
N GLY B 170 -5.50 -12.60 -14.70
CA GLY B 170 -6.77 -11.94 -14.48
C GLY B 170 -7.86 -12.85 -13.98
N THR B 171 -8.95 -12.24 -13.54
CA THR B 171 -10.06 -13.00 -13.04
C THR B 171 -11.20 -12.74 -13.99
N ILE B 172 -11.85 -13.82 -14.42
CA ILE B 172 -12.98 -13.72 -15.35
C ILE B 172 -14.20 -14.18 -14.60
N PHE B 173 -15.37 -13.66 -14.95
CA PHE B 173 -16.57 -14.08 -14.27
C PHE B 173 -17.84 -13.85 -15.07
N GLY B 174 -18.82 -14.72 -14.83
CA GLY B 174 -20.11 -14.67 -15.48
C GLY B 174 -21.21 -14.89 -14.46
N ILE B 175 -22.24 -14.07 -14.55
CA ILE B 175 -23.36 -14.15 -13.63
C ILE B 175 -24.69 -14.38 -14.35
N TYR B 176 -25.33 -15.52 -14.04
CA TYR B 176 -26.63 -15.89 -14.62
C TYR B 176 -27.64 -15.91 -13.47
N ARG B 177 -28.90 -15.81 -13.82
CA ARG B 177 -29.96 -15.87 -12.83
C ARG B 177 -30.41 -17.33 -12.87
N LYS B 178 -30.51 -17.96 -11.70
CA LYS B 178 -30.93 -19.36 -11.63
C LYS B 178 -32.28 -19.48 -12.36
N LYS B 179 -32.45 -20.54 -13.13
CA LYS B 179 -33.69 -20.73 -13.88
C LYS B 179 -34.70 -21.70 -13.27
N SER B 180 -34.42 -22.99 -13.32
CA SER B 180 -35.35 -23.98 -12.77
C SER B 180 -35.57 -23.82 -11.27
N THR B 181 -36.80 -24.07 -10.82
CA THR B 181 -37.10 -23.96 -9.42
C THR B 181 -36.80 -25.25 -8.69
N ASP B 182 -36.01 -26.11 -9.32
CA ASP B 182 -35.61 -27.37 -8.70
C ASP B 182 -34.59 -27.03 -7.63
N GLU B 183 -33.95 -28.03 -7.05
CA GLU B 183 -32.94 -27.77 -6.04
C GLU B 183 -31.72 -27.25 -6.82
N PRO B 184 -31.04 -26.20 -6.30
CA PRO B 184 -29.88 -25.71 -7.04
C PRO B 184 -28.89 -26.84 -7.27
N SER B 185 -28.50 -27.03 -8.53
CA SER B 185 -27.55 -28.08 -8.91
C SER B 185 -26.70 -27.64 -10.08
N GLU B 186 -25.70 -28.46 -10.41
CA GLU B 186 -24.80 -28.17 -11.52
C GLU B 186 -25.56 -27.81 -12.80
N LYS B 187 -26.77 -28.34 -12.93
CA LYS B 187 -27.62 -28.10 -14.10
C LYS B 187 -27.88 -26.61 -14.29
N ASP B 188 -28.15 -25.92 -13.18
CA ASP B 188 -28.44 -24.49 -13.19
C ASP B 188 -27.34 -23.63 -13.82
N ALA B 189 -26.16 -24.20 -13.94
CA ALA B 189 -25.02 -23.51 -14.51
C ALA B 189 -24.89 -23.68 -16.02
N LEU B 190 -25.71 -24.56 -16.58
CA LEU B 190 -25.63 -24.84 -18.01
C LEU B 190 -26.44 -23.92 -18.91
N GLN B 191 -26.55 -22.67 -18.54
CA GLN B 191 -27.26 -21.69 -19.36
C GLN B 191 -26.29 -21.16 -20.41
N PRO B 192 -26.82 -20.70 -21.57
CA PRO B 192 -25.98 -20.16 -22.65
C PRO B 192 -25.56 -18.73 -22.35
N GLY B 193 -24.37 -18.35 -22.79
CA GLY B 193 -23.91 -17.00 -22.53
C GLY B 193 -24.92 -15.91 -22.81
N ARG B 194 -25.95 -16.26 -23.59
CA ARG B 194 -26.98 -15.30 -23.95
C ARG B 194 -27.86 -14.94 -22.75
N ASN B 195 -27.80 -15.78 -21.71
CA ASN B 195 -28.59 -15.58 -20.49
C ASN B 195 -27.87 -14.79 -19.39
N LEU B 196 -26.68 -14.29 -19.70
CA LEU B 196 -25.92 -13.53 -18.72
C LEU B 196 -26.64 -12.28 -18.25
N VAL B 197 -26.49 -12.01 -16.95
CA VAL B 197 -27.10 -10.86 -16.29
C VAL B 197 -26.04 -9.78 -16.18
N ALA B 198 -24.79 -10.24 -16.11
CA ALA B 198 -23.62 -9.38 -16.00
C ALA B 198 -22.42 -10.28 -16.10
N ALA B 199 -21.33 -9.74 -16.63
CA ALA B 199 -20.10 -10.50 -16.77
C ALA B 199 -18.96 -9.51 -16.81
N GLY B 200 -17.75 -10.02 -16.75
CA GLY B 200 -16.64 -9.10 -16.78
C GLY B 200 -15.40 -9.79 -16.30
N TYR B 201 -14.34 -9.03 -16.16
CA TYR B 201 -13.07 -9.58 -15.73
C TYR B 201 -12.23 -8.51 -15.05
N ALA B 202 -11.24 -8.97 -14.31
CA ALA B 202 -10.33 -8.09 -13.62
C ALA B 202 -8.97 -8.42 -14.20
N LEU B 203 -8.28 -7.41 -14.68
CA LEU B 203 -6.97 -7.60 -15.27
C LEU B 203 -5.87 -7.12 -14.32
N TYR B 204 -4.97 -8.01 -13.94
CA TYR B 204 -3.89 -7.60 -13.06
C TYR B 204 -2.64 -7.36 -13.89
N GLY B 205 -2.60 -6.24 -14.61
CA GLY B 205 -1.46 -5.92 -15.45
C GLY B 205 -0.57 -4.85 -14.88
N SER B 206 -0.16 -3.90 -15.72
CA SER B 206 0.72 -2.81 -15.25
C SER B 206 0.00 -2.13 -14.10
N ALA B 207 -1.33 -2.25 -14.11
CA ALA B 207 -2.19 -1.67 -13.09
C ALA B 207 -3.37 -2.61 -13.03
N THR B 208 -4.19 -2.52 -11.98
CA THR B 208 -5.33 -3.42 -11.89
C THR B 208 -6.64 -2.77 -12.29
N MET B 209 -7.24 -3.27 -13.37
CA MET B 209 -8.50 -2.74 -13.85
C MET B 209 -9.61 -3.77 -13.81
N LEU B 210 -10.84 -3.31 -13.65
CA LEU B 210 -11.96 -4.22 -13.63
C LEU B 210 -12.95 -3.75 -14.67
N VAL B 211 -13.20 -4.61 -15.66
CA VAL B 211 -14.11 -4.29 -16.74
C VAL B 211 -15.42 -4.96 -16.42
N LEU B 212 -16.49 -4.18 -16.32
CA LEU B 212 -17.81 -4.74 -16.00
C LEU B 212 -18.83 -4.46 -17.10
N ALA B 213 -19.41 -5.54 -17.60
CA ALA B 213 -20.40 -5.45 -18.64
C ALA B 213 -21.74 -5.97 -18.16
N MET B 214 -22.75 -5.10 -18.28
CA MET B 214 -24.10 -5.45 -17.91
C MET B 214 -24.97 -5.02 -19.07
N ASP B 215 -26.26 -5.29 -18.98
CA ASP B 215 -27.18 -4.94 -20.05
C ASP B 215 -27.01 -3.47 -20.46
N CYS B 216 -26.67 -2.64 -19.49
CA CYS B 216 -26.47 -1.20 -19.69
C CYS B 216 -25.15 -0.80 -20.37
N GLY B 217 -24.39 -1.78 -20.83
CA GLY B 217 -23.12 -1.46 -21.48
C GLY B 217 -21.90 -1.92 -20.71
N VAL B 218 -20.72 -1.54 -21.19
CA VAL B 218 -19.47 -1.93 -20.53
C VAL B 218 -18.72 -0.74 -19.93
N ASN B 219 -18.37 -0.84 -18.65
CA ASN B 219 -17.64 0.23 -17.96
C ASN B 219 -16.33 -0.28 -17.36
N CYS B 220 -15.29 0.55 -17.45
CA CYS B 220 -13.98 0.18 -16.92
C CYS B 220 -13.63 0.98 -15.67
N PHE B 221 -13.18 0.27 -14.65
CA PHE B 221 -12.79 0.90 -13.38
C PHE B 221 -11.33 0.60 -13.05
N MET B 222 -10.57 1.64 -12.76
CA MET B 222 -9.16 1.48 -12.42
C MET B 222 -9.08 1.33 -10.92
N LEU B 223 -8.21 0.44 -10.44
CA LEU B 223 -8.09 0.27 -8.99
C LEU B 223 -7.04 1.21 -8.42
N ASP B 224 -7.46 2.12 -7.56
CA ASP B 224 -6.53 3.04 -6.93
C ASP B 224 -6.06 2.26 -5.70
N PRO B 225 -4.83 1.75 -5.74
CA PRO B 225 -4.26 0.98 -4.64
C PRO B 225 -4.01 1.79 -3.36
N ALA B 226 -3.88 3.10 -3.51
CA ALA B 226 -3.61 3.99 -2.39
C ALA B 226 -4.80 4.15 -1.46
N ILE B 227 -6.00 3.96 -1.99
CA ILE B 227 -7.22 4.08 -1.18
C ILE B 227 -8.13 2.88 -1.37
N GLY B 228 -7.62 1.85 -2.03
CA GLY B 228 -8.38 0.63 -2.28
C GLY B 228 -9.77 0.85 -2.80
N GLU B 229 -9.88 1.64 -3.86
CA GLU B 229 -11.17 1.95 -4.46
C GLU B 229 -11.05 1.80 -5.97
N PHE B 230 -12.12 1.31 -6.61
CA PHE B 230 -12.15 1.15 -8.07
C PHE B 230 -12.77 2.42 -8.69
N ILE B 231 -11.96 3.23 -9.35
CA ILE B 231 -12.46 4.45 -9.97
C ILE B 231 -12.89 4.29 -11.43
N LEU B 232 -14.11 4.74 -11.74
CA LEU B 232 -14.63 4.64 -13.09
C LEU B 232 -13.85 5.55 -14.02
N VAL B 233 -13.05 4.98 -14.92
CA VAL B 233 -12.24 5.79 -15.83
C VAL B 233 -12.55 5.69 -17.32
N ASP B 234 -13.48 4.83 -17.69
CA ASP B 234 -13.90 4.66 -19.08
C ASP B 234 -15.37 4.28 -19.07
N LYS B 235 -16.25 5.28 -19.18
CA LYS B 235 -17.69 5.06 -19.15
C LYS B 235 -18.23 4.46 -20.45
N ASP B 236 -19.23 3.60 -20.32
CA ASP B 236 -19.86 2.91 -21.45
C ASP B 236 -18.98 2.79 -22.68
N VAL B 237 -18.00 1.89 -22.57
CA VAL B 237 -17.04 1.60 -23.63
C VAL B 237 -17.62 0.89 -24.85
N LYS B 238 -17.01 1.19 -26.01
CA LYS B 238 -17.39 0.62 -27.30
C LYS B 238 -16.11 0.34 -28.10
N ILE B 239 -16.03 -0.84 -28.71
CA ILE B 239 -14.85 -1.24 -29.47
C ILE B 239 -14.80 -0.71 -30.91
N LYS B 240 -13.59 -0.50 -31.42
CA LYS B 240 -13.39 -0.01 -32.79
C LYS B 240 -14.03 -0.98 -33.78
N LYS B 241 -14.56 -0.43 -34.88
CA LYS B 241 -15.19 -1.24 -35.91
C LYS B 241 -14.17 -2.19 -36.52
N LYS B 242 -13.00 -1.65 -36.87
CA LYS B 242 -11.93 -2.45 -37.43
C LYS B 242 -10.66 -2.13 -36.66
N GLY B 243 -9.83 -3.15 -36.41
CA GLY B 243 -8.58 -2.93 -35.69
C GLY B 243 -7.38 -3.20 -36.57
N LYS B 244 -6.17 -3.05 -36.03
CA LYS B 244 -4.95 -3.29 -36.80
C LYS B 244 -4.03 -4.28 -36.11
N ILE B 245 -4.63 -5.22 -35.38
CA ILE B 245 -3.86 -6.21 -34.65
C ILE B 245 -4.56 -7.56 -34.55
N TYR B 246 -3.83 -8.64 -34.83
CA TYR B 246 -4.40 -9.98 -34.70
C TYR B 246 -3.62 -10.73 -33.61
N SER B 247 -4.35 -11.35 -32.68
CA SER B 247 -3.73 -12.06 -31.58
C SER B 247 -4.06 -13.55 -31.52
N LEU B 248 -3.03 -14.39 -31.60
CA LEU B 248 -3.22 -15.85 -31.51
C LEU B 248 -1.87 -16.55 -31.40
N ASN B 249 -1.87 -17.81 -30.99
CA ASN B 249 -0.62 -18.56 -30.87
C ASN B 249 -0.25 -19.20 -32.21
N GLU B 250 0.69 -18.59 -32.94
CA GLU B 250 1.08 -19.13 -34.24
C GLU B 250 2.03 -20.33 -34.19
N GLY B 251 2.21 -20.91 -33.01
CA GLY B 251 3.10 -22.05 -32.89
C GLY B 251 2.34 -23.26 -33.37
N TYR B 252 1.02 -23.16 -33.29
CA TYR B 252 0.15 -24.24 -33.71
C TYR B 252 -0.25 -23.94 -35.15
N ALA B 253 0.68 -23.35 -35.90
CA ALA B 253 0.44 -23.00 -37.29
C ALA B 253 0.28 -24.29 -38.06
N LYS B 254 0.95 -25.33 -37.57
CA LYS B 254 0.93 -26.64 -38.17
C LYS B 254 -0.45 -27.30 -38.15
N ASP B 255 -1.25 -27.02 -37.11
CA ASP B 255 -2.58 -27.61 -36.98
C ASP B 255 -3.77 -26.72 -37.34
N PHE B 256 -3.50 -25.52 -37.82
CA PHE B 256 -4.59 -24.62 -38.18
C PHE B 256 -5.45 -25.17 -39.29
N ASP B 257 -6.75 -25.16 -39.11
CA ASP B 257 -7.60 -25.63 -40.19
C ASP B 257 -7.41 -24.57 -41.29
N PRO B 258 -7.69 -24.93 -42.55
CA PRO B 258 -7.53 -24.01 -43.68
C PRO B 258 -8.04 -22.58 -43.50
N ALA B 259 -9.27 -22.45 -43.01
CA ALA B 259 -9.87 -21.14 -42.81
C ALA B 259 -8.98 -20.19 -42.02
N VAL B 260 -8.47 -20.67 -40.89
CA VAL B 260 -7.59 -19.87 -40.03
C VAL B 260 -6.30 -19.50 -40.72
N THR B 261 -5.64 -20.49 -41.33
CA THR B 261 -4.38 -20.24 -42.01
C THR B 261 -4.58 -19.19 -43.09
N GLU B 262 -5.68 -19.28 -43.83
CA GLU B 262 -5.94 -18.30 -44.89
C GLU B 262 -6.15 -16.90 -44.32
N TYR B 263 -6.93 -16.81 -43.24
CA TYR B 263 -7.18 -15.52 -42.62
C TYR B 263 -5.87 -14.85 -42.15
N ILE B 264 -5.07 -15.57 -41.37
CA ILE B 264 -3.82 -15.02 -40.85
C ILE B 264 -2.96 -14.51 -42.02
N GLN B 265 -2.98 -15.26 -43.11
CA GLN B 265 -2.23 -14.91 -44.31
C GLN B 265 -2.67 -13.56 -44.84
N ARG B 266 -3.96 -13.31 -44.84
CA ARG B 266 -4.47 -12.06 -45.35
C ARG B 266 -4.11 -10.89 -44.44
N LYS B 267 -3.63 -11.18 -43.24
CA LYS B 267 -3.25 -10.13 -42.30
C LYS B 267 -1.77 -9.79 -42.45
N LYS B 268 -0.93 -10.82 -42.56
CA LYS B 268 0.51 -10.63 -42.73
C LYS B 268 0.80 -10.03 -44.12
N PHE B 269 0.03 -10.51 -45.10
CA PHE B 269 0.14 -10.06 -46.47
C PHE B 269 -1.22 -9.59 -46.99
N PRO B 270 -1.65 -8.40 -46.56
CA PRO B 270 -2.95 -7.93 -47.03
C PRO B 270 -3.03 -7.99 -48.55
N PRO B 271 -4.10 -8.61 -49.07
CA PRO B 271 -4.33 -8.77 -50.50
C PRO B 271 -4.51 -7.42 -51.22
N ASP B 272 -5.24 -6.50 -50.59
CA ASP B 272 -5.45 -5.18 -51.18
C ASP B 272 -4.18 -4.36 -51.02
N ASN B 273 -3.06 -5.07 -50.92
CA ASN B 273 -1.74 -4.47 -50.74
C ASN B 273 -1.75 -3.25 -49.83
N SER B 274 -2.43 -3.40 -48.69
CA SER B 274 -2.50 -2.33 -47.70
C SER B 274 -1.44 -2.64 -46.68
N ALA B 275 -1.55 -2.04 -45.50
CA ALA B 275 -0.58 -2.29 -44.45
C ALA B 275 -0.93 -3.56 -43.67
N PRO B 276 0.09 -4.31 -43.25
CA PRO B 276 -0.20 -5.53 -42.50
C PRO B 276 -0.67 -5.20 -41.09
N TYR B 277 -1.23 -6.19 -40.42
CA TYR B 277 -1.68 -6.04 -39.05
C TYR B 277 -0.47 -6.35 -38.18
N GLY B 278 -0.50 -5.93 -36.92
CA GLY B 278 0.59 -6.23 -36.03
C GLY B 278 0.24 -7.48 -35.26
N ALA B 279 1.24 -8.29 -34.89
CA ALA B 279 0.96 -9.49 -34.13
C ALA B 279 1.18 -9.21 -32.65
N ARG B 280 0.36 -9.85 -31.81
CA ARG B 280 0.47 -9.66 -30.38
C ARG B 280 -0.20 -10.82 -29.70
N TYR B 281 0.50 -11.48 -28.79
CA TYR B 281 -0.10 -12.59 -28.08
C TYR B 281 0.65 -12.74 -26.75
N VAL B 282 -0.05 -12.42 -25.67
CA VAL B 282 0.53 -12.50 -24.35
C VAL B 282 0.40 -13.91 -23.79
N GLY B 283 -0.59 -14.65 -24.27
CA GLY B 283 -0.78 -15.99 -23.77
C GLY B 283 -1.81 -16.02 -22.65
N SER B 284 -1.95 -14.89 -21.95
CA SER B 284 -2.94 -14.80 -20.88
C SER B 284 -4.13 -14.11 -21.51
N MET B 285 -5.20 -14.88 -21.69
CA MET B 285 -6.42 -14.37 -22.31
C MET B 285 -6.86 -13.01 -21.83
N VAL B 286 -7.14 -12.89 -20.54
CA VAL B 286 -7.58 -11.60 -20.03
C VAL B 286 -6.79 -10.45 -20.62
N ALA B 287 -5.47 -10.55 -20.61
CA ALA B 287 -4.62 -9.52 -21.14
C ALA B 287 -4.84 -9.29 -22.63
N ASP B 288 -4.84 -10.36 -23.42
CA ASP B 288 -5.05 -10.26 -24.87
C ASP B 288 -6.45 -9.68 -25.21
N VAL B 289 -7.48 -10.30 -24.68
CA VAL B 289 -8.83 -9.83 -24.94
C VAL B 289 -8.97 -8.35 -24.57
N HIS B 290 -8.32 -7.93 -23.47
CA HIS B 290 -8.42 -6.54 -23.02
C HIS B 290 -7.79 -5.60 -24.01
N ARG B 291 -6.64 -5.98 -24.56
CA ARG B 291 -5.95 -5.16 -25.54
C ARG B 291 -6.82 -5.07 -26.78
N THR B 292 -7.46 -6.18 -27.12
CA THR B 292 -8.35 -6.23 -28.28
C THR B 292 -9.48 -5.22 -28.07
N LEU B 293 -9.98 -5.13 -26.84
CA LEU B 293 -11.06 -4.22 -26.49
C LEU B 293 -10.65 -2.75 -26.50
N VAL B 294 -9.41 -2.48 -26.11
CA VAL B 294 -8.88 -1.12 -26.06
C VAL B 294 -8.38 -0.61 -27.41
N TYR B 295 -7.47 -1.36 -28.03
CA TYR B 295 -6.91 -0.94 -29.31
C TYR B 295 -7.70 -1.44 -30.53
N GLY B 296 -8.59 -2.41 -30.31
CA GLY B 296 -9.37 -2.96 -31.39
C GLY B 296 -8.55 -4.01 -32.10
N GLY B 297 -9.22 -4.89 -32.83
CA GLY B 297 -8.50 -5.94 -33.52
C GLY B 297 -9.21 -7.26 -33.39
N ILE B 298 -8.46 -8.35 -33.46
CA ILE B 298 -9.08 -9.66 -33.35
C ILE B 298 -8.22 -10.63 -32.51
N PHE B 299 -8.88 -11.45 -31.71
CA PHE B 299 -8.19 -12.43 -30.88
C PHE B 299 -8.72 -13.78 -31.30
N LEU B 300 -7.83 -14.75 -31.48
CA LEU B 300 -8.24 -16.09 -31.91
C LEU B 300 -7.63 -17.24 -31.11
N TYR B 301 -8.47 -18.24 -30.81
CA TYR B 301 -8.02 -19.43 -30.11
C TYR B 301 -8.96 -20.52 -30.60
N PRO B 302 -8.81 -20.86 -31.88
CA PRO B 302 -9.55 -21.85 -32.65
C PRO B 302 -9.24 -23.32 -32.38
N ALA B 303 -10.10 -24.17 -32.93
CA ALA B 303 -9.97 -25.60 -32.80
C ALA B 303 -8.85 -26.04 -33.75
N ASN B 304 -8.30 -27.22 -33.50
CA ASN B 304 -7.21 -27.71 -34.35
C ASN B 304 -7.10 -29.23 -34.39
N LYS B 305 -5.88 -29.71 -34.16
CA LYS B 305 -5.56 -31.13 -34.14
C LYS B 305 -5.96 -31.66 -32.77
N LYS B 306 -5.76 -30.83 -31.75
CA LYS B 306 -6.12 -31.19 -30.39
C LYS B 306 -7.64 -31.21 -30.29
N SER B 307 -8.20 -30.46 -29.34
CA SER B 307 -9.64 -30.45 -29.21
C SER B 307 -10.27 -29.56 -30.27
N PRO B 308 -11.15 -30.15 -31.09
CA PRO B 308 -11.85 -29.44 -32.18
C PRO B 308 -12.92 -28.52 -31.60
N ASN B 309 -12.91 -28.40 -30.27
CA ASN B 309 -13.85 -27.54 -29.57
C ASN B 309 -13.05 -26.44 -28.89
N GLY B 310 -11.82 -26.25 -29.35
CA GLY B 310 -10.96 -25.22 -28.77
C GLY B 310 -10.34 -25.67 -27.46
N LYS B 311 -9.60 -24.78 -26.82
CA LYS B 311 -8.97 -25.11 -25.55
C LYS B 311 -9.61 -24.32 -24.42
N LEU B 312 -10.07 -23.11 -24.73
CA LEU B 312 -10.70 -22.27 -23.71
C LEU B 312 -12.00 -22.88 -23.20
N ARG B 313 -12.31 -22.63 -21.93
CA ARG B 313 -13.52 -23.15 -21.32
C ARG B 313 -14.68 -22.23 -21.67
N LEU B 314 -15.82 -22.81 -22.06
CA LEU B 314 -16.98 -22.02 -22.45
C LEU B 314 -17.66 -21.25 -21.33
N LEU B 315 -18.03 -21.96 -20.26
CA LEU B 315 -18.74 -21.34 -19.15
C LEU B 315 -18.12 -20.13 -18.48
N TYR B 316 -16.84 -20.23 -18.13
CA TYR B 316 -16.16 -19.16 -17.43
C TYR B 316 -14.96 -18.52 -18.08
N GLU B 317 -14.88 -18.57 -19.40
CA GLU B 317 -13.78 -17.92 -20.11
C GLU B 317 -14.32 -17.28 -21.38
N CYS B 318 -14.90 -18.10 -22.25
CA CYS B 318 -15.45 -17.64 -23.53
C CYS B 318 -16.71 -16.79 -23.38
N ASN B 319 -17.69 -17.31 -22.64
CA ASN B 319 -18.95 -16.61 -22.43
C ASN B 319 -18.80 -15.23 -21.80
N PRO B 320 -18.09 -15.12 -20.67
CA PRO B 320 -18.00 -13.77 -20.12
C PRO B 320 -17.38 -12.80 -21.13
N MET B 321 -16.30 -13.21 -21.78
CA MET B 321 -15.64 -12.35 -22.75
C MET B 321 -16.50 -12.03 -23.97
N ALA B 322 -17.25 -13.03 -24.45
CA ALA B 322 -18.13 -12.83 -25.60
C ALA B 322 -19.13 -11.76 -25.22
N TYR B 323 -19.76 -11.95 -24.08
CA TYR B 323 -20.75 -11.02 -23.55
C TYR B 323 -20.16 -9.61 -23.43
N VAL B 324 -18.96 -9.48 -22.89
CA VAL B 324 -18.35 -8.16 -22.76
C VAL B 324 -18.17 -7.56 -24.15
N MET B 325 -17.57 -8.35 -25.04
CA MET B 325 -17.34 -7.94 -26.43
C MET B 325 -18.64 -7.46 -27.08
N GLU B 326 -19.62 -8.35 -27.12
CA GLU B 326 -20.89 -7.98 -27.71
C GLU B 326 -21.49 -6.73 -27.08
N LYS B 327 -21.35 -6.56 -25.77
CA LYS B 327 -21.90 -5.37 -25.13
C LYS B 327 -21.13 -4.12 -25.49
N ALA B 328 -19.91 -4.30 -25.99
CA ALA B 328 -19.08 -3.16 -26.36
C ALA B 328 -19.14 -2.94 -27.86
N GLY B 329 -19.98 -3.73 -28.53
CA GLY B 329 -20.15 -3.57 -29.97
C GLY B 329 -19.31 -4.48 -30.85
N GLY B 330 -18.72 -5.51 -30.25
CA GLY B 330 -17.90 -6.43 -31.01
C GLY B 330 -18.65 -7.71 -31.25
N MET B 331 -17.93 -8.75 -31.67
CA MET B 331 -18.55 -10.04 -31.94
C MET B 331 -17.74 -11.21 -31.35
N ALA B 332 -18.40 -12.31 -31.07
CA ALA B 332 -17.72 -13.47 -30.53
C ALA B 332 -18.36 -14.71 -31.10
N THR B 333 -17.69 -15.32 -32.08
CA THR B 333 -18.17 -16.53 -32.74
C THR B 333 -17.26 -17.73 -32.46
N THR B 334 -17.80 -18.93 -32.63
CA THR B 334 -17.03 -20.17 -32.40
C THR B 334 -16.62 -20.68 -33.76
N GLY B 335 -16.97 -19.90 -34.79
CA GLY B 335 -16.68 -20.27 -36.15
C GLY B 335 -18.01 -20.58 -36.79
N LYS B 336 -18.77 -21.47 -36.18
CA LYS B 336 -20.08 -21.86 -36.70
C LYS B 336 -21.18 -20.95 -36.19
N GLU B 337 -21.20 -20.73 -34.89
CA GLU B 337 -22.23 -19.89 -34.27
C GLU B 337 -21.67 -18.94 -33.23
N ALA B 338 -22.52 -18.04 -32.75
CA ALA B 338 -22.13 -17.07 -31.73
C ALA B 338 -21.89 -17.80 -30.41
N VAL B 339 -20.81 -17.43 -29.72
CA VAL B 339 -20.44 -18.04 -28.46
C VAL B 339 -21.55 -17.97 -27.43
N LEU B 340 -22.28 -16.86 -27.40
CA LEU B 340 -23.36 -16.72 -26.41
C LEU B 340 -24.58 -17.61 -26.69
N ASP B 341 -24.61 -18.21 -27.89
CA ASP B 341 -25.73 -19.09 -28.27
C ASP B 341 -25.46 -20.55 -27.96
N VAL B 342 -24.19 -20.92 -27.93
CA VAL B 342 -23.79 -22.28 -27.64
C VAL B 342 -24.46 -22.72 -26.34
N ILE B 343 -24.92 -23.96 -26.30
CA ILE B 343 -25.57 -24.47 -25.10
C ILE B 343 -24.80 -25.54 -24.37
N PRO B 344 -24.37 -25.21 -23.14
CA PRO B 344 -23.60 -26.00 -22.19
C PRO B 344 -24.10 -27.43 -21.96
N THR B 345 -23.16 -28.37 -21.97
CA THR B 345 -23.43 -29.79 -21.74
C THR B 345 -22.71 -30.16 -20.46
N ASP B 346 -21.42 -29.86 -20.43
CA ASP B 346 -20.57 -30.09 -19.27
C ASP B 346 -20.17 -28.68 -18.81
N ILE B 347 -19.80 -28.52 -17.54
CA ILE B 347 -19.43 -27.18 -17.06
C ILE B 347 -18.03 -26.79 -17.51
N HIS B 348 -17.14 -27.77 -17.60
CA HIS B 348 -15.78 -27.49 -18.03
C HIS B 348 -15.64 -27.65 -19.54
N GLN B 349 -16.77 -27.68 -20.22
CA GLN B 349 -16.85 -27.81 -21.68
C GLN B 349 -16.01 -26.73 -22.34
N ARG B 350 -15.31 -27.10 -23.42
CA ARG B 350 -14.47 -26.14 -24.12
C ARG B 350 -15.15 -25.54 -25.35
N ALA B 351 -14.51 -24.54 -25.94
CA ALA B 351 -15.05 -23.87 -27.12
C ALA B 351 -14.01 -23.09 -27.89
N PRO B 352 -14.20 -22.97 -29.21
CA PRO B 352 -13.29 -22.23 -30.09
C PRO B 352 -13.77 -20.80 -30.00
N VAL B 353 -12.86 -19.84 -30.05
CA VAL B 353 -13.25 -18.45 -29.95
C VAL B 353 -12.49 -17.55 -30.89
N ILE B 354 -13.22 -16.63 -31.52
CA ILE B 354 -12.63 -15.62 -32.41
C ILE B 354 -13.47 -14.43 -31.99
N LEU B 355 -12.84 -13.37 -31.48
CA LEU B 355 -13.62 -12.21 -31.05
C LEU B 355 -12.89 -10.89 -31.23
N GLY B 356 -13.61 -9.80 -31.05
CA GLY B 356 -13.00 -8.49 -31.22
C GLY B 356 -13.82 -7.55 -32.05
N SER B 357 -13.16 -6.66 -32.80
CA SER B 357 -13.85 -5.70 -33.64
C SER B 357 -14.69 -6.44 -34.67
N PRO B 358 -15.91 -5.92 -34.91
CA PRO B 358 -16.89 -6.48 -35.85
C PRO B 358 -16.27 -6.86 -37.19
N ASP B 359 -15.90 -5.84 -37.96
CA ASP B 359 -15.31 -6.03 -39.28
C ASP B 359 -14.33 -7.18 -39.31
N ASP B 360 -13.40 -7.19 -38.36
CA ASP B 360 -12.39 -8.24 -38.30
C ASP B 360 -12.99 -9.62 -38.08
N VAL B 361 -13.96 -9.72 -37.20
CA VAL B 361 -14.57 -11.00 -36.94
C VAL B 361 -15.35 -11.41 -38.16
N LEU B 362 -16.04 -10.46 -38.78
CA LEU B 362 -16.82 -10.71 -39.99
C LEU B 362 -15.88 -11.12 -41.12
N GLU B 363 -14.83 -10.35 -41.32
CA GLU B 363 -13.85 -10.62 -42.35
C GLU B 363 -13.31 -12.03 -42.13
N PHE B 364 -13.38 -12.52 -40.90
CA PHE B 364 -12.91 -13.87 -40.61
C PHE B 364 -13.95 -14.85 -41.13
N LEU B 365 -15.15 -14.74 -40.58
CA LEU B 365 -16.27 -15.58 -40.98
C LEU B 365 -16.38 -15.63 -42.51
N LYS B 366 -16.07 -14.51 -43.15
CA LYS B 366 -16.08 -14.44 -44.61
C LYS B 366 -15.21 -15.61 -45.09
N VAL B 367 -13.96 -15.63 -44.64
CA VAL B 367 -13.03 -16.68 -45.00
C VAL B 367 -13.48 -18.05 -44.48
N TYR B 368 -14.14 -18.06 -43.33
CA TYR B 368 -14.60 -19.32 -42.74
C TYR B 368 -15.56 -20.05 -43.65
N GLU B 369 -16.49 -19.31 -44.24
CA GLU B 369 -17.47 -19.91 -45.16
C GLU B 369 -16.75 -20.45 -46.39
N LYS B 370 -15.88 -19.63 -46.96
CA LYS B 370 -15.11 -20.02 -48.12
C LYS B 370 -14.54 -21.43 -47.98
N HIS B 371 -14.53 -21.97 -46.76
CA HIS B 371 -14.03 -23.33 -46.53
C HIS B 371 -15.08 -24.18 -45.81
N SER B 372 -16.30 -24.08 -46.16
N ASP C 46 -18.11 -15.66 10.23
CA ASP C 46 -17.92 -15.48 8.76
C ASP C 46 -17.71 -14.00 8.39
N VAL C 47 -16.61 -13.73 7.69
CA VAL C 47 -16.20 -12.38 7.30
C VAL C 47 -17.25 -11.39 6.80
N ASN C 48 -17.09 -10.14 7.20
CA ASN C 48 -17.98 -9.06 6.79
C ASN C 48 -17.23 -7.72 6.69
N THR C 49 -17.72 -6.84 5.84
CA THR C 49 -17.11 -5.53 5.62
C THR C 49 -18.10 -4.41 5.89
N LEU C 50 -17.59 -3.18 6.01
CA LEU C 50 -18.44 -2.02 6.29
C LEU C 50 -19.49 -1.87 5.20
N THR C 51 -19.09 -2.13 3.96
CA THR C 51 -20.00 -2.03 2.83
C THR C 51 -21.02 -3.17 2.83
N ARG C 52 -20.51 -4.40 2.83
CA ARG C 52 -21.40 -5.55 2.85
C ARG C 52 -22.37 -5.38 4.00
N PHE C 53 -21.83 -5.00 5.16
CA PHE C 53 -22.64 -4.81 6.36
C PHE C 53 -23.68 -3.70 6.26
N VAL C 54 -23.32 -2.57 5.68
CA VAL C 54 -24.27 -1.48 5.56
C VAL C 54 -25.37 -1.77 4.57
N MET C 55 -25.04 -2.38 3.44
CA MET C 55 -26.09 -2.67 2.45
C MET C 55 -26.93 -3.87 2.82
N GLU C 56 -26.54 -4.57 3.89
CA GLU C 56 -27.32 -5.70 4.36
C GLU C 56 -28.36 -5.16 5.35
N GLU C 57 -27.99 -4.11 6.08
CA GLU C 57 -28.90 -3.46 7.02
C GLU C 57 -29.93 -2.69 6.25
N GLY C 58 -29.46 -1.93 5.25
CA GLY C 58 -30.35 -1.15 4.42
C GLY C 58 -31.28 -2.03 3.64
N ARG C 59 -30.74 -3.08 3.06
CA ARG C 59 -31.53 -4.02 2.27
C ARG C 59 -32.48 -4.83 3.16
N LYS C 60 -32.13 -4.99 4.44
CA LYS C 60 -32.99 -5.74 5.37
C LYS C 60 -34.14 -4.86 5.87
N ALA C 61 -33.86 -3.58 6.06
CA ALA C 61 -34.87 -2.63 6.52
C ALA C 61 -35.64 -2.18 5.29
N ARG C 62 -35.46 -2.93 4.21
CA ARG C 62 -36.08 -2.66 2.92
C ARG C 62 -36.17 -1.17 2.67
N GLY C 63 -35.07 -0.47 2.97
CA GLY C 63 -35.02 0.98 2.79
C GLY C 63 -34.77 1.45 1.37
N THR C 64 -34.57 2.75 1.22
CA THR C 64 -34.34 3.34 -0.09
C THR C 64 -32.98 2.92 -0.59
N GLY C 65 -31.97 3.23 0.23
CA GLY C 65 -30.60 2.93 -0.11
C GLY C 65 -29.87 4.25 -0.05
N GLU C 66 -30.61 5.31 0.24
CA GLU C 66 -30.00 6.63 0.31
C GLU C 66 -28.99 6.71 1.44
N LEU C 67 -29.33 6.15 2.60
CA LEU C 67 -28.40 6.18 3.71
C LEU C 67 -27.16 5.39 3.35
N THR C 68 -27.37 4.25 2.70
CA THR C 68 -26.27 3.39 2.29
C THR C 68 -25.30 4.14 1.38
N GLN C 69 -25.83 4.79 0.34
CA GLN C 69 -24.97 5.56 -0.58
C GLN C 69 -24.18 6.60 0.21
N LEU C 70 -24.88 7.27 1.13
CA LEU C 70 -24.27 8.29 1.97
C LEU C 70 -23.09 7.68 2.73
N LEU C 71 -23.35 6.63 3.50
CA LEU C 71 -22.29 5.97 4.28
C LEU C 71 -21.13 5.49 3.42
N ASN C 72 -21.43 4.83 2.30
CA ASN C 72 -20.39 4.34 1.40
C ASN C 72 -19.48 5.50 0.97
N SER C 73 -20.09 6.65 0.65
CA SER C 73 -19.34 7.82 0.20
C SER C 73 -18.45 8.34 1.30
N LEU C 74 -18.94 8.26 2.53
CA LEU C 74 -18.17 8.71 3.70
C LEU C 74 -17.00 7.75 3.88
N CYS C 75 -17.25 6.46 3.67
CA CYS C 75 -16.23 5.42 3.78
C CYS C 75 -15.06 5.66 2.78
N THR C 76 -15.39 5.98 1.53
CA THR C 76 -14.39 6.27 0.52
C THR C 76 -13.55 7.45 1.00
N ALA C 77 -14.22 8.52 1.40
CA ALA C 77 -13.53 9.71 1.88
C ALA C 77 -12.53 9.40 3.02
N VAL C 78 -12.94 8.56 3.96
CA VAL C 78 -12.09 8.18 5.09
C VAL C 78 -10.82 7.49 4.61
N LYS C 79 -10.98 6.54 3.70
CA LYS C 79 -9.84 5.81 3.14
C LYS C 79 -8.85 6.76 2.45
N ALA C 80 -9.40 7.77 1.78
CA ALA C 80 -8.57 8.75 1.09
C ALA C 80 -7.87 9.61 2.13
N ILE C 81 -8.59 9.94 3.20
CA ILE C 81 -8.01 10.74 4.28
C ILE C 81 -6.94 9.92 5.04
N SER C 82 -7.26 8.68 5.36
CA SER C 82 -6.31 7.80 6.03
C SER C 82 -5.00 7.71 5.25
N SER C 83 -5.12 7.64 3.92
CA SER C 83 -3.96 7.55 3.04
C SER C 83 -3.11 8.81 3.15
N ALA C 84 -3.77 9.96 3.20
CA ALA C 84 -3.07 11.24 3.31
C ALA C 84 -2.42 11.46 4.67
N VAL C 85 -3.14 11.04 5.72
CA VAL C 85 -2.66 11.18 7.08
C VAL C 85 -1.39 10.39 7.32
N ARG C 86 -1.27 9.23 6.69
CA ARG C 86 -0.09 8.39 6.83
C ARG C 86 1.08 8.82 5.93
N LYS C 87 0.89 9.93 5.23
CA LYS C 87 1.91 10.49 4.36
C LYS C 87 2.11 9.69 3.08
N ALA C 88 0.99 9.39 2.42
CA ALA C 88 0.94 8.65 1.17
C ALA C 88 2.14 8.91 0.28
N GLY C 89 2.10 9.98 -0.50
CA GLY C 89 3.23 10.27 -1.38
C GLY C 89 4.11 11.42 -0.96
N ILE C 90 4.36 11.53 0.34
CA ILE C 90 5.19 12.61 0.88
C ILE C 90 6.56 12.77 0.21
N ALA C 91 7.05 11.71 -0.43
CA ALA C 91 8.36 11.77 -1.08
C ALA C 91 8.32 12.75 -2.25
N HIS C 92 7.16 12.89 -2.85
CA HIS C 92 7.00 13.78 -3.98
C HIS C 92 7.04 15.23 -3.52
N LEU C 93 6.47 15.51 -2.35
CA LEU C 93 6.50 16.87 -1.84
C LEU C 93 7.94 17.27 -1.59
N TYR C 94 8.80 16.29 -1.34
CA TYR C 94 10.19 16.56 -1.06
C TYR C 94 11.13 16.42 -2.24
N GLY C 95 10.57 16.69 -3.43
CA GLY C 95 11.32 16.65 -4.68
C GLY C 95 11.99 15.37 -5.11
N ILE C 96 11.28 14.26 -5.01
CA ILE C 96 11.82 12.97 -5.41
C ILE C 96 11.93 12.94 -6.92
N ALA C 97 11.11 13.76 -7.58
CA ALA C 97 11.12 13.83 -9.03
C ALA C 97 11.54 15.20 -9.51
N GLY C 98 11.80 16.13 -8.59
CA GLY C 98 12.22 17.44 -9.02
C GLY C 98 11.76 18.68 -8.26
N SER C 99 10.46 18.95 -8.27
CA SER C 99 9.93 20.12 -7.57
C SER C 99 9.09 19.76 -6.36
N LYS C 109 -2.62 22.20 5.55
CA LYS C 109 -3.13 21.89 4.23
C LYS C 109 -3.77 20.52 4.21
N LEU C 110 -3.53 19.74 5.27
CA LEU C 110 -4.11 18.41 5.37
C LEU C 110 -5.50 18.56 5.98
N ASP C 111 -5.67 19.65 6.70
CA ASP C 111 -6.93 19.99 7.34
C ASP C 111 -7.90 20.26 6.20
N VAL C 112 -7.40 20.95 5.18
CA VAL C 112 -8.18 21.33 4.00
C VAL C 112 -8.55 20.14 3.11
N LEU C 113 -7.53 19.38 2.70
CA LEU C 113 -7.74 18.20 1.87
C LEU C 113 -8.84 17.29 2.42
N SER C 114 -8.79 17.02 3.73
CA SER C 114 -9.77 16.19 4.41
C SER C 114 -11.18 16.73 4.26
N ASN C 115 -11.32 18.05 4.46
CA ASN C 115 -12.60 18.70 4.34
C ASN C 115 -13.10 18.53 2.91
N ASP C 116 -12.23 18.79 1.93
CA ASP C 116 -12.62 18.63 0.53
C ASP C 116 -13.04 17.20 0.20
N LEU C 117 -12.30 16.22 0.70
CA LEU C 117 -12.67 14.83 0.46
C LEU C 117 -14.10 14.56 0.97
N VAL C 118 -14.32 14.79 2.25
CA VAL C 118 -15.63 14.58 2.85
C VAL C 118 -16.66 15.45 2.16
N MET C 119 -16.33 16.73 2.00
CA MET C 119 -17.24 17.67 1.36
C MET C 119 -17.63 17.17 -0.02
N ASN C 120 -16.66 16.99 -0.90
CA ASN C 120 -16.93 16.51 -2.25
C ASN C 120 -17.61 15.14 -2.26
N MET C 121 -17.07 14.17 -1.55
CA MET C 121 -17.66 12.84 -1.53
C MET C 121 -19.12 12.79 -1.06
N LEU C 122 -19.50 13.72 -0.18
CA LEU C 122 -20.86 13.75 0.32
C LEU C 122 -21.83 14.45 -0.63
N LYS C 123 -21.38 15.52 -1.28
CA LYS C 123 -22.22 16.24 -2.23
C LYS C 123 -22.50 15.28 -3.37
N SER C 124 -21.45 14.54 -3.74
CA SER C 124 -21.48 13.54 -4.82
C SER C 124 -22.39 12.34 -4.54
N SER C 125 -22.74 12.10 -3.28
CA SER C 125 -23.58 10.94 -2.97
C SER C 125 -25.06 11.09 -3.32
N PHE C 126 -25.53 12.33 -3.44
CA PHE C 126 -26.94 12.58 -3.77
C PHE C 126 -27.83 12.12 -2.62
N ALA C 127 -27.30 12.21 -1.40
CA ALA C 127 -28.05 11.80 -0.21
C ALA C 127 -28.00 12.90 0.83
N THR C 128 -27.29 13.98 0.50
CA THR C 128 -27.15 15.12 1.40
C THR C 128 -27.76 16.38 0.80
N CYS C 129 -28.17 17.29 1.68
CA CYS C 129 -28.77 18.56 1.26
C CYS C 129 -28.11 19.72 1.99
N VAL C 130 -27.88 19.51 3.29
CA VAL C 130 -27.23 20.52 4.09
C VAL C 130 -26.07 19.88 4.82
N LEU C 131 -24.89 20.49 4.68
CA LEU C 131 -23.68 19.97 5.31
C LEU C 131 -23.01 21.02 6.19
N VAL C 132 -22.69 20.63 7.41
CA VAL C 132 -22.01 21.51 8.37
C VAL C 132 -20.64 20.90 8.65
N SER C 133 -19.60 21.72 8.68
CA SER C 133 -18.25 21.25 8.92
C SER C 133 -17.44 22.21 9.78
N GLU C 134 -16.65 21.66 10.71
CA GLU C 134 -15.82 22.51 11.56
C GLU C 134 -15.00 23.44 10.71
N GLU C 135 -14.75 23.05 9.46
CA GLU C 135 -13.94 23.87 8.57
C GLU C 135 -14.68 24.95 7.77
N ASP C 136 -16.00 25.00 7.87
CA ASP C 136 -16.75 26.00 7.12
C ASP C 136 -17.60 26.88 8.02
N LYS C 137 -17.33 28.18 7.97
CA LYS C 137 -18.04 29.17 8.78
C LYS C 137 -19.56 29.03 8.69
N HIS C 138 -20.04 28.66 7.52
CA HIS C 138 -21.47 28.50 7.31
C HIS C 138 -21.79 27.10 6.84
N ALA C 139 -23.05 26.70 7.02
CA ALA C 139 -23.46 25.39 6.57
C ALA C 139 -23.36 25.46 5.06
N ILE C 140 -23.23 24.31 4.42
CA ILE C 140 -23.12 24.27 2.98
C ILE C 140 -24.40 23.69 2.43
N ILE C 141 -24.99 24.40 1.47
CA ILE C 141 -26.24 23.91 0.88
C ILE C 141 -25.97 23.19 -0.44
N VAL C 142 -26.17 21.89 -0.43
CA VAL C 142 -25.96 21.05 -1.61
C VAL C 142 -26.74 21.56 -2.81
N GLU C 143 -26.11 21.51 -3.98
CA GLU C 143 -26.76 21.92 -5.23
C GLU C 143 -28.04 21.12 -5.38
N PRO C 144 -29.08 21.74 -5.94
CA PRO C 144 -30.39 21.13 -6.18
C PRO C 144 -30.38 19.75 -6.81
N GLU C 145 -29.60 19.59 -7.87
CA GLU C 145 -29.53 18.31 -8.57
C GLU C 145 -28.88 17.23 -7.72
N LYS C 146 -28.08 17.64 -6.75
CA LYS C 146 -27.37 16.71 -5.88
C LYS C 146 -27.99 16.53 -4.49
N ARG C 147 -29.21 17.03 -4.29
CA ARG C 147 -29.84 16.93 -2.98
C ARG C 147 -30.43 15.62 -2.54
N GLY C 148 -30.22 15.31 -1.26
CA GLY C 148 -30.71 14.09 -0.67
C GLY C 148 -31.45 14.48 0.58
N LYS C 149 -32.08 13.52 1.26
CA LYS C 149 -32.83 13.81 2.47
C LYS C 149 -32.00 13.91 3.76
N TYR C 150 -30.68 13.75 3.68
CA TYR C 150 -29.88 13.78 4.89
C TYR C 150 -29.04 15.03 5.13
N VAL C 151 -28.91 15.41 6.40
CA VAL C 151 -28.11 16.56 6.82
C VAL C 151 -26.93 15.97 7.56
N VAL C 152 -25.71 16.34 7.15
CA VAL C 152 -24.53 15.80 7.81
C VAL C 152 -23.59 16.82 8.46
N CYS C 153 -23.18 16.49 9.69
CA CYS C 153 -22.27 17.32 10.46
C CYS C 153 -21.00 16.51 10.67
N PHE C 154 -19.86 17.13 10.39
CA PHE C 154 -18.62 16.42 10.50
C PHE C 154 -17.40 17.28 10.78
N ASP C 155 -16.39 16.62 11.33
CA ASP C 155 -15.11 17.24 11.64
C ASP C 155 -14.17 16.43 10.71
N PRO C 156 -13.83 17.00 9.55
CA PRO C 156 -12.96 16.33 8.58
C PRO C 156 -11.73 15.73 9.20
N LEU C 157 -11.07 16.50 10.06
CA LEU C 157 -9.88 16.02 10.75
C LEU C 157 -9.86 16.73 12.11
N ASP C 158 -9.77 15.93 13.16
CA ASP C 158 -9.74 16.43 14.53
C ASP C 158 -8.38 16.12 15.16
N GLY C 159 -7.85 17.09 15.90
CA GLY C 159 -6.56 16.95 16.55
C GLY C 159 -5.49 17.27 15.53
N SER C 160 -5.93 17.85 14.41
CA SER C 160 -5.06 18.21 13.30
C SER C 160 -3.85 19.06 13.68
N SER C 161 -4.10 20.12 14.44
CA SER C 161 -3.04 21.02 14.88
C SER C 161 -1.89 20.27 15.53
N ASN C 162 -2.20 19.18 16.20
CA ASN C 162 -1.20 18.35 16.87
C ASN C 162 -0.68 17.22 15.98
N ILE C 163 -0.85 17.34 14.67
CA ILE C 163 -0.40 16.30 13.75
C ILE C 163 1.11 16.37 13.41
N ASP C 164 1.78 17.39 13.95
CA ASP C 164 3.22 17.58 13.72
C ASP C 164 3.96 16.51 14.50
N CYS C 165 3.38 16.11 15.61
CA CYS C 165 3.97 15.10 16.47
C CYS C 165 3.33 13.74 16.20
N LEU C 166 2.72 13.59 15.03
CA LEU C 166 2.08 12.34 14.61
C LEU C 166 1.15 11.73 15.66
N VAL C 167 0.33 12.57 16.26
CA VAL C 167 -0.61 12.08 17.26
C VAL C 167 -1.84 11.59 16.53
N SER C 168 -2.49 10.57 17.09
CA SER C 168 -3.68 10.01 16.48
C SER C 168 -4.63 11.15 16.15
N VAL C 169 -5.20 11.14 14.95
CA VAL C 169 -6.17 12.16 14.55
C VAL C 169 -7.39 11.36 14.14
N GLY C 170 -8.45 12.03 13.77
CA GLY C 170 -9.63 11.28 13.39
C GLY C 170 -10.70 12.11 12.74
N THR C 171 -11.69 11.44 12.20
CA THR C 171 -12.79 12.10 11.52
C THR C 171 -14.02 11.74 12.32
N ILE C 172 -14.81 12.75 12.67
CA ILE C 172 -16.04 12.54 13.42
C ILE C 172 -17.17 12.92 12.51
N PHE C 173 -18.33 12.31 12.70
CA PHE C 173 -19.46 12.63 11.85
C PHE C 173 -20.82 12.28 12.47
N GLY C 174 -21.81 13.09 12.10
CA GLY C 174 -23.17 12.91 12.58
C GLY C 174 -24.11 13.06 11.41
N ILE C 175 -25.11 12.18 11.35
CA ILE C 175 -26.09 12.19 10.28
C ILE C 175 -27.53 12.30 10.79
N TYR C 176 -28.20 13.39 10.41
CA TYR C 176 -29.57 13.64 10.81
C TYR C 176 -30.42 13.60 9.55
N ARG C 177 -31.71 13.39 9.73
CA ARG C 177 -32.63 13.39 8.60
C ARG C 177 -33.19 14.80 8.57
N LYS C 178 -33.19 15.44 7.41
CA LYS C 178 -33.71 16.79 7.30
C LYS C 178 -35.14 16.77 7.82
N LYS C 179 -35.51 17.81 8.57
CA LYS C 179 -36.86 17.88 9.14
C LYS C 179 -37.86 18.76 8.39
N SER C 180 -37.69 20.08 8.49
CA SER C 180 -38.60 21.00 7.83
C SER C 180 -38.59 20.85 6.31
N THR C 181 -39.76 21.00 5.70
CA THR C 181 -39.87 20.89 4.25
C THR C 181 -39.58 22.22 3.57
N ASP C 182 -38.97 23.13 4.32
CA ASP C 182 -38.59 24.44 3.79
C ASP C 182 -37.41 24.19 2.84
N GLU C 183 -36.77 25.26 2.38
CA GLU C 183 -35.60 25.10 1.52
C GLU C 183 -34.48 24.67 2.45
N PRO C 184 -33.65 23.70 2.03
CA PRO C 184 -32.56 23.30 2.92
C PRO C 184 -31.69 24.49 3.30
N SER C 185 -31.52 24.70 4.61
CA SER C 185 -30.73 25.80 5.13
C SER C 185 -30.01 25.41 6.41
N GLU C 186 -29.15 26.31 6.88
CA GLU C 186 -28.38 26.07 8.10
C GLU C 186 -29.27 25.63 9.27
N LYS C 187 -30.52 26.07 9.24
CA LYS C 187 -31.49 25.73 10.27
C LYS C 187 -31.67 24.22 10.39
N ASP C 188 -31.72 23.53 9.26
CA ASP C 188 -31.91 22.09 9.22
C ASP C 188 -30.85 21.33 9.99
N ALA C 189 -29.73 22.00 10.27
CA ALA C 189 -28.62 21.39 10.98
C ALA C 189 -28.72 21.54 12.50
N LEU C 190 -29.67 22.34 12.96
CA LEU C 190 -29.82 22.59 14.37
C LEU C 190 -30.66 21.58 15.15
N GLN C 191 -30.59 20.31 14.76
CA GLN C 191 -31.33 19.27 15.47
C GLN C 191 -30.48 18.81 16.65
N PRO C 192 -31.13 18.29 17.72
CA PRO C 192 -30.40 17.81 18.89
C PRO C 192 -29.84 16.41 18.63
N GLY C 193 -28.70 16.10 19.25
CA GLY C 193 -28.07 14.81 19.05
C GLY C 193 -29.02 13.64 19.19
N ARG C 194 -30.17 13.88 19.83
CA ARG C 194 -31.16 12.83 20.03
C ARG C 194 -31.82 12.42 18.71
N ASN C 195 -31.72 13.29 17.70
CA ASN C 195 -32.31 13.05 16.38
C ASN C 195 -31.39 12.33 15.38
N LEU C 196 -30.21 11.93 15.85
CA LEU C 196 -29.26 11.25 14.98
C LEU C 196 -29.81 9.96 14.39
N VAL C 197 -29.45 9.73 13.12
CA VAL C 197 -29.86 8.55 12.36
C VAL C 197 -28.72 7.57 12.38
N ALA C 198 -27.52 8.14 12.48
CA ALA C 198 -26.27 7.38 12.52
C ALA C 198 -25.15 8.38 12.81
N ALA C 199 -24.12 7.91 13.49
CA ALA C 199 -22.98 8.76 13.81
C ALA C 199 -21.80 7.84 14.02
N GLY C 200 -20.63 8.45 14.09
CA GLY C 200 -19.46 7.62 14.27
C GLY C 200 -18.24 8.44 14.01
N TYR C 201 -17.11 7.75 13.98
CA TYR C 201 -15.85 8.42 13.74
C TYR C 201 -14.83 7.43 13.19
N ALA C 202 -13.78 7.98 12.59
CA ALA C 202 -12.72 7.17 12.04
C ALA C 202 -11.48 7.62 12.81
N LEU C 203 -10.78 6.66 13.37
CA LEU C 203 -9.58 6.94 14.13
C LEU C 203 -8.33 6.56 13.34
N TYR C 204 -7.47 7.53 13.07
CA TYR C 204 -6.24 7.23 12.34
C TYR C 204 -5.09 7.06 13.34
N GLY C 205 -5.09 5.95 14.07
CA GLY C 205 -4.04 5.72 15.05
C GLY C 205 -2.97 4.74 14.59
N SER C 206 -2.60 3.80 15.47
CA SER C 206 -1.60 2.81 15.12
C SER C 206 -2.08 2.08 13.86
N ALA C 207 -3.40 2.09 13.70
CA ALA C 207 -4.08 1.48 12.56
C ALA C 207 -5.31 2.33 12.35
N THR C 208 -5.96 2.19 11.21
CA THR C 208 -7.15 2.99 10.95
C THR C 208 -8.43 2.21 11.17
N MET C 209 -9.23 2.66 12.14
CA MET C 209 -10.49 1.99 12.44
C MET C 209 -11.67 2.93 12.26
N LEU C 210 -12.82 2.37 11.96
CA LEU C 210 -14.00 3.18 11.80
C LEU C 210 -15.10 2.62 12.70
N VAL C 211 -15.53 3.45 13.64
CA VAL C 211 -16.55 3.05 14.56
C VAL C 211 -17.87 3.64 14.06
N LEU C 212 -18.84 2.76 13.80
CA LEU C 212 -20.15 3.19 13.31
C LEU C 212 -21.27 2.82 14.26
N ALA C 213 -22.01 3.84 14.68
CA ALA C 213 -23.11 3.67 15.59
C ALA C 213 -24.42 4.08 14.92
N MET C 214 -25.36 3.14 14.92
CA MET C 214 -26.68 3.39 14.36
C MET C 214 -27.65 2.87 15.40
N ASP C 215 -28.95 3.03 15.13
CA ASP C 215 -29.97 2.58 16.05
C ASP C 215 -29.74 1.12 16.46
N CYS C 216 -29.21 0.32 15.54
CA CYS C 216 -28.92 -1.10 15.78
C CYS C 216 -27.69 -1.40 16.62
N GLY C 217 -27.06 -0.37 17.19
CA GLY C 217 -25.87 -0.58 18.00
C GLY C 217 -24.60 0.01 17.42
N VAL C 218 -23.46 -0.29 18.04
CA VAL C 218 -22.17 0.21 17.58
C VAL C 218 -21.25 -0.93 17.08
N ASN C 219 -20.72 -0.76 15.87
CA ASN C 219 -19.82 -1.76 15.28
C ASN C 219 -18.49 -1.13 14.85
N CYS C 220 -17.41 -1.87 15.06
CA CYS C 220 -16.08 -1.40 14.72
C CYS C 220 -15.49 -2.15 13.55
N PHE C 221 -14.97 -1.39 12.59
CA PHE C 221 -14.36 -1.95 11.39
C PHE C 221 -12.90 -1.52 11.26
N MET C 222 -12.02 -2.50 11.07
CA MET C 222 -10.60 -2.24 10.92
C MET C 222 -10.33 -2.05 9.44
N LEU C 223 -9.48 -1.09 9.10
CA LEU C 223 -9.16 -0.87 7.70
C LEU C 223 -7.98 -1.71 7.26
N ASP C 224 -8.22 -2.65 6.35
CA ASP C 224 -7.12 -3.47 5.84
C ASP C 224 -6.58 -2.62 4.69
N PRO C 225 -5.40 -2.03 4.89
CA PRO C 225 -4.75 -1.17 3.89
C PRO C 225 -4.24 -1.94 2.68
N ALA C 226 -4.04 -3.25 2.85
CA ALA C 226 -3.55 -4.11 1.76
C ALA C 226 -4.58 -4.32 0.66
N ILE C 227 -5.85 -4.28 1.03
CA ILE C 227 -6.93 -4.47 0.07
C ILE C 227 -7.97 -3.34 0.16
N GLY C 228 -7.62 -2.28 0.90
CA GLY C 228 -8.49 -1.13 1.03
C GLY C 228 -9.93 -1.46 1.35
N GLU C 229 -10.12 -2.30 2.36
CA GLU C 229 -11.46 -2.71 2.77
C GLU C 229 -11.57 -2.59 4.30
N PHE C 230 -12.74 -2.20 4.77
CA PHE C 230 -12.99 -2.07 6.22
C PHE C 230 -13.57 -3.38 6.72
N ILE C 231 -12.81 -4.13 7.51
CA ILE C 231 -13.27 -5.41 8.03
C ILE C 231 -13.91 -5.33 9.41
N LEU C 232 -15.12 -5.87 9.55
CA LEU C 232 -15.83 -5.86 10.82
C LEU C 232 -15.13 -6.74 11.84
N VAL C 233 -14.50 -6.11 12.83
CA VAL C 233 -13.75 -6.85 13.85
C VAL C 233 -14.28 -6.80 15.29
N ASP C 234 -15.33 -6.03 15.54
CA ASP C 234 -15.94 -5.92 16.86
C ASP C 234 -17.41 -5.66 16.66
N LYS C 235 -18.21 -6.72 16.63
CA LYS C 235 -19.66 -6.62 16.40
C LYS C 235 -20.43 -6.10 17.60
N ASP C 236 -21.46 -5.30 17.34
CA ASP C 236 -22.29 -4.69 18.39
C ASP C 236 -21.59 -4.49 19.73
N VAL C 237 -20.69 -3.51 19.76
CA VAL C 237 -19.91 -3.16 20.94
C VAL C 237 -20.70 -2.55 22.08
N LYS C 238 -20.23 -2.82 23.30
CA LYS C 238 -20.83 -2.31 24.53
C LYS C 238 -19.71 -1.93 25.49
N ILE C 239 -19.82 -0.77 26.12
CA ILE C 239 -18.78 -0.27 27.05
C ILE C 239 -18.88 -0.82 28.48
N LYS C 240 -17.74 -0.94 29.16
CA LYS C 240 -17.69 -1.44 30.54
C LYS C 240 -18.53 -0.56 31.45
N LYS C 241 -19.16 -1.19 32.45
CA LYS C 241 -19.99 -0.44 33.39
C LYS C 241 -19.13 0.58 34.14
N LYS C 242 -18.00 0.11 34.67
CA LYS C 242 -17.08 1.00 35.35
C LYS C 242 -15.68 0.79 34.78
N GLY C 243 -14.91 1.87 34.64
CA GLY C 243 -13.57 1.76 34.10
C GLY C 243 -12.54 2.11 35.14
N LYS C 244 -11.26 2.09 34.77
CA LYS C 244 -10.18 2.41 35.69
C LYS C 244 -9.25 3.50 35.15
N ILE C 245 -9.82 4.39 34.35
CA ILE C 245 -9.05 5.47 33.74
C ILE C 245 -9.86 6.75 33.55
N TYR C 246 -9.26 7.88 33.91
CA TYR C 246 -9.92 9.17 33.73
C TYR C 246 -9.06 9.97 32.74
N SER C 247 -9.70 10.57 31.74
CA SER C 247 -8.99 11.35 30.74
C SER C 247 -9.44 12.82 30.63
N LEU C 248 -8.50 13.74 30.87
CA LEU C 248 -8.79 15.18 30.77
C LEU C 248 -7.49 15.98 30.87
N ASN C 249 -7.53 17.25 30.47
CA ASN C 249 -6.34 18.09 30.52
C ASN C 249 -6.22 18.74 31.90
N GLU C 250 -5.34 18.20 32.75
CA GLU C 250 -5.18 18.75 34.10
C GLU C 250 -4.33 20.01 34.19
N GLY C 251 -4.01 20.61 33.05
CA GLY C 251 -3.22 21.83 33.08
C GLY C 251 -4.13 22.98 33.44
N TYR C 252 -5.41 22.78 33.19
CA TYR C 252 -6.44 23.76 33.48
C TYR C 252 -7.01 23.39 34.85
N ALA C 253 -6.15 22.87 35.72
CA ALA C 253 -6.55 22.48 37.07
C ALA C 253 -6.92 23.76 37.83
N LYS C 254 -6.26 24.85 37.45
CA LYS C 254 -6.47 26.15 38.04
C LYS C 254 -7.89 26.67 37.82
N ASP C 255 -8.50 26.35 36.69
CA ASP C 255 -9.85 26.84 36.38
C ASP C 255 -11.00 25.85 36.56
N PHE C 256 -10.70 24.65 37.07
CA PHE C 256 -11.75 23.66 37.26
C PHE C 256 -12.81 24.14 38.23
N ASP C 257 -14.08 24.01 37.88
CA ASP C 257 -15.11 24.41 38.84
C ASP C 257 -14.99 23.36 39.94
N PRO C 258 -15.45 23.66 41.17
CA PRO C 258 -15.38 22.73 42.30
C PRO C 258 -15.72 21.27 42.05
N ALA C 259 -16.85 21.03 41.39
CA ALA C 259 -17.33 19.68 41.09
C ALA C 259 -16.26 18.82 40.43
N VAL C 260 -15.64 19.36 39.38
CA VAL C 260 -14.60 18.67 38.64
C VAL C 260 -13.37 18.39 39.50
N THR C 261 -12.88 19.42 40.18
CA THR C 261 -11.71 19.25 41.04
C THR C 261 -11.97 18.16 42.07
N GLU C 262 -13.17 18.17 42.68
CA GLU C 262 -13.46 17.17 43.67
C GLU C 262 -13.49 15.77 43.06
N TYR C 263 -14.08 15.64 41.88
CA TYR C 263 -14.15 14.33 41.22
C TYR C 263 -12.76 13.77 40.93
N ILE C 264 -11.92 14.57 40.27
CA ILE C 264 -10.57 14.13 39.94
C ILE C 264 -9.84 13.69 41.19
N GLN C 265 -10.08 14.40 42.29
CA GLN C 265 -9.48 14.09 43.57
C GLN C 265 -9.85 12.69 44.04
N ARG C 266 -11.12 12.34 43.86
CA ARG C 266 -11.60 11.04 44.28
C ARG C 266 -11.02 9.91 43.43
N LYS C 267 -10.40 10.27 42.29
CA LYS C 267 -9.81 9.26 41.40
C LYS C 267 -8.34 9.04 41.77
N LYS C 268 -7.60 10.13 41.99
CA LYS C 268 -6.19 10.05 42.36
C LYS C 268 -6.05 9.46 43.77
N PHE C 269 -6.98 9.84 44.64
CA PHE C 269 -7.02 9.40 46.03
C PHE C 269 -8.39 8.82 46.34
N PRO C 270 -8.66 7.60 45.85
CA PRO C 270 -9.98 7.02 46.13
C PRO C 270 -10.27 7.05 47.63
N PRO C 271 -11.45 7.58 47.99
CA PRO C 271 -11.89 7.68 49.39
C PRO C 271 -12.06 6.31 50.06
N ASP C 272 -12.61 5.35 49.34
CA ASP C 272 -12.79 4.01 49.88
C ASP C 272 -11.44 3.29 49.89
N ASN C 273 -10.38 4.09 49.95
CA ASN C 273 -9.01 3.60 49.95
C ASN C 273 -8.79 2.39 49.05
N SER C 274 -9.31 2.51 47.83
CA SER C 274 -9.16 1.47 46.83
C SER C 274 -7.99 1.89 45.95
N ALA C 275 -7.88 1.31 44.77
CA ALA C 275 -6.80 1.65 43.87
C ALA C 275 -7.16 2.87 43.05
N PRO C 276 -6.17 3.73 42.78
CA PRO C 276 -6.44 4.95 42.00
C PRO C 276 -6.68 4.60 40.52
N TYR C 277 -7.23 5.56 39.80
CA TYR C 277 -7.48 5.39 38.38
C TYR C 277 -6.18 5.79 37.70
N GLY C 278 -6.02 5.42 36.43
CA GLY C 278 -4.82 5.81 35.71
C GLY C 278 -5.16 7.03 34.90
N ALA C 279 -4.18 7.91 34.69
CA ALA C 279 -4.45 9.11 33.90
C ALA C 279 -4.00 8.89 32.46
N ARG C 280 -4.77 9.45 31.53
CA ARG C 280 -4.48 9.32 30.12
C ARG C 280 -5.15 10.46 29.37
N TYR C 281 -4.39 11.18 28.57
CA TYR C 281 -4.97 12.27 27.80
C TYR C 281 -4.08 12.50 26.59
N VAL C 282 -4.60 12.14 25.41
CA VAL C 282 -3.87 12.27 24.17
C VAL C 282 -4.03 13.68 23.60
N GLY C 283 -5.13 14.31 23.94
CA GLY C 283 -5.35 15.66 23.43
C GLY C 283 -6.23 15.63 22.20
N SER C 284 -6.15 14.53 21.45
CA SER C 284 -6.98 14.37 20.26
C SER C 284 -8.20 13.59 20.70
N MET C 285 -9.33 14.27 20.76
CA MET C 285 -10.57 13.64 21.20
C MET C 285 -10.80 12.24 20.67
N VAL C 286 -10.89 12.09 19.36
CA VAL C 286 -11.16 10.79 18.77
C VAL C 286 -10.37 9.69 19.46
N ALA C 287 -9.07 9.92 19.63
CA ALA C 287 -8.22 8.94 20.28
C ALA C 287 -8.62 8.67 21.73
N ASP C 288 -8.80 9.73 22.51
CA ASP C 288 -9.21 9.58 23.91
C ASP C 288 -10.58 8.88 24.04
N VAL C 289 -11.60 9.41 23.37
CA VAL C 289 -12.93 8.83 23.43
C VAL C 289 -12.91 7.36 23.04
N HIS C 290 -12.10 7.02 22.04
CA HIS C 290 -12.02 5.64 21.58
C HIS C 290 -11.43 4.73 22.65
N ARG C 291 -10.38 5.18 23.33
CA ARG C 291 -9.76 4.40 24.39
C ARG C 291 -10.80 4.22 25.50
N THR C 292 -11.58 5.26 25.76
CA THR C 292 -12.60 5.23 26.78
C THR C 292 -13.60 4.13 26.41
N LEU C 293 -13.92 4.03 25.13
CA LEU C 293 -14.87 3.04 24.64
C LEU C 293 -14.34 1.60 24.71
N VAL C 294 -13.05 1.45 24.47
CA VAL C 294 -12.40 0.14 24.50
C VAL C 294 -12.05 -0.34 25.90
N TYR C 295 -11.29 0.46 26.64
CA TYR C 295 -10.88 0.07 27.98
C TYR C 295 -11.87 0.48 29.06
N GLY C 296 -12.77 1.39 28.72
CA GLY C 296 -13.74 1.86 29.71
C GLY C 296 -13.12 2.98 30.54
N GLY C 297 -13.96 3.76 31.18
CA GLY C 297 -13.45 4.84 31.98
C GLY C 297 -14.27 6.09 31.76
N ILE C 298 -13.62 7.24 31.91
CA ILE C 298 -14.31 8.52 31.74
C ILE C 298 -13.42 9.54 31.05
N PHE C 299 -14.02 10.32 30.15
CA PHE C 299 -13.30 11.37 29.44
C PHE C 299 -13.99 12.68 29.81
N LEU C 300 -13.22 13.71 30.10
CA LEU C 300 -13.82 15.01 30.49
C LEU C 300 -13.21 16.22 29.78
N TYR C 301 -14.08 17.13 29.38
CA TYR C 301 -13.65 18.38 28.75
C TYR C 301 -14.72 19.38 29.12
N PRO C 302 -14.79 19.70 30.42
CA PRO C 302 -15.71 20.61 31.09
C PRO C 302 -15.48 22.10 30.88
N ALA C 303 -16.47 22.87 31.31
CA ALA C 303 -16.43 24.32 31.21
C ALA C 303 -15.50 24.83 32.31
N ASN C 304 -15.02 26.05 32.15
CA ASN C 304 -14.11 26.62 33.14
C ASN C 304 -14.12 28.15 33.20
N LYS C 305 -12.93 28.73 33.15
CA LYS C 305 -12.73 30.17 33.17
C LYS C 305 -12.98 30.69 31.76
N LYS C 306 -12.57 29.90 30.77
CA LYS C 306 -12.77 30.25 29.38
C LYS C 306 -14.26 30.15 29.08
N SER C 307 -14.61 29.37 28.06
CA SER C 307 -16.02 29.22 27.73
C SER C 307 -16.71 28.28 28.70
N PRO C 308 -17.74 28.79 29.39
CA PRO C 308 -18.53 28.01 30.36
C PRO C 308 -19.42 27.01 29.62
N ASN C 309 -19.22 26.91 28.31
CA ASN C 309 -19.97 25.97 27.49
C ASN C 309 -18.99 24.97 26.93
N GLY C 310 -17.82 24.87 27.55
CA GLY C 310 -16.82 23.92 27.08
C GLY C 310 -16.07 24.45 25.86
N LYS C 311 -15.18 23.63 25.32
CA LYS C 311 -14.41 24.04 24.16
C LYS C 311 -14.83 23.23 22.94
N LEU C 312 -15.21 21.98 23.16
CA LEU C 312 -15.63 21.10 22.07
C LEU C 312 -16.90 21.62 21.40
N ARG C 313 -17.02 21.39 20.09
CA ARG C 313 -18.18 21.82 19.33
C ARG C 313 -19.31 20.80 19.53
N LEU C 314 -20.52 21.28 19.75
CA LEU C 314 -21.63 20.38 19.98
C LEU C 314 -22.09 19.57 18.75
N LEU C 315 -22.38 20.25 17.65
CA LEU C 315 -22.87 19.61 16.43
C LEU C 315 -22.06 18.46 15.85
N TYR C 316 -20.76 18.68 15.67
CA TYR C 316 -19.90 17.68 15.05
C TYR C 316 -18.75 17.11 15.87
N GLU C 317 -18.86 17.14 17.19
CA GLU C 317 -17.82 16.56 18.03
C GLU C 317 -18.47 15.88 19.23
N CYS C 318 -19.24 16.65 20.00
CA CYS C 318 -19.90 16.13 21.18
C CYS C 318 -21.06 15.18 20.86
N ASN C 319 -21.96 15.64 19.99
CA ASN C 319 -23.13 14.84 19.60
C ASN C 319 -22.80 13.47 19.00
N PRO C 320 -21.94 13.44 17.97
CA PRO C 320 -21.65 12.11 17.43
C PRO C 320 -21.09 11.18 18.51
N MET C 321 -20.15 11.66 19.32
CA MET C 321 -19.54 10.85 20.39
C MET C 321 -20.54 10.45 21.47
N ALA C 322 -21.43 11.36 21.84
CA ALA C 322 -22.44 11.07 22.85
C ALA C 322 -23.29 9.92 22.33
N TYR C 323 -23.78 10.08 21.11
CA TYR C 323 -24.61 9.09 20.45
C TYR C 323 -23.92 7.73 20.41
N VAL C 324 -22.64 7.70 20.02
CA VAL C 324 -21.92 6.43 19.97
C VAL C 324 -21.87 5.84 21.37
N MET C 325 -21.46 6.66 22.34
CA MET C 325 -21.38 6.25 23.74
C MET C 325 -22.69 5.65 24.18
N GLU C 326 -23.76 6.45 24.13
CA GLU C 326 -25.06 5.97 24.54
C GLU C 326 -25.48 4.69 23.81
N LYS C 327 -25.14 4.55 22.54
CA LYS C 327 -25.51 3.33 21.81
C LYS C 327 -24.68 2.13 22.27
N ALA C 328 -23.56 2.40 22.92
CA ALA C 328 -22.69 1.32 23.41
C ALA C 328 -22.94 1.05 24.88
N GLY C 329 -23.92 1.76 25.45
CA GLY C 329 -24.26 1.58 26.86
C GLY C 329 -23.62 2.53 27.86
N GLY C 330 -23.03 3.61 27.37
CA GLY C 330 -22.40 4.59 28.22
C GLY C 330 -23.28 5.82 28.37
N MET C 331 -22.72 6.92 28.84
CA MET C 331 -23.48 8.15 29.03
C MET C 331 -22.70 9.37 28.58
N ALA C 332 -23.42 10.43 28.24
CA ALA C 332 -22.77 11.67 27.80
C ALA C 332 -23.59 12.85 28.28
N THR C 333 -23.11 13.48 29.35
CA THR C 333 -23.78 14.63 29.95
C THR C 333 -22.94 15.89 29.80
N THR C 334 -23.59 17.05 29.90
CA THR C 334 -22.92 18.34 29.80
C THR C 334 -22.72 18.86 31.20
N GLY C 335 -23.14 18.04 32.17
CA GLY C 335 -23.06 18.42 33.56
C GLY C 335 -24.50 18.60 34.04
N LYS C 336 -25.24 19.43 33.32
CA LYS C 336 -26.64 19.71 33.66
C LYS C 336 -27.57 18.71 32.99
N GLU C 337 -27.40 18.50 31.69
CA GLU C 337 -28.26 17.60 30.93
C GLU C 337 -27.48 16.71 29.98
N ALA C 338 -28.18 15.75 29.38
CA ALA C 338 -27.58 14.83 28.41
C ALA C 338 -27.22 15.59 27.15
N VAL C 339 -26.04 15.32 26.60
CA VAL C 339 -25.56 15.99 25.42
C VAL C 339 -26.50 15.88 24.23
N LEU C 340 -27.13 14.72 24.08
CA LEU C 340 -28.04 14.51 22.96
C LEU C 340 -29.34 15.29 23.08
N ASP C 341 -29.60 15.85 24.26
CA ASP C 341 -30.82 16.63 24.50
C ASP C 341 -30.64 18.12 24.24
N VAL C 342 -29.40 18.59 24.40
CA VAL C 342 -29.10 20.00 24.16
C VAL C 342 -29.63 20.40 22.79
N ILE C 343 -30.16 21.60 22.68
CA ILE C 343 -30.69 22.06 21.40
C ILE C 343 -29.91 23.22 20.78
N PRO C 344 -29.28 22.94 19.64
CA PRO C 344 -28.44 23.81 18.80
C PRO C 344 -29.02 25.20 18.52
N THR C 345 -28.17 26.22 18.65
CA THR C 345 -28.55 27.60 18.41
C THR C 345 -27.70 28.06 17.23
N ASP C 346 -26.40 27.85 17.38
CA ASP C 346 -25.41 28.18 16.36
C ASP C 346 -24.86 26.82 15.96
N ILE C 347 -24.31 26.68 14.76
CA ILE C 347 -23.77 25.41 14.32
C ILE C 347 -22.41 25.11 14.96
N HIS C 348 -21.62 26.16 15.17
CA HIS C 348 -20.30 26.00 15.78
C HIS C 348 -20.40 26.15 17.31
N GLN C 349 -21.62 26.06 17.80
CA GLN C 349 -21.89 26.15 19.23
C GLN C 349 -21.06 25.14 20.00
N ARG C 350 -20.55 25.54 21.16
CA ARG C 350 -19.73 24.65 21.97
C ARG C 350 -20.53 23.97 23.09
N ALA C 351 -19.90 23.00 23.76
CA ALA C 351 -20.55 22.28 24.85
C ALA C 351 -19.55 21.56 25.76
N PRO C 352 -19.91 21.42 27.05
CA PRO C 352 -19.06 20.74 28.04
C PRO C 352 -19.41 19.28 27.86
N VAL C 353 -18.43 18.40 28.04
CA VAL C 353 -18.69 16.98 27.87
C VAL C 353 -17.99 16.12 28.91
N ILE C 354 -18.73 15.14 29.40
CA ILE C 354 -18.21 14.16 30.35
C ILE C 354 -18.87 12.90 29.82
N LEU C 355 -18.09 11.92 29.39
CA LEU C 355 -18.68 10.72 28.85
C LEU C 355 -17.87 9.47 29.13
N GLY C 356 -18.48 8.32 28.88
CA GLY C 356 -17.77 7.06 29.10
C GLY C 356 -18.63 6.03 29.80
N SER C 357 -17.99 5.22 30.63
CA SER C 357 -18.70 4.18 31.38
C SER C 357 -19.76 4.81 32.26
N PRO C 358 -20.95 4.18 32.33
CA PRO C 358 -22.09 4.64 33.13
C PRO C 358 -21.70 5.04 34.55
N ASP C 359 -21.35 4.05 35.36
CA ASP C 359 -20.95 4.25 36.75
C ASP C 359 -20.07 5.48 36.93
N ASP C 360 -19.03 5.58 36.12
CA ASP C 360 -18.12 6.71 36.20
C ASP C 360 -18.80 8.05 35.92
N VAL C 361 -19.63 8.09 34.88
CA VAL C 361 -20.31 9.33 34.55
C VAL C 361 -21.30 9.66 35.65
N LEU C 362 -21.96 8.63 36.18
CA LEU C 362 -22.92 8.81 37.26
C LEU C 362 -22.20 9.26 38.51
N GLU C 363 -21.12 8.57 38.85
CA GLU C 363 -20.31 8.91 40.00
C GLU C 363 -19.87 10.35 39.88
N PHE C 364 -19.82 10.87 38.65
CA PHE C 364 -19.43 12.26 38.43
C PHE C 364 -20.61 13.14 38.81
N LEU C 365 -21.72 12.93 38.11
CA LEU C 365 -22.95 13.67 38.35
C LEU C 365 -23.25 13.69 39.84
N LYS C 366 -22.95 12.59 40.52
CA LYS C 366 -23.16 12.50 41.98
C LYS C 366 -22.49 13.72 42.58
N VAL C 367 -21.19 13.86 42.32
CA VAL C 367 -20.40 14.98 42.82
C VAL C 367 -20.89 16.30 42.24
N TYR C 368 -21.36 16.28 41.00
CA TYR C 368 -21.84 17.51 40.35
C TYR C 368 -22.99 18.15 41.12
N GLU C 369 -23.93 17.33 41.58
CA GLU C 369 -25.06 17.83 42.34
C GLU C 369 -24.55 18.41 43.65
N LYS C 370 -23.69 17.66 44.34
CA LYS C 370 -23.12 18.08 45.62
C LYS C 370 -22.66 19.53 45.58
N HIS C 371 -22.53 20.10 44.38
CA HIS C 371 -22.10 21.49 44.24
C HIS C 371 -23.12 22.24 43.37
N SER C 372 -24.34 22.01 43.55
N ASP D 46 17.34 19.48 -1.63
CA ASP D 46 17.37 18.30 -2.54
C ASP D 46 17.13 17.00 -1.77
N VAL D 47 16.14 16.23 -2.22
CA VAL D 47 15.69 14.96 -1.60
C VAL D 47 16.74 13.98 -1.07
N ASN D 48 16.43 13.38 0.07
CA ASN D 48 17.31 12.40 0.68
C ASN D 48 16.51 11.37 1.47
N THR D 49 17.07 10.17 1.60
CA THR D 49 16.43 9.08 2.31
C THR D 49 17.30 8.55 3.44
N LEU D 50 16.70 7.78 4.34
CA LEU D 50 17.43 7.20 5.46
C LEU D 50 18.61 6.38 4.96
N THR D 51 18.39 5.64 3.88
CA THR D 51 19.46 4.82 3.32
C THR D 51 20.53 5.69 2.66
N ARG D 52 20.11 6.51 1.71
CA ARG D 52 21.05 7.39 1.03
C ARG D 52 21.83 8.15 2.06
N PHE D 53 21.10 8.68 3.05
CA PHE D 53 21.71 9.46 4.12
C PHE D 53 22.71 8.67 5.00
N VAL D 54 22.37 7.45 5.37
CA VAL D 54 23.26 6.67 6.21
C VAL D 54 24.51 6.24 5.46
N MET D 55 24.38 5.81 4.21
CA MET D 55 25.56 5.37 3.49
C MET D 55 26.40 6.53 2.98
N GLU D 56 25.93 7.75 3.18
CA GLU D 56 26.69 8.93 2.78
C GLU D 56 27.54 9.31 3.98
N GLU D 57 27.02 9.08 5.17
CA GLU D 57 27.73 9.37 6.42
C GLU D 57 28.81 8.32 6.60
N GLY D 58 28.43 7.07 6.38
CA GLY D 58 29.38 6.00 6.51
C GLY D 58 30.50 6.13 5.49
N ARG D 59 30.11 6.40 4.26
CA ARG D 59 31.06 6.53 3.17
C ARG D 59 31.90 7.79 3.33
N LYS D 60 31.38 8.80 4.03
CA LYS D 60 32.13 10.02 4.26
C LYS D 60 33.13 9.85 5.39
N ALA D 61 32.75 9.07 6.41
CA ALA D 61 33.63 8.79 7.54
C ALA D 61 34.54 7.64 7.15
N ARG D 62 34.57 7.39 5.84
CA ARG D 62 35.37 6.32 5.24
C ARG D 62 35.40 5.11 6.16
N GLY D 63 34.23 4.76 6.70
CA GLY D 63 34.12 3.64 7.62
C GLY D 63 34.06 2.29 6.93
N THR D 64 33.80 1.26 7.72
CA THR D 64 33.73 -0.10 7.21
C THR D 64 32.47 -0.26 6.38
N GLY D 65 31.35 0.05 7.01
CA GLY D 65 30.06 -0.09 6.37
C GLY D 65 29.25 -1.01 7.26
N GLU D 66 29.88 -1.49 8.32
CA GLU D 66 29.20 -2.38 9.23
C GLU D 66 28.03 -1.69 9.91
N LEU D 67 28.24 -0.45 10.35
CA LEU D 67 27.16 0.27 11.01
C LEU D 67 26.02 0.50 10.00
N THR D 68 26.39 0.84 8.77
CA THR D 68 25.41 1.07 7.71
C THR D 68 24.54 -0.18 7.48
N GLN D 69 25.18 -1.35 7.31
CA GLN D 69 24.43 -2.58 7.13
C GLN D 69 23.47 -2.80 8.31
N LEU D 70 23.96 -2.55 9.51
CA LEU D 70 23.18 -2.70 10.73
C LEU D 70 21.93 -1.81 10.65
N LEU D 71 22.14 -0.51 10.45
CA LEU D 71 21.03 0.42 10.36
C LEU D 71 20.04 0.06 9.27
N ASN D 72 20.53 -0.24 8.07
CA ASN D 72 19.67 -0.63 6.96
C ASN D 72 18.78 -1.81 7.34
N SER D 73 19.36 -2.78 8.02
CA SER D 73 18.61 -3.95 8.45
C SER D 73 17.51 -3.57 9.44
N LEU D 74 17.83 -2.61 10.31
CA LEU D 74 16.88 -2.15 11.31
C LEU D 74 15.74 -1.45 10.60
N CYS D 75 16.10 -0.69 9.56
CA CYS D 75 15.14 0.05 8.74
C CYS D 75 14.11 -0.88 8.07
N THR D 76 14.61 -1.98 7.50
CA THR D 76 13.74 -2.97 6.86
C THR D 76 12.78 -3.50 7.92
N ALA D 77 13.31 -3.90 9.07
CA ALA D 77 12.49 -4.43 10.16
C ALA D 77 11.36 -3.48 10.57
N VAL D 78 11.67 -2.18 10.67
CA VAL D 78 10.70 -1.17 11.04
C VAL D 78 9.58 -1.10 10.02
N LYS D 79 9.93 -1.08 8.74
CA LYS D 79 8.94 -1.04 7.67
C LYS D 79 8.00 -2.25 7.74
N ALA D 80 8.56 -3.41 8.08
CA ALA D 80 7.79 -4.63 8.20
C ALA D 80 6.91 -4.53 9.42
N ILE D 81 7.43 -3.96 10.51
CA ILE D 81 6.63 -3.80 11.72
C ILE D 81 5.52 -2.78 11.48
N SER D 82 5.87 -1.65 10.87
CA SER D 82 4.89 -0.60 10.58
C SER D 82 3.71 -1.19 9.78
N SER D 83 4.02 -2.05 8.81
CA SER D 83 3.01 -2.70 7.99
C SER D 83 2.10 -3.55 8.85
N ALA D 84 2.67 -4.27 9.81
CA ALA D 84 1.89 -5.12 10.71
C ALA D 84 1.06 -4.34 11.70
N VAL D 85 1.63 -3.26 12.21
CA VAL D 85 0.95 -2.43 13.18
C VAL D 85 -0.31 -1.79 12.60
N ARG D 86 -0.27 -1.44 11.30
CA ARG D 86 -1.42 -0.82 10.63
C ARG D 86 -2.45 -1.83 10.15
N LYS D 87 -2.25 -3.10 10.51
CA LYS D 87 -3.15 -4.18 10.16
C LYS D 87 -3.12 -4.55 8.70
N ALA D 88 -1.91 -4.74 8.20
CA ALA D 88 -1.63 -5.11 6.83
C ALA D 88 -2.70 -6.00 6.24
N GLY D 89 -2.61 -7.30 6.48
CA GLY D 89 -3.60 -8.21 5.91
C GLY D 89 -4.60 -8.76 6.90
N ILE D 90 -5.06 -7.90 7.81
CA ILE D 90 -6.00 -8.33 8.83
C ILE D 90 -7.27 -9.02 8.29
N ALA D 91 -7.61 -8.77 7.03
CA ALA D 91 -8.80 -9.36 6.45
C ALA D 91 -8.67 -10.87 6.36
N HIS D 92 -7.43 -11.32 6.21
CA HIS D 92 -7.18 -12.75 6.11
C HIS D 92 -7.37 -13.43 7.44
N LEU D 93 -7.00 -12.75 8.53
CA LEU D 93 -7.17 -13.33 9.85
C LEU D 93 -8.65 -13.53 10.11
N TYR D 94 -9.47 -12.73 9.45
CA TYR D 94 -10.93 -12.80 9.64
C TYR D 94 -11.67 -13.61 8.59
N GLY D 95 -10.96 -14.60 8.04
CA GLY D 95 -11.49 -15.52 7.05
C GLY D 95 -12.02 -14.97 5.74
N ILE D 96 -11.25 -14.08 5.12
CA ILE D 96 -11.67 -13.50 3.87
C ILE D 96 -11.55 -14.58 2.79
N ALA D 97 -10.70 -15.56 3.05
CA ALA D 97 -10.50 -16.64 2.10
C ALA D 97 -10.94 -17.97 2.69
N GLY D 98 -11.37 -17.97 3.94
CA GLY D 98 -11.82 -19.23 4.53
C GLY D 98 -11.54 -19.49 6.00
N SER D 99 -10.27 -19.63 6.37
CA SER D 99 -9.92 -19.91 7.76
C SER D 99 -9.25 -18.74 8.45
N LYS D 109 0.47 -11.18 20.04
CA LYS D 109 1.17 -11.88 18.97
C LYS D 109 1.88 -10.90 18.05
N LEU D 110 1.54 -9.62 18.17
CA LEU D 110 2.18 -8.58 17.38
C LEU D 110 3.45 -8.18 18.11
N ASP D 111 3.44 -8.40 19.43
CA ASP D 111 4.58 -8.10 20.29
C ASP D 111 5.69 -9.04 19.84
N VAL D 112 5.29 -10.28 19.57
CA VAL D 112 6.21 -11.33 19.13
C VAL D 112 6.78 -11.13 17.72
N LEU D 113 5.89 -10.94 16.75
CA LEU D 113 6.29 -10.71 15.38
C LEU D 113 7.35 -9.61 15.26
N SER D 114 7.12 -8.51 15.98
CA SER D 114 8.05 -7.38 15.97
C SER D 114 9.43 -7.80 16.44
N ASN D 115 9.46 -8.54 17.54
CA ASN D 115 10.71 -9.00 18.12
C ASN D 115 11.43 -9.86 17.10
N ASP D 116 10.69 -10.76 16.46
CA ASP D 116 11.27 -11.65 15.47
C ASP D 116 11.82 -10.87 14.29
N LEU D 117 11.08 -9.88 13.84
CA LEU D 117 11.55 -9.06 12.73
C LEU D 117 12.91 -8.43 13.10
N VAL D 118 12.92 -7.65 14.17
CA VAL D 118 14.16 -7.01 14.60
C VAL D 118 15.23 -8.04 14.92
N MET D 119 14.84 -9.07 15.67
CA MET D 119 15.76 -10.13 16.04
C MET D 119 16.39 -10.73 14.80
N ASN D 120 15.55 -11.25 13.90
CA ASN D 120 16.05 -11.88 12.67
C ASN D 120 16.80 -10.91 11.79
N MET D 121 16.21 -9.76 11.51
CA MET D 121 16.87 -8.79 10.66
C MET D 121 18.25 -8.34 11.15
N LEU D 122 18.46 -8.31 12.47
CA LEU D 122 19.74 -7.90 13.05
C LEU D 122 20.78 -9.01 13.02
N LYS D 123 20.37 -10.24 13.29
CA LYS D 123 21.30 -11.37 13.26
C LYS D 123 21.78 -11.48 11.82
N SER D 124 20.84 -11.30 10.89
CA SER D 124 21.08 -11.38 9.46
C SER D 124 22.01 -10.30 8.91
N SER D 125 22.21 -9.21 9.65
CA SER D 125 23.08 -8.12 9.17
C SER D 125 24.59 -8.38 9.23
N PHE D 126 24.99 -9.29 10.11
CA PHE D 126 26.40 -9.62 10.26
C PHE D 126 27.15 -8.44 10.85
N ALA D 127 26.45 -7.65 11.67
CA ALA D 127 27.04 -6.48 12.29
C ALA D 127 26.76 -6.49 13.79
N THR D 128 26.05 -7.52 14.25
CA THR D 128 25.71 -7.67 15.66
C THR D 128 26.33 -8.93 16.24
N CYS D 129 26.57 -8.92 17.55
CA CYS D 129 27.14 -10.06 18.24
C CYS D 129 26.32 -10.37 19.48
N VAL D 130 25.89 -9.33 20.18
CA VAL D 130 25.06 -9.51 21.36
C VAL D 130 23.84 -8.62 21.23
N LEU D 131 22.66 -9.21 21.42
CA LEU D 131 21.41 -8.47 21.29
C LEU D 131 20.54 -8.60 22.53
N VAL D 132 20.09 -7.47 23.06
CA VAL D 132 19.22 -7.46 24.23
C VAL D 132 17.88 -6.91 23.79
N SER D 133 16.80 -7.54 24.25
CA SER D 133 15.46 -7.11 23.88
C SER D 133 14.48 -7.21 25.03
N GLU D 134 13.59 -6.24 25.16
CA GLU D 134 12.61 -6.27 26.24
C GLU D 134 11.86 -7.59 26.22
N GLU D 135 11.81 -8.23 25.04
CA GLU D 135 11.09 -9.48 24.89
C GLU D 135 11.87 -10.75 25.22
N ASP D 136 13.16 -10.65 25.52
CA ASP D 136 13.95 -11.84 25.84
C ASP D 136 14.61 -11.75 27.21
N LYS D 137 14.27 -12.71 28.07
CA LYS D 137 14.79 -12.76 29.44
C LYS D 137 16.31 -12.64 29.48
N HIS D 138 16.99 -13.19 28.49
CA HIS D 138 18.44 -13.13 28.44
C HIS D 138 18.94 -12.48 27.17
N ALA D 139 20.17 -12.00 27.19
CA ALA D 139 20.73 -11.39 26.00
C ALA D 139 20.82 -12.52 25.01
N ILE D 140 20.85 -12.19 23.73
CA ILE D 140 20.92 -13.20 22.70
C ILE D 140 22.31 -13.12 22.10
N ILE D 141 23.00 -14.26 22.02
CA ILE D 141 24.33 -14.24 21.44
C ILE D 141 24.29 -14.72 19.98
N VAL D 142 24.56 -13.78 19.08
CA VAL D 142 24.56 -14.05 17.65
C VAL D 142 25.49 -15.20 17.31
N GLU D 143 25.05 -16.04 16.36
CA GLU D 143 25.86 -17.18 15.92
C GLU D 143 27.21 -16.67 15.42
N PRO D 144 28.28 -17.44 15.64
CA PRO D 144 29.64 -17.11 15.24
C PRO D 144 29.81 -16.60 13.80
N GLU D 145 29.18 -17.27 12.85
CA GLU D 145 29.29 -16.90 11.44
C GLU D 145 28.61 -15.58 11.14
N LYS D 146 27.65 -15.22 11.99
CA LYS D 146 26.88 -14.00 11.83
C LYS D 146 27.30 -12.84 12.74
N ARG D 147 28.44 -12.96 13.41
CA ARG D 147 28.89 -11.92 14.33
C ARG D 147 29.47 -10.64 13.76
N GLY D 148 29.10 -9.53 14.39
CA GLY D 148 29.57 -8.24 13.99
C GLY D 148 30.09 -7.56 15.24
N LYS D 149 30.69 -6.38 15.11
CA LYS D 149 31.24 -5.68 16.26
C LYS D 149 30.23 -4.88 17.09
N TYR D 150 28.95 -4.90 16.75
CA TYR D 150 27.98 -4.10 17.48
C TYR D 150 27.04 -4.85 18.42
N VAL D 151 26.70 -4.20 19.53
CA VAL D 151 25.78 -4.77 20.52
C VAL D 151 24.51 -3.90 20.44
N VAL D 152 23.36 -4.53 20.26
CA VAL D 152 22.14 -3.74 20.14
C VAL D 152 21.07 -4.03 21.18
N CYS D 153 20.51 -2.96 21.73
CA CYS D 153 19.45 -3.06 22.72
C CYS D 153 18.23 -2.44 22.09
N PHE D 154 17.11 -3.14 22.20
CA PHE D 154 15.90 -2.63 21.59
C PHE D 154 14.60 -3.08 22.21
N ASP D 155 13.56 -2.29 21.97
CA ASP D 155 12.20 -2.58 22.43
C ASP D 155 11.46 -2.74 21.10
N PRO D 156 11.27 -3.99 20.65
CA PRO D 156 10.59 -4.28 19.39
C PRO D 156 9.30 -3.48 19.20
N LEU D 157 8.49 -3.44 20.24
CA LEU D 157 7.24 -2.70 20.20
C LEU D 157 6.96 -2.23 21.62
N ASP D 158 6.77 -0.93 21.77
CA ASP D 158 6.53 -0.31 23.06
C ASP D 158 5.12 0.28 23.06
N GLY D 159 4.43 0.10 24.20
CA GLY D 159 3.06 0.58 24.33
C GLY D 159 2.14 -0.45 23.72
N SER D 160 2.70 -1.61 23.43
CA SER D 160 1.99 -2.72 22.81
C SER D 160 0.69 -3.11 23.51
N SER D 161 0.75 -3.30 24.81
CA SER D 161 -0.41 -3.68 25.60
C SER D 161 -1.60 -2.76 25.34
N ASN D 162 -1.32 -1.49 25.07
CA ASN D 162 -2.37 -0.50 24.80
C ASN D 162 -2.69 -0.38 23.31
N ILE D 163 -2.33 -1.40 22.52
CA ILE D 163 -2.57 -1.34 21.09
C ILE D 163 -4.01 -1.74 20.69
N ASP D 164 -4.81 -2.12 21.69
CA ASP D 164 -6.20 -2.50 21.46
C ASP D 164 -7.00 -1.24 21.12
N CYS D 165 -6.55 -0.12 21.67
CA CYS D 165 -7.21 1.16 21.45
C CYS D 165 -6.46 1.95 20.38
N LEU D 166 -5.68 1.25 19.57
CA LEU D 166 -4.92 1.86 18.47
C LEU D 166 -4.10 3.09 18.87
N VAL D 167 -3.44 3.01 20.02
CA VAL D 167 -2.63 4.11 20.48
C VAL D 167 -1.28 4.01 19.80
N SER D 168 -0.65 5.14 19.54
CA SER D 168 0.65 5.17 18.89
C SER D 168 1.58 4.22 19.63
N VAL D 169 2.30 3.39 18.89
CA VAL D 169 3.25 2.47 19.48
C VAL D 169 4.55 2.80 18.81
N GLY D 170 5.63 2.12 19.20
CA GLY D 170 6.89 2.44 18.57
C GLY D 170 7.99 1.47 18.86
N THR D 171 9.08 1.61 18.14
CA THR D 171 10.23 0.76 18.33
C THR D 171 11.36 1.65 18.79
N ILE D 172 12.03 1.24 19.87
CA ILE D 172 13.14 2.00 20.42
C ILE D 172 14.37 1.14 20.23
N PHE D 173 15.53 1.79 20.09
CA PHE D 173 16.76 1.04 19.91
C PHE D 173 18.03 1.81 20.29
N GLY D 174 19.01 1.04 20.75
CA GLY D 174 20.29 1.59 21.13
C GLY D 174 21.39 0.71 20.57
N ILE D 175 22.43 1.35 20.06
CA ILE D 175 23.55 0.64 19.47
C ILE D 175 24.87 1.03 20.11
N TYR D 176 25.54 0.04 20.72
CA TYR D 176 26.83 0.23 21.37
C TYR D 176 27.84 -0.58 20.60
N ARG D 177 29.12 -0.24 20.76
CA ARG D 177 30.17 -0.99 20.10
C ARG D 177 30.63 -1.95 21.18
N LYS D 178 30.77 -3.24 20.84
CA LYS D 178 31.23 -4.24 21.81
C LYS D 178 32.58 -3.78 22.36
N LYS D 179 32.77 -3.92 23.67
CA LYS D 179 34.01 -3.48 24.30
C LYS D 179 35.05 -4.56 24.56
N SER D 180 34.80 -5.40 25.55
CA SER D 180 35.74 -6.47 25.90
C SER D 180 35.96 -7.45 24.76
N THR D 181 37.20 -7.93 24.64
CA THR D 181 37.52 -8.88 23.59
C THR D 181 37.25 -10.31 24.03
N ASP D 182 36.47 -10.45 25.10
CA ASP D 182 36.10 -11.76 25.61
C ASP D 182 35.08 -12.34 24.61
N GLU D 183 34.43 -13.44 24.98
CA GLU D 183 33.43 -14.03 24.11
C GLU D 183 32.20 -13.15 24.27
N PRO D 184 31.51 -12.80 23.15
CA PRO D 184 30.32 -11.96 23.31
C PRO D 184 29.33 -12.57 24.31
N SER D 185 28.97 -11.79 25.31
CA SER D 185 28.05 -12.26 26.34
C SER D 185 27.18 -11.12 26.84
N GLU D 186 26.20 -11.44 27.69
CA GLU D 186 25.29 -10.45 28.23
C GLU D 186 26.04 -9.26 28.84
N LYS D 187 27.25 -9.52 29.32
CA LYS D 187 28.08 -8.48 29.92
C LYS D 187 28.32 -7.31 28.96
N ASP D 188 28.58 -7.63 27.69
CA ASP D 188 28.85 -6.64 26.64
C ASP D 188 27.73 -5.64 26.46
N ALA D 189 26.56 -5.97 26.97
CA ALA D 189 25.38 -5.10 26.87
C ALA D 189 25.25 -4.13 28.05
N LEU D 190 26.09 -4.30 29.06
CA LEU D 190 26.01 -3.45 30.24
C LEU D 190 26.80 -2.14 30.17
N GLN D 191 26.85 -1.53 29.00
CA GLN D 191 27.55 -0.26 28.84
C GLN D 191 26.56 0.86 29.19
N PRO D 192 27.07 2.02 29.64
CA PRO D 192 26.22 3.15 30.00
C PRO D 192 25.79 3.91 28.73
N GLY D 193 24.58 4.47 28.76
CA GLY D 193 24.08 5.20 27.61
C GLY D 193 25.07 6.17 27.00
N ARG D 194 26.10 6.51 27.78
CA ARG D 194 27.11 7.45 27.31
C ARG D 194 27.98 6.82 26.23
N ASN D 195 27.93 5.49 26.15
CA ASN D 195 28.72 4.75 25.15
C ASN D 195 28.00 4.48 23.82
N LEU D 196 26.82 5.04 23.68
CA LEU D 196 26.06 4.84 22.46
C LEU D 196 26.78 5.34 21.22
N VAL D 197 26.60 4.60 20.12
CA VAL D 197 27.19 4.90 18.82
C VAL D 197 26.12 5.51 17.96
N ALA D 198 24.88 5.13 18.27
CA ALA D 198 23.69 5.62 17.58
C ALA D 198 22.49 5.06 18.33
N ALA D 199 21.40 5.82 18.32
CA ALA D 199 20.19 5.38 18.97
C ALA D 199 19.03 6.10 18.30
N GLY D 200 17.82 5.68 18.63
CA GLY D 200 16.69 6.31 18.00
C GLY D 200 15.47 5.45 18.19
N TYR D 201 14.39 5.85 17.52
CA TYR D 201 13.16 5.11 17.63
C TYR D 201 12.30 5.34 16.39
N ALA D 202 11.32 4.46 16.23
CA ALA D 202 10.38 4.55 15.13
C ALA D 202 9.02 4.71 15.80
N LEU D 203 8.30 5.74 15.39
CA LEU D 203 7.00 6.01 15.95
C LEU D 203 5.91 5.63 14.95
N TYR D 204 5.02 4.72 15.34
CA TYR D 204 3.93 4.31 14.46
C TYR D 204 2.67 5.05 14.90
N GLY D 205 2.60 6.34 14.58
CA GLY D 205 1.44 7.15 14.95
C GLY D 205 0.54 7.46 13.77
N SER D 206 0.10 8.71 13.65
CA SER D 206 -0.77 9.11 12.54
C SER D 206 -0.07 8.74 11.23
N ALA D 207 1.25 8.69 11.31
CA ALA D 207 2.09 8.34 10.19
C ALA D 207 3.32 7.66 10.83
N THR D 208 4.14 6.99 10.04
CA THR D 208 5.30 6.33 10.62
C THR D 208 6.60 7.11 10.39
N MET D 209 7.18 7.57 11.49
CA MET D 209 8.44 8.31 11.41
C MET D 209 9.56 7.58 12.15
N LEU D 210 10.78 7.83 11.69
CA LEU D 210 11.93 7.23 12.30
C LEU D 210 12.91 8.33 12.68
N VAL D 211 13.15 8.44 13.98
CA VAL D 211 14.06 9.45 14.49
C VAL D 211 15.39 8.77 14.76
N LEU D 212 16.44 9.25 14.10
CA LEU D 212 17.78 8.68 14.26
C LEU D 212 18.77 9.68 14.81
N ALA D 213 19.37 9.32 15.94
CA ALA D 213 20.35 10.18 16.60
C ALA D 213 21.70 9.51 16.62
N MET D 214 22.69 10.21 16.08
CA MET D 214 24.06 9.72 16.05
C MET D 214 24.91 10.88 16.52
N ASP D 215 26.21 10.66 16.63
CA ASP D 215 27.12 11.70 17.09
C ASP D 215 26.91 12.99 16.29
N CYS D 216 26.58 12.84 15.00
CA CYS D 216 26.35 13.99 14.12
C CYS D 216 25.02 14.71 14.30
N GLY D 217 24.25 14.36 15.32
CA GLY D 217 22.98 15.03 15.55
C GLY D 217 21.76 14.14 15.39
N VAL D 218 20.57 14.73 15.44
CA VAL D 218 19.35 13.96 15.30
C VAL D 218 18.59 14.32 14.02
N ASN D 219 18.21 13.31 13.25
CA ASN D 219 17.47 13.53 12.00
C ASN D 219 16.18 12.72 11.97
N CYS D 220 15.14 13.34 11.44
CA CYS D 220 13.84 12.66 11.35
C CYS D 220 13.48 12.28 9.91
N PHE D 221 13.05 11.03 9.74
CA PHE D 221 12.65 10.52 8.42
C PHE D 221 11.20 10.04 8.43
N MET D 222 10.42 10.55 7.48
CA MET D 222 9.02 10.16 7.37
C MET D 222 8.96 8.96 6.44
N LEU D 223 8.11 7.99 6.78
CA LEU D 223 7.99 6.81 5.93
C LEU D 223 6.94 6.99 4.85
N ASP D 224 7.38 7.03 3.60
CA ASP D 224 6.41 7.16 2.52
C ASP D 224 5.99 5.72 2.26
N PRO D 225 4.75 5.37 2.64
CA PRO D 225 4.20 4.03 2.46
C PRO D 225 3.93 3.66 1.01
N ALA D 226 3.77 4.66 0.16
CA ALA D 226 3.48 4.46 -1.27
C ALA D 226 4.69 3.90 -2.05
N ILE D 227 5.89 4.20 -1.57
CA ILE D 227 7.10 3.71 -2.22
C ILE D 227 8.05 3.05 -1.22
N GLY D 228 7.55 2.83 0.00
CA GLY D 228 8.31 2.18 1.06
C GLY D 228 9.71 2.74 1.25
N GLU D 229 9.81 4.05 1.37
CA GLU D 229 11.09 4.71 1.55
C GLU D 229 10.96 5.71 2.71
N PHE D 230 12.02 5.86 3.49
CA PHE D 230 12.05 6.81 4.60
C PHE D 230 12.63 8.14 4.08
N ILE D 231 11.80 9.18 3.98
CA ILE D 231 12.28 10.47 3.48
C ILE D 231 12.70 11.44 4.58
N LEU D 232 13.89 12.00 4.46
CA LEU D 232 14.41 12.93 5.45
C LEU D 232 13.61 14.22 5.41
N VAL D 233 12.81 14.46 6.45
CA VAL D 233 11.98 15.66 6.50
C VAL D 233 12.28 16.70 7.59
N ASP D 234 13.24 16.40 8.47
CA ASP D 234 13.65 17.31 9.56
C ASP D 234 15.13 17.07 9.82
N LYS D 235 15.98 17.84 9.15
CA LYS D 235 17.43 17.70 9.26
C LYS D 235 17.97 18.26 10.58
N ASP D 236 18.98 17.59 11.11
CA ASP D 236 19.62 17.95 12.39
C ASP D 236 18.72 18.72 13.34
N VAL D 237 17.77 17.99 13.91
CA VAL D 237 16.82 18.55 14.85
C VAL D 237 17.41 19.01 16.20
N LYS D 238 16.77 20.03 16.78
CA LYS D 238 17.16 20.59 18.08
C LYS D 238 15.89 20.95 18.86
N ILE D 239 15.84 20.59 20.14
CA ILE D 239 14.66 20.85 20.96
C ILE D 239 14.57 22.26 21.55
N LYS D 240 13.34 22.75 21.76
CA LYS D 240 13.13 24.08 22.35
C LYS D 240 13.78 24.17 23.72
N LYS D 241 14.31 25.36 24.05
CA LYS D 241 14.96 25.56 25.35
C LYS D 241 13.92 25.33 26.46
N LYS D 242 12.75 25.95 26.31
CA LYS D 242 11.69 25.78 27.29
C LYS D 242 10.41 25.43 26.54
N GLY D 243 9.61 24.54 27.12
CA GLY D 243 8.36 24.16 26.49
C GLY D 243 7.16 24.60 27.31
N LYS D 244 5.96 24.26 26.86
CA LYS D 244 4.73 24.63 27.58
C LYS D 244 3.84 23.42 27.83
N ILE D 245 4.46 22.26 27.98
CA ILE D 245 3.72 21.01 28.21
C ILE D 245 4.47 20.03 29.13
N TYR D 246 3.76 19.47 30.10
CA TYR D 246 4.36 18.48 31.00
C TYR D 246 3.61 17.17 30.80
N SER D 247 4.35 16.08 30.62
CA SER D 247 3.75 14.78 30.40
C SER D 247 4.11 13.71 31.43
N LEU D 248 3.09 13.17 32.11
CA LEU D 248 3.31 12.12 33.09
C LEU D 248 1.96 11.55 33.53
N ASN D 249 1.99 10.40 34.22
CA ASN D 249 0.76 9.76 34.69
C ASN D 249 0.40 10.29 36.09
N GLU D 250 -0.55 11.21 36.16
CA GLU D 250 -0.94 11.79 37.44
C GLU D 250 -1.87 10.93 38.28
N GLY D 251 -2.04 9.67 37.89
CA GLY D 251 -2.90 8.79 38.66
C GLY D 251 -2.12 8.32 39.87
N TYR D 252 -0.81 8.36 39.72
CA TYR D 252 0.10 7.95 40.78
C TYR D 252 0.47 9.22 41.53
N ALA D 253 -0.48 10.15 41.63
CA ALA D 253 -0.26 11.41 42.34
C ALA D 253 -0.06 11.08 43.80
N LYS D 254 -0.73 10.01 44.22
CA LYS D 254 -0.68 9.54 45.60
C LYS D 254 0.72 9.10 46.04
N ASP D 255 1.52 8.56 45.13
CA ASP D 255 2.86 8.08 45.46
C ASP D 255 4.03 8.99 45.06
N PHE D 256 3.73 10.15 44.48
CA PHE D 256 4.80 11.05 44.07
C PHE D 256 5.66 11.51 45.23
N ASP D 257 6.98 11.40 45.08
CA ASP D 257 7.82 11.88 46.16
C ASP D 257 7.60 13.40 46.15
N PRO D 258 7.86 14.07 47.26
CA PRO D 258 7.68 15.51 47.37
C PRO D 258 8.15 16.36 46.18
N ALA D 259 9.39 16.14 45.74
CA ALA D 259 9.97 16.91 44.63
C ALA D 259 9.06 16.96 43.40
N VAL D 260 8.58 15.79 42.98
CA VAL D 260 7.71 15.70 41.83
C VAL D 260 6.39 16.43 42.06
N THR D 261 5.75 16.16 43.18
CA THR D 261 4.48 16.81 43.47
C THR D 261 4.64 18.32 43.44
N GLU D 262 5.73 18.83 44.01
CA GLU D 262 5.95 20.27 44.03
C GLU D 262 6.16 20.80 42.62
N TYR D 263 6.92 20.09 41.80
CA TYR D 263 7.16 20.53 40.43
C TYR D 263 5.87 20.63 39.61
N ILE D 264 5.09 19.56 39.62
CA ILE D 264 3.82 19.55 38.88
C ILE D 264 2.94 20.71 39.32
N GLN D 265 2.97 21.00 40.61
CA GLN D 265 2.20 22.09 41.20
C GLN D 265 2.58 23.42 40.58
N ARG D 266 3.89 23.61 40.36
CA ARG D 266 4.39 24.84 39.79
C ARG D 266 4.02 24.98 38.31
N LYS D 267 3.55 23.88 37.70
CA LYS D 267 3.15 23.92 36.30
C LYS D 267 1.65 24.23 36.18
N LYS D 268 0.84 23.59 37.01
CA LYS D 268 -0.61 23.83 37.00
C LYS D 268 -0.93 25.24 37.52
N PHE D 269 -0.15 25.65 38.52
CA PHE D 269 -0.30 26.97 39.15
C PHE D 269 1.04 27.68 39.14
N PRO D 270 1.46 28.19 37.98
CA PRO D 270 2.76 28.87 37.94
C PRO D 270 2.83 29.94 39.02
N PRO D 271 3.92 29.92 39.83
CA PRO D 271 4.14 30.87 40.92
C PRO D 271 4.30 32.29 40.43
N ASP D 272 4.99 32.47 39.30
CA ASP D 272 5.17 33.80 38.75
C ASP D 272 3.89 34.22 38.04
N ASN D 273 2.78 33.65 38.51
CA ASN D 273 1.45 33.92 37.98
C ASN D 273 1.43 34.07 36.47
N SER D 274 2.14 33.17 35.79
CA SER D 274 2.19 33.17 34.35
C SER D 274 1.14 32.17 33.88
N ALA D 275 1.24 31.72 32.64
CA ALA D 275 0.27 30.78 32.10
C ALA D 275 0.65 29.37 32.48
N PRO D 276 -0.33 28.52 32.77
CA PRO D 276 -0.02 27.14 33.14
C PRO D 276 0.46 26.36 31.93
N TYR D 277 1.04 25.20 32.20
CA TYR D 277 1.52 24.31 31.16
C TYR D 277 0.30 23.45 30.80
N GLY D 278 0.35 22.79 29.64
CA GLY D 278 -0.75 21.94 29.27
C GLY D 278 -0.38 20.51 29.62
N ALA D 279 -1.35 19.69 29.98
CA ALA D 279 -1.05 18.30 30.33
C ALA D 279 -1.26 17.41 29.10
N ARG D 280 -0.42 16.39 28.98
CA ARG D 280 -0.50 15.46 27.86
C ARG D 280 0.21 14.18 28.26
N TYR D 281 -0.47 13.06 28.11
CA TYR D 281 0.15 11.79 28.45
C TYR D 281 -0.59 10.70 27.66
N VAL D 282 0.11 10.16 26.67
CA VAL D 282 -0.45 9.12 25.81
C VAL D 282 -0.30 7.74 26.45
N GLY D 283 0.72 7.59 27.30
CA GLY D 283 0.94 6.32 27.95
C GLY D 283 1.99 5.53 27.20
N SER D 284 2.08 5.75 25.90
CA SER D 284 3.09 5.08 25.10
C SER D 284 4.29 6.01 25.03
N MET D 285 5.36 5.63 25.71
CA MET D 285 6.55 6.47 25.75
C MET D 285 6.96 7.09 24.41
N VAL D 286 7.26 6.26 23.42
CA VAL D 286 7.67 6.77 22.11
C VAL D 286 6.85 7.96 21.67
N ALA D 287 5.53 7.84 21.78
CA ALA D 287 4.65 8.93 21.39
C ALA D 287 4.87 10.19 22.25
N ASP D 288 4.87 10.02 23.57
CA ASP D 288 5.07 11.14 24.50
C ASP D 288 6.45 11.80 24.31
N VAL D 289 7.51 11.00 24.33
CA VAL D 289 8.83 11.55 24.16
C VAL D 289 8.94 12.29 22.83
N HIS D 290 8.33 11.74 21.79
CA HIS D 290 8.40 12.38 20.47
C HIS D 290 7.71 13.75 20.47
N ARG D 291 6.54 13.84 21.10
CA ARG D 291 5.83 15.11 21.21
C ARG D 291 6.70 16.11 21.97
N THR D 292 7.39 15.61 23.00
CA THR D 292 8.27 16.43 23.81
C THR D 292 9.37 16.99 22.93
N LEU D 293 9.89 16.16 22.04
CA LEU D 293 10.94 16.57 21.13
C LEU D 293 10.49 17.57 20.07
N VAL D 294 9.24 17.45 19.62
CA VAL D 294 8.70 18.34 18.59
C VAL D 294 8.17 19.66 19.15
N TYR D 295 7.27 19.59 20.12
CA TYR D 295 6.70 20.79 20.70
C TYR D 295 7.49 21.34 21.88
N GLY D 296 8.38 20.52 22.43
CA GLY D 296 9.17 20.95 23.58
C GLY D 296 8.37 20.72 24.84
N GLY D 297 9.04 20.70 25.99
CA GLY D 297 8.34 20.47 27.22
C GLY D 297 9.10 19.49 28.07
N ILE D 298 8.38 18.77 28.91
CA ILE D 298 9.01 17.81 29.80
C ILE D 298 8.18 16.54 29.94
N PHE D 299 8.86 15.40 29.96
CA PHE D 299 8.21 14.10 30.12
C PHE D 299 8.77 13.50 31.41
N LEU D 300 7.90 12.93 32.25
CA LEU D 300 8.35 12.35 33.52
C LEU D 300 7.78 10.97 33.82
N TYR D 301 8.63 10.09 34.31
CA TYR D 301 8.21 8.75 34.72
C TYR D 301 9.16 8.40 35.84
N PRO D 302 9.01 9.10 36.98
CA PRO D 302 9.77 9.00 38.22
C PRO D 302 9.48 7.80 39.10
N ALA D 303 10.35 7.64 40.09
CA ALA D 303 10.25 6.56 41.05
C ALA D 303 9.14 6.93 42.03
N ASN D 304 8.61 5.93 42.73
CA ASN D 304 7.53 6.18 43.69
C ASN D 304 7.45 5.17 44.83
N LYS D 305 6.24 4.66 45.03
CA LYS D 305 5.96 3.66 46.05
C LYS D 305 6.39 2.31 45.50
N LYS D 306 6.17 2.13 44.20
CA LYS D 306 6.54 0.89 43.53
C LYS D 306 8.06 0.85 43.46
N SER D 307 8.60 0.69 42.26
CA SER D 307 10.05 0.63 42.13
C SER D 307 10.66 2.02 42.22
N PRO D 308 11.54 2.23 43.20
CA PRO D 308 12.22 3.50 43.42
C PRO D 308 13.27 3.73 42.33
N ASN D 309 13.27 2.86 41.33
CA ASN D 309 14.20 2.97 40.21
C ASN D 309 13.38 3.19 38.97
N GLY D 310 12.14 3.64 39.15
CA GLY D 310 11.26 3.89 38.02
C GLY D 310 10.65 2.61 37.46
N LYS D 311 9.92 2.74 36.36
CA LYS D 311 9.30 1.58 35.74
C LYS D 311 9.92 1.30 34.38
N LEU D 312 10.37 2.35 33.70
CA LEU D 312 10.98 2.20 32.39
C LEU D 312 12.30 1.44 32.48
N ARG D 313 12.63 0.67 31.44
CA ARG D 313 13.86 -0.11 31.40
C ARG D 313 14.98 0.81 30.98
N LEU D 314 16.12 0.71 31.64
CA LEU D 314 17.24 1.59 31.32
C LEU D 314 17.93 1.32 29.97
N LEU D 315 18.33 0.08 29.74
CA LEU D 315 19.03 -0.32 28.51
C LEU D 315 18.38 0.00 27.17
N TYR D 316 17.10 -0.35 27.03
CA TYR D 316 16.41 -0.16 25.76
C TYR D 316 15.18 0.75 25.75
N GLU D 317 15.11 1.68 26.68
CA GLU D 317 13.99 2.61 26.72
C GLU D 317 14.49 3.98 27.13
N CYS D 318 15.10 4.06 28.32
CA CYS D 318 15.63 5.30 28.85
C CYS D 318 16.88 5.79 28.12
N ASN D 319 17.85 4.90 27.97
CA ASN D 319 19.10 5.28 27.32
C ASN D 319 18.95 5.77 25.88
N PRO D 320 18.22 5.02 25.04
CA PRO D 320 18.10 5.53 23.68
C PRO D 320 17.46 6.93 23.66
N MET D 321 16.38 7.10 24.40
CA MET D 321 15.69 8.39 24.45
C MET D 321 16.56 9.51 25.05
N ALA D 322 17.32 9.19 26.09
CA ALA D 322 18.18 10.18 26.71
C ALA D 322 19.18 10.66 25.66
N TYR D 323 19.81 9.70 25.00
CA TYR D 323 20.79 9.97 23.98
C TYR D 323 20.19 10.82 22.87
N VAL D 324 18.99 10.49 22.42
CA VAL D 324 18.36 11.29 21.38
C VAL D 324 18.14 12.71 21.89
N MET D 325 17.55 12.81 23.08
CA MET D 325 17.29 14.11 23.72
C MET D 325 18.58 14.94 23.79
N GLU D 326 19.59 14.40 24.47
CA GLU D 326 20.85 15.10 24.60
C GLU D 326 21.43 15.50 23.27
N LYS D 327 21.30 14.67 22.24
CA LYS D 327 21.84 15.02 20.93
C LYS D 327 21.03 16.13 20.29
N ALA D 328 19.79 16.32 20.75
CA ALA D 328 18.94 17.37 20.20
C ALA D 328 18.98 18.63 21.04
N GLY D 329 19.84 18.62 22.06
CA GLY D 329 19.98 19.78 22.94
C GLY D 329 19.15 19.76 24.20
N GLY D 330 18.58 18.60 24.53
CA GLY D 330 17.78 18.48 25.73
C GLY D 330 18.56 17.81 26.85
N MET D 331 17.86 17.35 27.87
CA MET D 331 18.49 16.70 29.02
C MET D 331 17.71 15.47 29.46
N ALA D 332 18.41 14.54 30.07
CA ALA D 332 17.78 13.33 30.56
C ALA D 332 18.44 12.90 31.86
N THR D 333 17.76 13.18 32.98
CA THR D 333 18.28 12.85 34.30
C THR D 333 17.40 11.79 34.98
N THR D 334 17.95 11.13 35.97
CA THR D 334 17.20 10.11 36.73
C THR D 334 16.78 10.74 38.04
N GLY D 335 17.12 12.03 38.18
CA GLY D 335 16.82 12.76 39.39
C GLY D 335 18.14 13.06 40.06
N LYS D 336 18.94 12.02 40.27
CA LYS D 336 20.25 12.15 40.89
C LYS D 336 21.34 12.42 39.88
N GLU D 337 21.37 11.62 38.80
CA GLU D 337 22.38 11.77 37.76
C GLU D 337 21.80 11.66 36.35
N ALA D 338 22.64 11.95 35.36
CA ALA D 338 22.23 11.86 33.96
C ALA D 338 22.01 10.39 33.58
N VAL D 339 20.93 10.12 32.87
CA VAL D 339 20.60 8.75 32.47
C VAL D 339 21.72 8.06 31.70
N LEU D 340 22.44 8.81 30.87
CA LEU D 340 23.51 8.21 30.08
C LEU D 340 24.74 7.85 30.90
N ASP D 341 24.78 8.32 32.15
CA ASP D 341 25.91 8.03 33.02
C ASP D 341 25.66 6.78 33.89
N VAL D 342 24.40 6.49 34.16
CA VAL D 342 24.04 5.32 34.96
C VAL D 342 24.75 4.10 34.40
N ILE D 343 25.22 3.21 35.27
CA ILE D 343 25.89 2.01 34.80
C ILE D 343 25.14 0.70 35.09
N PRO D 344 24.69 0.05 34.02
CA PRO D 344 23.94 -1.21 33.96
C PRO D 344 24.48 -2.35 34.84
N THR D 345 23.55 -3.01 35.53
CA THR D 345 23.89 -4.13 36.41
C THR D 345 23.18 -5.33 35.80
N ASP D 346 21.88 -5.16 35.56
CA ASP D 346 21.06 -6.18 34.95
C ASP D 346 20.66 -5.56 33.61
N ILE D 347 20.30 -6.37 32.62
CA ILE D 347 19.89 -5.82 31.33
C ILE D 347 18.46 -5.26 31.38
N HIS D 348 17.60 -5.89 32.17
CA HIS D 348 16.22 -5.44 32.30
C HIS D 348 16.06 -4.44 33.45
N GLN D 349 17.20 -3.93 33.90
CA GLN D 349 17.26 -2.95 34.96
C GLN D 349 16.37 -1.74 34.65
N ARG D 350 15.69 -1.21 35.66
CA ARG D 350 14.82 -0.06 35.48
C ARG D 350 15.48 1.25 35.88
N ALA D 351 14.82 2.36 35.55
CA ALA D 351 15.35 3.70 35.85
C ALA D 351 14.28 4.78 35.81
N PRO D 352 14.46 5.82 36.63
CA PRO D 352 13.54 6.95 36.70
C PRO D 352 13.97 7.87 35.59
N VAL D 353 13.03 8.53 34.94
CA VAL D 353 13.39 9.42 33.85
C VAL D 353 12.60 10.70 33.84
N ILE D 354 13.31 11.80 33.58
CA ILE D 354 12.72 13.12 33.46
C ILE D 354 13.53 13.65 32.29
N LEU D 355 12.89 13.97 31.18
CA LEU D 355 13.62 14.47 30.03
C LEU D 355 12.86 15.50 29.21
N GLY D 356 13.57 16.14 28.29
CA GLY D 356 12.92 17.13 27.45
C GLY D 356 13.72 18.41 27.31
N SER D 357 13.03 19.54 27.21
CA SER D 357 13.68 20.85 27.08
C SER D 357 14.57 21.11 28.30
N PRO D 358 15.76 21.66 28.07
CA PRO D 358 16.74 21.99 29.10
C PRO D 358 16.12 22.69 30.31
N ASP D 359 15.72 23.94 30.10
CA ASP D 359 15.12 24.75 31.15
C ASP D 359 14.14 23.98 32.01
N ASP D 360 13.24 23.25 31.38
CA ASP D 360 12.26 22.48 32.11
C ASP D 360 12.89 21.38 32.97
N VAL D 361 13.86 20.68 32.42
CA VAL D 361 14.51 19.63 33.18
C VAL D 361 15.29 20.25 34.32
N LEU D 362 15.96 21.36 34.03
CA LEU D 362 16.73 22.09 35.03
C LEU D 362 15.79 22.62 36.11
N GLU D 363 14.73 23.28 35.69
CA GLU D 363 13.75 23.83 36.61
C GLU D 363 13.25 22.69 37.48
N PHE D 364 13.36 21.44 37.01
CA PHE D 364 12.92 20.30 37.80
C PHE D 364 13.97 20.05 38.85
N LEU D 365 15.16 19.74 38.38
CA LEU D 365 16.28 19.47 39.26
C LEU D 365 16.37 20.55 40.34
N LYS D 366 16.04 21.78 39.98
CA LYS D 366 16.04 22.90 40.92
C LYS D 366 15.20 22.43 42.12
N VAL D 367 13.96 22.06 41.83
CA VAL D 367 13.04 21.59 42.86
C VAL D 367 13.53 20.30 43.50
N TYR D 368 14.19 19.47 42.71
CA TYR D 368 14.68 18.20 43.23
C TYR D 368 15.66 18.39 44.38
N GLU D 369 16.58 19.33 44.22
CA GLU D 369 17.55 19.60 45.26
C GLU D 369 16.82 20.10 46.51
N LYS D 370 15.92 21.05 46.31
CA LYS D 370 15.14 21.63 47.40
C LYS D 370 14.60 20.55 48.34
N HIS D 371 14.60 19.30 47.88
CA HIS D 371 14.14 18.19 48.71
C HIS D 371 15.23 17.13 48.85
N SER D 372 16.42 17.48 49.00
MG MG E . 11.43 2.34 -25.21
C A37 F . 31.00 -4.04 -6.10
C2 A37 F . 29.57 -4.31 -6.18
C3 A37 F . 28.68 -3.29 -5.82
C4 A37 F . 29.16 -1.99 -5.35
C5 A37 F . 30.58 -1.75 -5.27
C6 A37 F . 31.49 -2.76 -5.64
S A37 F . 31.13 -0.17 -4.68
O A37 F . 29.90 0.65 -4.40
O9 A37 F . 32.11 0.42 -5.69
N A37 F . 31.99 -0.36 -3.22
C11 A37 F . 31.36 -0.40 -1.85
N12 A37 F . 30.00 -0.48 -1.58
C13 A37 F . 29.84 -0.50 -0.17
C14 A37 F . 28.71 -0.58 0.70
C15 A37 F . 28.93 -0.59 2.13
CL1 A37 F . 27.56 -0.68 3.20
C17 A37 F . 30.24 -0.51 2.68
C18 A37 F . 31.39 -0.44 1.81
C19 A37 F . 31.21 -0.44 0.40
O20 A37 F . 32.11 -0.37 -0.67
CL2 A37 F . 26.99 -3.59 -5.92
CL3 A37 F . 33.22 -2.51 -5.55
MG MG G . -7.99 -20.40 -16.95
C A37 H . -29.52 -3.41 -11.55
C2 A37 H . -28.09 -3.23 -11.58
C3 A37 H . -27.30 -3.61 -10.45
C4 A37 H . -27.92 -4.19 -9.29
C5 A37 H . -29.37 -4.37 -9.27
C6 A37 H . -30.16 -3.98 -10.43
S A37 H . -30.15 -5.10 -7.78
O A37 H . -28.99 -5.38 -6.86
O9 A37 H . -31.01 -6.28 -8.17
N A37 H . -31.17 -3.96 -7.09
C11 A37 H . -30.71 -2.90 -6.11
N12 A37 H . -29.40 -2.55 -5.81
C13 A37 H . -29.42 -1.49 -4.86
C14 A37 H . -28.43 -0.71 -4.17
C15 A37 H . -28.85 0.31 -3.23
CL1 A37 H . -27.68 1.25 -2.39
C17 A37 H . -30.24 0.56 -2.97
C18 A37 H . -31.24 -0.22 -3.66
C19 A37 H . -30.86 -1.23 -4.58
O20 A37 H . -31.60 -2.11 -5.37
CL2 A37 H . -25.59 -3.38 -10.52
CL3 A37 H . -31.89 -4.18 -10.46
MG MG I . -11.76 19.52 15.79
C A37 J . -31.00 1.01 7.34
C2 A37 J . -29.58 0.98 7.57
C3 A37 J . -28.69 1.46 6.58
C4 A37 J . -29.19 1.99 5.34
C5 A37 J . -30.63 2.03 5.10
C6 A37 J . -31.52 1.53 6.11
S A37 J . -31.24 2.72 3.50
O A37 J . -29.99 3.17 2.75
O9 A37 J . -32.28 3.78 3.82
N A37 J . -32.06 1.51 2.64
C11 A37 J . -31.39 0.53 1.70
N12 A37 J . -30.01 0.34 1.52
C13 A37 J . -29.82 -0.72 0.57
C14 A37 J . -28.68 -1.35 -0.01
C15 A37 J . -28.89 -2.44 -0.96
CL1 A37 J . -27.53 -3.26 -1.64
C17 A37 J . -30.19 -2.86 -1.34
C18 A37 J . -31.33 -2.19 -0.76
C19 A37 J . -31.17 -1.14 0.19
O20 A37 J . -32.08 -0.37 0.89
CL2 A37 J . -26.98 1.40 6.87
CL3 A37 J . -33.24 1.55 5.88
MG MG K . 8.22 -1.50 26.51
C A37 L . 29.49 6.61 10.14
C2 A37 L . 28.05 6.74 10.07
C3 A37 L . 27.30 5.64 9.60
C4 A37 L . 27.95 4.41 9.21
C5 A37 L . 29.40 4.31 9.29
C6 A37 L . 30.14 5.39 9.75
S A37 L . 30.17 2.76 8.78
O A37 L . 29.05 1.80 8.36
O9 A37 L . 31.11 2.32 9.93
N A37 L . 31.18 3.01 7.46
C11 A37 L . 30.70 3.00 6.04
N12 A37 L . 29.38 2.94 5.60
C13 A37 L . 29.39 2.96 4.18
C14 A37 L . 28.39 2.94 3.14
C15 A37 L . 28.81 3.01 1.73
CL1 A37 L . 27.64 3.00 0.47
C17 A37 L . 30.19 3.09 1.37
C18 A37 L . 31.20 3.10 2.40
C19 A37 L . 30.83 3.05 3.79
O20 A37 L . 31.59 3.06 4.96
CL2 A37 L . 25.56 5.80 9.49
CL3 A37 L . 31.87 5.30 9.87
#